data_6KSW
#
_entry.id   6KSW
#
_cell.length_a   1.00
_cell.length_b   1.00
_cell.length_c   1.00
_cell.angle_alpha   90.00
_cell.angle_beta   90.00
_cell.angle_gamma   90.00
#
_symmetry.space_group_name_H-M   'P 1'
#
_entity_poly.entity_id   1
_entity_poly.type   'polypeptide(L)'
_entity_poly.pdbx_seq_one_letter_code
;MEDDDEEMQQKGCLERRYDTVCGFCRKHKTTLRHIIWGILLAGYLVMVISACVLNFHRALPLFVITVAAIFFVVWDHLMA
KYEHRIDEMLSPGRRLLNSHWFWLKWVIWSSLVLAVIFWLAFDTAKLGQQQLVSFGGLIMYIVLLFLFSKYPTRVYWRPV
LWGIGLQFLLGLLILRTDPGFIAFDWLGRQVQTFLEYTDAGASFVFGEKYKDHFFAFKVLPIVVFFSTVMSMLYYLGLMQ
WIIRKVGWIMLVTTGSSPIESVVASGNIFVGQTESPLLVRPYLPYITKSELHAIMTAGFSTIAGSVLGAYISFGVPSSHL
LTASVMSAPASLAAAKLFWPETEKPKITLKNAMKMESGDSGNLLEAATQGASSSISLVANIAVNLIAFLALLSFMNSALS
WFGNMFDYPQLSFELICSYIFMPFSFMMGVEWQDSFMVARLIGYKTFFNEFVAYEHLSKWIHLRKEGGPKFVNGVQQYIS
IRSEIIATYALCGFANIGSLGIVIGGLTSMAPSRKRDIASGAVRALIAGTVACFMTACIAGILSSTPVDINCHHVLENAF
NSTFPGNTTKVIACCQSLLSSTVAKGPGEVIPGGNHSLYSLKGCCTLLNPSTFNCNGISNTFLEWSHPQFEK
;
_entity_poly.pdbx_strand_id   C,A,B
#
# COMPACT_ATOMS: atom_id res chain seq x y z
N THR A 31 -35.55 -19.05 19.46
CA THR A 31 -36.68 -19.92 19.17
C THR A 31 -37.63 -19.25 18.19
N LEU A 32 -37.42 -17.97 17.96
CA LEU A 32 -38.29 -17.19 17.09
C LEU A 32 -37.69 -16.93 15.72
N ARG A 33 -36.36 -16.90 15.63
CA ARG A 33 -35.68 -16.54 14.38
C ARG A 33 -35.77 -17.66 13.35
N HIS A 34 -35.71 -18.91 13.79
CA HIS A 34 -35.66 -20.04 12.87
C HIS A 34 -36.98 -20.28 12.15
N ILE A 35 -38.07 -19.64 12.57
CA ILE A 35 -39.30 -19.69 11.80
C ILE A 35 -39.15 -18.86 10.53
N ILE A 36 -38.46 -17.72 10.62
CA ILE A 36 -38.22 -16.88 9.46
C ILE A 36 -37.19 -17.52 8.54
N TRP A 37 -36.05 -17.92 9.10
CA TRP A 37 -34.96 -18.45 8.29
C TRP A 37 -35.27 -19.85 7.79
N GLY A 38 -36.10 -20.60 8.52
CA GLY A 38 -36.40 -21.96 8.11
C GLY A 38 -37.33 -22.03 6.92
N ILE A 39 -38.47 -21.32 7.01
CA ILE A 39 -39.48 -21.37 5.95
C ILE A 39 -38.98 -20.65 4.70
N LEU A 40 -38.10 -19.66 4.86
CA LEU A 40 -37.45 -19.05 3.71
C LEU A 40 -36.54 -20.06 3.00
N LEU A 41 -35.74 -20.80 3.76
CA LEU A 41 -34.95 -21.88 3.15
C LEU A 41 -35.84 -23.06 2.77
N ALA A 42 -36.99 -23.23 3.42
CA ALA A 42 -37.96 -24.18 2.92
C ALA A 42 -38.70 -23.64 1.71
N GLY A 43 -38.84 -22.31 1.62
CA GLY A 43 -39.30 -21.70 0.39
C GLY A 43 -38.28 -21.81 -0.72
N TYR A 44 -37.01 -21.94 -0.36
CA TYR A 44 -35.99 -22.24 -1.36
C TYR A 44 -36.14 -23.66 -1.88
N LEU A 45 -36.53 -24.59 -1.01
CA LEU A 45 -36.78 -25.96 -1.44
C LEU A 45 -38.00 -26.04 -2.34
N VAL A 46 -38.95 -25.13 -2.15
CA VAL A 46 -40.02 -24.95 -3.13
C VAL A 46 -39.44 -24.46 -4.44
N MET A 47 -38.48 -23.53 -4.37
CA MET A 47 -37.92 -22.93 -5.57
C MET A 47 -37.02 -23.92 -6.31
N VAL A 48 -36.43 -24.87 -5.57
CA VAL A 48 -35.67 -25.94 -6.21
C VAL A 48 -36.59 -26.86 -7.00
N ILE A 49 -37.63 -27.38 -6.33
CA ILE A 49 -38.51 -28.36 -6.96
C ILE A 49 -39.43 -27.72 -7.99
N SER A 50 -39.58 -26.39 -7.97
CA SER A 50 -40.34 -25.71 -9.00
C SER A 50 -39.62 -25.82 -10.34
N ALA A 51 -38.38 -25.36 -10.38
CA ALA A 51 -37.57 -25.44 -11.60
C ALA A 51 -37.02 -26.84 -11.85
N CYS A 52 -37.23 -27.78 -10.94
CA CYS A 52 -36.79 -29.14 -11.19
C CYS A 52 -37.77 -29.87 -12.11
N VAL A 53 -39.06 -29.52 -12.02
CA VAL A 53 -40.07 -30.21 -12.82
C VAL A 53 -39.97 -29.81 -14.28
N LEU A 54 -40.13 -28.52 -14.57
CA LEU A 54 -39.97 -28.06 -15.93
C LEU A 54 -38.51 -27.76 -16.21
N ASN A 55 -38.02 -28.27 -17.35
CA ASN A 55 -36.66 -28.05 -17.87
C ASN A 55 -35.60 -28.50 -16.87
N PHE A 56 -35.56 -29.82 -16.68
CA PHE A 56 -34.63 -30.42 -15.74
C PHE A 56 -33.19 -30.41 -16.26
N HIS A 57 -32.99 -30.38 -17.58
CA HIS A 57 -31.65 -30.45 -18.13
C HIS A 57 -30.85 -29.18 -17.86
N ARG A 58 -31.50 -28.01 -17.86
CA ARG A 58 -30.85 -26.81 -17.40
C ARG A 58 -30.82 -26.71 -15.88
N ALA A 59 -31.57 -27.57 -15.19
CA ALA A 59 -31.68 -27.52 -13.74
C ALA A 59 -30.66 -28.41 -13.04
N LEU A 60 -29.71 -28.96 -13.79
CA LEU A 60 -28.79 -29.94 -13.20
C LEU A 60 -27.86 -29.41 -12.11
N PRO A 61 -27.19 -28.24 -12.22
CA PRO A 61 -26.34 -27.83 -11.09
C PRO A 61 -27.12 -27.49 -9.84
N LEU A 62 -28.33 -26.96 -9.98
CA LEU A 62 -29.12 -26.67 -8.80
C LEU A 62 -29.75 -27.94 -8.23
N PHE A 63 -29.97 -28.95 -9.06
CA PHE A 63 -30.49 -30.21 -8.54
C PHE A 63 -29.42 -30.96 -7.76
N VAL A 64 -28.18 -30.92 -8.23
CA VAL A 64 -27.11 -31.68 -7.59
C VAL A 64 -26.71 -31.05 -6.26
N ILE A 65 -26.58 -29.72 -6.23
CA ILE A 65 -26.05 -29.04 -5.05
C ILE A 65 -27.06 -29.08 -3.91
N THR A 66 -28.32 -28.72 -4.18
CA THR A 66 -29.28 -28.57 -3.10
C THR A 66 -29.73 -29.91 -2.53
N VAL A 67 -29.69 -30.98 -3.32
CA VAL A 67 -29.87 -32.30 -2.76
C VAL A 67 -28.70 -32.64 -1.85
N ALA A 68 -27.48 -32.36 -2.31
CA ALA A 68 -26.31 -32.57 -1.47
C ALA A 68 -26.28 -31.59 -0.31
N ALA A 69 -26.84 -30.39 -0.49
CA ALA A 69 -26.92 -29.45 0.62
C ALA A 69 -27.88 -29.93 1.70
N ILE A 70 -28.95 -30.62 1.31
CA ILE A 70 -29.75 -31.33 2.29
C ILE A 70 -28.96 -32.50 2.86
N PHE A 71 -28.20 -33.19 2.00
CA PHE A 71 -27.55 -34.43 2.39
C PHE A 71 -26.42 -34.19 3.37
N PHE A 72 -25.62 -33.15 3.17
CA PHE A 72 -24.51 -32.94 4.08
C PHE A 72 -24.93 -32.34 5.41
N VAL A 73 -26.07 -31.64 5.46
CA VAL A 73 -26.60 -31.23 6.74
C VAL A 73 -27.11 -32.45 7.51
N VAL A 74 -27.76 -33.37 6.80
CA VAL A 74 -28.20 -34.63 7.41
C VAL A 74 -27.00 -35.45 7.86
N TRP A 75 -25.93 -35.46 7.05
CA TRP A 75 -24.74 -36.22 7.45
C TRP A 75 -23.96 -35.50 8.55
N ASP A 76 -24.30 -34.25 8.85
CA ASP A 76 -23.67 -33.55 9.96
C ASP A 76 -24.58 -33.39 11.16
N HIS A 77 -25.90 -33.28 10.96
CA HIS A 77 -26.80 -33.27 12.09
C HIS A 77 -26.88 -34.64 12.73
N LEU A 78 -26.73 -35.70 11.94
CA LEU A 78 -26.66 -37.04 12.49
C LEU A 78 -25.25 -37.43 12.87
N MET A 79 -24.27 -36.57 12.58
CA MET A 79 -22.91 -36.82 13.07
C MET A 79 -22.83 -36.61 14.57
N ALA A 80 -23.53 -35.59 15.08
CA ALA A 80 -23.51 -35.31 16.51
C ALA A 80 -24.62 -36.06 17.24
N LYS A 81 -25.78 -36.22 16.61
CA LYS A 81 -26.90 -36.89 17.26
C LYS A 81 -26.64 -38.39 17.41
N TYR A 82 -26.14 -39.02 16.35
CA TYR A 82 -25.77 -40.42 16.40
C TYR A 82 -24.29 -40.61 16.72
N GLU A 83 -23.69 -39.66 17.44
CA GLU A 83 -22.30 -39.83 17.87
C GLU A 83 -22.16 -40.91 18.94
N HIS A 84 -23.24 -41.22 19.65
CA HIS A 84 -23.23 -42.35 20.58
C HIS A 84 -23.07 -43.67 19.83
N ARG A 85 -23.85 -43.84 18.76
CA ARG A 85 -23.73 -45.05 17.95
C ARG A 85 -22.48 -45.05 17.09
N ILE A 86 -21.82 -43.89 16.95
CA ILE A 86 -20.56 -43.83 16.22
C ILE A 86 -19.47 -44.58 16.95
N ASP A 87 -19.54 -44.61 18.28
CA ASP A 87 -18.64 -45.45 19.06
C ASP A 87 -19.24 -46.83 19.34
N GLU A 88 -20.56 -46.96 19.28
CA GLU A 88 -21.20 -48.23 19.60
C GLU A 88 -21.19 -49.19 18.43
N MET A 89 -21.23 -48.68 17.20
CA MET A 89 -21.24 -49.55 16.03
C MET A 89 -19.84 -49.80 15.47
N LEU A 90 -18.89 -48.90 15.74
CA LEU A 90 -17.53 -49.09 15.26
C LEU A 90 -16.72 -50.02 16.16
N SER A 91 -17.15 -50.20 17.40
CA SER A 91 -16.46 -51.06 18.37
C SER A 91 -16.50 -52.57 18.16
N PRO A 92 -17.60 -53.25 17.75
CA PRO A 92 -17.53 -54.72 17.68
C PRO A 92 -16.69 -55.24 16.54
N GLY A 93 -16.46 -54.44 15.50
CA GLY A 93 -15.57 -54.86 14.44
C GLY A 93 -14.12 -54.55 14.77
N ARG A 94 -13.90 -53.40 15.44
CA ARG A 94 -12.54 -52.95 15.72
C ARG A 94 -11.86 -53.82 16.76
N ARG A 95 -12.62 -54.38 17.70
CA ARG A 95 -12.07 -55.39 18.59
C ARG A 95 -11.72 -56.65 17.81
N LEU A 96 -12.55 -57.03 16.84
CA LEU A 96 -12.21 -58.14 15.96
C LEU A 96 -11.11 -57.74 14.98
N LEU A 97 -11.04 -56.45 14.62
CA LEU A 97 -9.99 -56.01 13.72
C LEU A 97 -8.64 -56.02 14.39
N ASN A 98 -8.61 -55.72 15.69
CA ASN A 98 -7.35 -55.82 16.43
C ASN A 98 -6.91 -57.26 16.59
N SER A 99 -7.87 -58.18 16.76
CA SER A 99 -7.52 -59.59 16.86
C SER A 99 -7.12 -60.14 15.49
N HIS A 100 -7.77 -59.69 14.43
CA HIS A 100 -7.42 -60.11 13.09
C HIS A 100 -6.26 -59.32 12.51
N TRP A 101 -5.74 -58.32 13.23
CA TRP A 101 -4.56 -57.59 12.76
C TRP A 101 -3.31 -58.45 12.78
N PHE A 102 -3.31 -59.56 13.54
CA PHE A 102 -2.28 -60.58 13.39
C PHE A 102 -2.31 -61.18 11.99
N TRP A 103 -3.49 -61.27 11.39
CA TRP A 103 -3.64 -61.73 10.01
C TRP A 103 -3.71 -60.59 9.00
N LEU A 104 -4.38 -59.49 9.36
CA LEU A 104 -4.65 -58.43 8.38
C LEU A 104 -3.39 -57.66 8.02
N LYS A 105 -2.42 -57.56 8.94
CA LYS A 105 -1.19 -56.84 8.64
C LYS A 105 -0.30 -57.63 7.67
N TRP A 106 -0.53 -58.92 7.54
CA TRP A 106 0.15 -59.68 6.48
C TRP A 106 -0.66 -59.66 5.19
N VAL A 107 -1.92 -59.25 5.23
CA VAL A 107 -2.75 -59.24 4.03
C VAL A 107 -2.78 -57.87 3.41
N ILE A 108 -3.24 -56.87 4.17
CA ILE A 108 -3.49 -55.53 3.62
C ILE A 108 -2.19 -54.83 3.26
N TRP A 109 -1.11 -55.13 3.98
CA TRP A 109 0.21 -54.64 3.58
C TRP A 109 0.73 -55.37 2.37
N SER A 110 0.21 -56.55 2.07
CA SER A 110 0.63 -57.29 0.89
C SER A 110 -0.39 -57.22 -0.23
N SER A 111 -1.65 -56.90 0.07
CA SER A 111 -2.64 -56.78 -0.98
C SER A 111 -2.41 -55.53 -1.82
N LEU A 112 -1.92 -54.47 -1.20
CA LEU A 112 -1.69 -53.23 -1.94
C LEU A 112 -0.46 -53.34 -2.83
N VAL A 113 0.56 -54.06 -2.38
CA VAL A 113 1.76 -54.25 -3.18
C VAL A 113 1.45 -55.07 -4.41
N LEU A 114 0.60 -56.10 -4.27
CA LEU A 114 0.12 -56.82 -5.43
C LEU A 114 -0.79 -55.95 -6.28
N ALA A 115 -1.48 -55.00 -5.66
CA ALA A 115 -2.32 -54.08 -6.43
C ALA A 115 -1.47 -53.09 -7.22
N VAL A 116 -0.32 -52.69 -6.67
CA VAL A 116 0.54 -51.76 -7.39
C VAL A 116 1.22 -52.44 -8.56
N ILE A 117 1.81 -53.61 -8.33
CA ILE A 117 2.61 -54.28 -9.34
C ILE A 117 1.75 -54.76 -10.50
N PHE A 118 0.52 -55.20 -10.19
CA PHE A 118 -0.43 -55.49 -11.26
C PHE A 118 -0.82 -54.23 -12.01
N TRP A 119 -0.86 -53.09 -11.31
CA TRP A 119 -1.20 -51.84 -11.99
C TRP A 119 0.01 -51.27 -12.71
N LEU A 120 1.22 -51.72 -12.36
CA LEU A 120 2.40 -51.35 -13.13
C LEU A 120 2.52 -52.18 -14.39
N ALA A 121 1.66 -53.19 -14.56
CA ALA A 121 1.54 -53.84 -15.85
C ALA A 121 0.61 -53.07 -16.77
N PHE A 122 -0.05 -52.03 -16.25
CA PHE A 122 -1.04 -51.32 -17.03
C PHE A 122 -0.86 -49.81 -16.97
N ASP A 123 0.36 -49.35 -16.68
CA ASP A 123 0.76 -48.00 -17.02
C ASP A 123 1.73 -48.01 -18.19
N THR A 124 2.36 -49.15 -18.46
CA THR A 124 3.33 -49.26 -19.54
C THR A 124 2.68 -49.13 -20.90
N ALA A 125 1.40 -49.49 -21.00
CA ALA A 125 0.65 -49.30 -22.24
C ALA A 125 0.44 -47.83 -22.53
N LYS A 126 0.44 -46.98 -21.50
CA LYS A 126 0.33 -45.54 -21.73
C LYS A 126 1.62 -44.99 -22.30
N LEU A 127 2.71 -45.07 -21.52
CA LEU A 127 4.03 -44.69 -22.02
C LEU A 127 5.06 -45.43 -21.18
N GLY A 128 5.72 -46.41 -21.78
CA GLY A 128 6.74 -47.14 -21.05
C GLY A 128 8.01 -46.35 -20.84
N GLN A 129 8.20 -45.26 -21.57
CA GLN A 129 9.47 -44.54 -21.52
C GLN A 129 9.59 -43.74 -20.23
N GLN A 130 8.69 -42.79 -20.01
CA GLN A 130 8.86 -41.85 -18.91
C GLN A 130 7.99 -42.15 -17.70
N GLN A 131 6.88 -42.88 -17.88
CA GLN A 131 5.96 -43.05 -16.75
C GLN A 131 6.48 -44.06 -15.75
N LEU A 132 7.37 -44.95 -16.17
CA LEU A 132 8.06 -45.81 -15.21
C LEU A 132 9.09 -45.03 -14.43
N VAL A 133 9.66 -43.99 -15.05
CA VAL A 133 10.66 -43.16 -14.39
C VAL A 133 9.99 -42.32 -13.31
N SER A 134 8.73 -41.93 -13.54
CA SER A 134 7.98 -41.19 -12.54
C SER A 134 7.72 -42.04 -11.31
N PHE A 135 7.30 -43.29 -11.51
CA PHE A 135 7.20 -44.20 -10.39
C PHE A 135 8.58 -44.55 -9.84
N GLY A 136 9.58 -44.59 -10.72
CA GLY A 136 10.95 -44.72 -10.26
C GLY A 136 11.42 -43.48 -9.51
N GLY A 137 10.80 -42.34 -9.79
CA GLY A 137 11.16 -41.13 -9.08
C GLY A 137 10.43 -40.97 -7.77
N LEU A 138 9.18 -41.43 -7.71
CA LEU A 138 8.38 -41.29 -6.50
C LEU A 138 9.00 -42.04 -5.34
N ILE A 139 9.55 -43.23 -5.61
CA ILE A 139 10.37 -43.91 -4.61
C ILE A 139 11.63 -43.11 -4.32
N MET A 140 12.23 -42.51 -5.35
CA MET A 140 13.49 -41.82 -5.15
C MET A 140 13.30 -40.53 -4.35
N TYR A 141 12.12 -39.90 -4.43
CA TYR A 141 11.88 -38.74 -3.59
C TYR A 141 11.66 -39.16 -2.14
N ILE A 142 11.07 -40.33 -1.92
CA ILE A 142 10.97 -40.87 -0.56
C ILE A 142 12.36 -41.13 0.00
N VAL A 143 13.23 -41.73 -0.82
CA VAL A 143 14.59 -42.03 -0.41
C VAL A 143 15.39 -40.75 -0.20
N LEU A 144 15.15 -39.72 -1.03
CA LEU A 144 15.81 -38.44 -0.83
C LEU A 144 15.36 -37.75 0.44
N LEU A 145 14.16 -38.07 0.93
CA LEU A 145 13.75 -37.52 2.21
C LEU A 145 14.13 -38.46 3.36
N PHE A 146 14.08 -39.78 3.14
CA PHE A 146 14.32 -40.72 4.22
C PHE A 146 15.79 -40.78 4.59
N LEU A 147 16.68 -40.72 3.61
CA LEU A 147 18.10 -40.69 3.92
C LEU A 147 18.50 -39.37 4.55
N PHE A 148 17.81 -38.29 4.21
CA PHE A 148 18.13 -36.98 4.74
C PHE A 148 17.11 -36.49 5.76
N SER A 149 16.24 -37.36 6.26
CA SER A 149 15.48 -36.99 7.44
C SER A 149 16.40 -37.00 8.64
N LYS A 150 16.02 -36.27 9.68
CA LYS A 150 16.87 -36.25 10.87
C LYS A 150 16.52 -37.37 11.83
N TYR A 151 15.30 -37.91 11.75
CA TYR A 151 14.87 -39.06 12.54
C TYR A 151 14.54 -40.19 11.58
N PRO A 152 15.53 -40.95 11.11
CA PRO A 152 15.21 -42.05 10.19
C PRO A 152 14.60 -43.25 10.89
N THR A 153 15.09 -43.58 12.09
CA THR A 153 14.57 -44.71 12.83
C THR A 153 13.26 -44.39 13.54
N ARG A 154 12.91 -43.11 13.67
CA ARG A 154 11.71 -42.70 14.36
C ARG A 154 10.54 -42.45 13.41
N VAL A 155 10.64 -42.92 12.18
CA VAL A 155 9.57 -42.72 11.20
C VAL A 155 8.38 -43.60 11.55
N TYR A 156 7.23 -42.98 11.76
CA TYR A 156 5.96 -43.69 11.85
C TYR A 156 5.37 -43.73 10.44
N TRP A 157 5.40 -44.91 9.82
CA TRP A 157 5.19 -45.01 8.38
C TRP A 157 3.71 -44.98 8.00
N ARG A 158 2.81 -44.88 8.96
CA ARG A 158 1.38 -44.93 8.62
C ARG A 158 0.90 -43.66 7.92
N PRO A 159 1.35 -42.44 8.23
CA PRO A 159 1.06 -41.34 7.30
C PRO A 159 1.79 -41.45 5.98
N VAL A 160 3.11 -41.69 6.01
CA VAL A 160 3.96 -41.35 4.89
C VAL A 160 3.81 -42.34 3.75
N LEU A 161 3.21 -43.49 4.02
CA LEU A 161 2.84 -44.41 2.95
C LEU A 161 1.42 -44.14 2.49
N TRP A 162 0.52 -43.88 3.44
CA TRP A 162 -0.86 -43.66 3.10
C TRP A 162 -1.07 -42.23 2.59
N GLY A 163 -0.16 -41.32 2.95
CA GLY A 163 -0.22 -39.98 2.37
C GLY A 163 0.10 -39.97 0.89
N ILE A 164 0.92 -40.93 0.45
CA ILE A 164 1.03 -41.17 -0.98
C ILE A 164 -0.14 -42.00 -1.46
N GLY A 165 -0.66 -42.87 -0.59
CA GLY A 165 -1.79 -43.70 -0.97
C GLY A 165 -3.08 -42.90 -1.08
N LEU A 166 -3.18 -41.79 -0.35
CA LEU A 166 -4.34 -40.92 -0.54
C LEU A 166 -4.30 -40.26 -1.90
N GLN A 167 -3.22 -39.51 -2.18
CA GLN A 167 -3.13 -38.72 -3.40
C GLN A 167 -3.07 -39.59 -4.65
N PHE A 168 -2.61 -40.83 -4.51
CA PHE A 168 -2.67 -41.73 -5.65
C PHE A 168 -4.09 -42.21 -5.88
N LEU A 169 -4.78 -42.60 -4.80
CA LEU A 169 -6.21 -42.89 -4.91
C LEU A 169 -7.00 -41.63 -5.20
N LEU A 170 -6.49 -40.48 -4.79
CA LEU A 170 -7.15 -39.23 -5.18
C LEU A 170 -6.83 -38.89 -6.62
N GLY A 171 -5.59 -39.14 -7.05
CA GLY A 171 -5.20 -38.78 -8.41
C GLY A 171 -5.75 -39.74 -9.45
N LEU A 172 -5.86 -41.02 -9.09
CA LEU A 172 -6.40 -41.99 -10.04
C LEU A 172 -7.89 -41.76 -10.25
N LEU A 173 -8.57 -41.21 -9.26
CA LEU A 173 -9.96 -40.85 -9.44
C LEU A 173 -10.10 -39.64 -10.35
N ILE A 174 -9.24 -38.63 -10.18
CA ILE A 174 -9.55 -37.36 -10.84
C ILE A 174 -8.58 -37.03 -11.96
N LEU A 175 -7.64 -37.92 -12.26
CA LEU A 175 -6.94 -37.87 -13.54
C LEU A 175 -7.32 -39.02 -14.45
N ARG A 176 -7.31 -40.25 -13.93
CA ARG A 176 -7.44 -41.42 -14.78
C ARG A 176 -8.90 -41.70 -15.13
N THR A 177 -9.78 -41.71 -14.14
CA THR A 177 -11.17 -42.09 -14.40
C THR A 177 -11.92 -40.95 -15.07
N ASP A 178 -12.90 -41.32 -15.90
CA ASP A 178 -13.61 -40.33 -16.71
C ASP A 178 -14.60 -39.47 -15.94
N PRO A 179 -15.42 -39.95 -14.98
CA PRO A 179 -16.24 -38.98 -14.21
C PRO A 179 -15.43 -38.07 -13.32
N GLY A 180 -14.26 -38.50 -12.86
CA GLY A 180 -13.40 -37.60 -12.11
C GLY A 180 -12.77 -36.54 -12.99
N PHE A 181 -12.57 -36.85 -14.28
CA PHE A 181 -12.08 -35.84 -15.21
C PHE A 181 -13.17 -34.85 -15.56
N ILE A 182 -14.43 -35.30 -15.61
CA ILE A 182 -15.54 -34.40 -15.91
C ILE A 182 -15.73 -33.40 -14.79
N ALA A 183 -15.50 -33.83 -13.55
CA ALA A 183 -15.72 -32.96 -12.38
C ALA A 183 -14.70 -31.84 -12.33
N PHE A 184 -13.41 -32.17 -12.28
CA PHE A 184 -12.40 -31.14 -12.08
C PHE A 184 -12.14 -30.32 -13.34
N ASP A 185 -12.60 -30.80 -14.50
CA ASP A 185 -12.64 -29.91 -15.65
C ASP A 185 -13.74 -28.87 -15.47
N TRP A 186 -14.95 -29.33 -15.12
CA TRP A 186 -16.05 -28.41 -14.89
C TRP A 186 -15.79 -27.53 -13.68
N LEU A 187 -15.23 -28.10 -12.61
CA LEU A 187 -14.85 -27.27 -11.47
C LEU A 187 -13.68 -26.38 -11.83
N GLY A 188 -12.86 -26.79 -12.80
CA GLY A 188 -11.84 -25.91 -13.32
C GLY A 188 -12.41 -24.83 -14.21
N ARG A 189 -13.40 -25.18 -15.03
CA ARG A 189 -13.89 -24.23 -16.03
C ARG A 189 -14.81 -23.20 -15.39
N GLN A 190 -15.44 -23.54 -14.27
CA GLN A 190 -16.30 -22.55 -13.62
C GLN A 190 -15.47 -21.60 -12.77
N VAL A 191 -14.23 -21.97 -12.44
CA VAL A 191 -13.31 -20.97 -11.92
C VAL A 191 -12.94 -19.99 -13.02
N GLN A 192 -12.77 -20.50 -14.25
CA GLN A 192 -12.45 -19.66 -15.40
C GLN A 192 -13.57 -18.66 -15.71
N THR A 193 -14.80 -18.93 -15.26
CA THR A 193 -15.85 -17.93 -15.35
C THR A 193 -15.67 -16.84 -14.30
N PHE A 194 -15.02 -17.15 -13.17
CA PHE A 194 -14.76 -16.09 -12.19
C PHE A 194 -13.64 -15.18 -12.67
N LEU A 195 -12.80 -15.69 -13.58
CA LEU A 195 -11.80 -14.87 -14.23
C LEU A 195 -12.45 -13.80 -15.10
N GLU A 196 -13.67 -14.05 -15.58
CA GLU A 196 -14.39 -13.04 -16.34
C GLU A 196 -15.15 -12.08 -15.45
N TYR A 197 -15.52 -12.54 -14.24
CA TYR A 197 -16.39 -11.70 -13.40
C TYR A 197 -15.64 -10.52 -12.84
N THR A 198 -14.31 -10.60 -12.79
CA THR A 198 -13.51 -9.48 -12.33
C THR A 198 -13.34 -8.43 -13.42
N ASP A 199 -13.83 -8.71 -14.63
CA ASP A 199 -13.70 -7.73 -15.70
C ASP A 199 -14.84 -6.72 -15.67
N ALA A 200 -15.70 -6.80 -14.66
CA ALA A 200 -16.53 -5.66 -14.35
C ALA A 200 -15.78 -4.70 -13.43
N GLY A 201 -14.99 -5.24 -12.52
CA GLY A 201 -14.26 -4.41 -11.60
C GLY A 201 -12.99 -3.84 -12.19
N ALA A 202 -12.20 -4.70 -12.85
CA ALA A 202 -10.93 -4.24 -13.39
C ALA A 202 -11.12 -3.35 -14.61
N SER A 203 -12.27 -3.46 -15.28
CA SER A 203 -12.56 -2.52 -16.36
C SER A 203 -13.08 -1.21 -15.83
N PHE A 204 -13.38 -1.14 -14.54
CA PHE A 204 -13.91 0.08 -13.98
C PHE A 204 -12.86 0.86 -13.21
N VAL A 205 -12.14 0.18 -12.32
CA VAL A 205 -11.09 0.84 -11.56
C VAL A 205 -9.95 1.21 -12.48
N PHE A 206 -9.78 0.46 -13.56
CA PHE A 206 -8.65 0.68 -14.44
C PHE A 206 -9.07 0.95 -15.88
N GLY A 207 -10.32 1.34 -16.10
CA GLY A 207 -10.75 1.77 -17.42
C GLY A 207 -10.89 0.63 -18.40
N GLU A 208 -11.38 0.98 -19.60
CA GLU A 208 -11.54 0.00 -20.67
C GLU A 208 -10.20 -0.41 -21.26
N LYS A 209 -9.13 0.34 -20.98
CA LYS A 209 -7.81 0.03 -21.46
C LYS A 209 -7.07 -0.93 -20.54
N TYR A 210 -7.78 -1.66 -19.67
CA TYR A 210 -7.14 -2.54 -18.70
C TYR A 210 -6.46 -3.74 -19.34
N LYS A 211 -6.76 -4.04 -20.60
CA LYS A 211 -6.02 -5.06 -21.31
C LYS A 211 -4.58 -4.65 -21.55
N ASP A 212 -4.33 -3.34 -21.64
CA ASP A 212 -2.98 -2.84 -21.54
C ASP A 212 -2.50 -3.02 -20.11
N HIS A 213 -1.19 -3.25 -19.95
CA HIS A 213 -0.54 -3.53 -18.67
C HIS A 213 -1.18 -4.75 -18.01
N PHE A 214 -1.05 -5.91 -18.65
CA PHE A 214 -2.01 -6.99 -18.44
C PHE A 214 -1.86 -7.63 -17.07
N PHE A 215 -0.68 -7.58 -16.46
CA PHE A 215 -0.53 -8.25 -15.17
C PHE A 215 -1.16 -7.44 -14.05
N ALA A 216 -0.80 -6.17 -13.92
CA ALA A 216 -1.20 -5.42 -12.73
C ALA A 216 -2.64 -4.96 -12.81
N PHE A 217 -3.27 -5.13 -13.97
CA PHE A 217 -4.53 -4.46 -14.22
C PHE A 217 -5.63 -5.46 -14.51
N LYS A 218 -5.25 -6.66 -14.95
CA LYS A 218 -6.14 -7.80 -15.03
C LYS A 218 -5.85 -8.83 -13.95
N VAL A 219 -4.59 -9.27 -13.83
CA VAL A 219 -4.28 -10.43 -13.00
C VAL A 219 -4.30 -10.07 -11.53
N LEU A 220 -3.73 -8.93 -11.17
CA LEU A 220 -3.80 -8.52 -9.76
C LEU A 220 -5.19 -8.15 -9.26
N PRO A 221 -6.15 -7.68 -10.07
CA PRO A 221 -7.54 -7.69 -9.58
C PRO A 221 -8.12 -9.07 -9.32
N ILE A 222 -7.65 -10.10 -10.02
CA ILE A 222 -8.12 -11.46 -9.75
C ILE A 222 -7.66 -11.91 -8.39
N VAL A 223 -6.48 -11.47 -7.97
CA VAL A 223 -6.00 -11.74 -6.62
C VAL A 223 -6.86 -11.02 -5.60
N VAL A 224 -7.31 -9.81 -5.95
CA VAL A 224 -8.23 -9.08 -5.07
C VAL A 224 -9.58 -9.76 -5.02
N PHE A 225 -10.12 -10.14 -6.19
CA PHE A 225 -11.44 -10.74 -6.21
C PHE A 225 -11.44 -12.14 -5.63
N PHE A 226 -10.32 -12.85 -5.69
CA PHE A 226 -10.36 -14.15 -5.03
C PHE A 226 -10.07 -14.02 -3.55
N SER A 227 -9.38 -12.95 -3.13
CA SER A 227 -9.22 -12.75 -1.69
C SER A 227 -10.51 -12.25 -1.07
N THR A 228 -11.41 -11.70 -1.86
CA THR A 228 -12.68 -11.27 -1.29
C THR A 228 -13.73 -12.37 -1.39
N VAL A 229 -13.50 -13.37 -2.23
CA VAL A 229 -14.38 -14.53 -2.25
C VAL A 229 -13.97 -15.50 -1.16
N MET A 230 -12.67 -15.67 -0.94
CA MET A 230 -12.17 -16.58 0.08
C MET A 230 -12.59 -16.15 1.48
N SER A 231 -12.73 -14.85 1.72
CA SER A 231 -13.14 -14.43 3.05
C SER A 231 -14.63 -14.53 3.23
N MET A 232 -15.40 -14.36 2.15
CA MET A 232 -16.83 -14.61 2.23
C MET A 232 -17.12 -16.09 2.46
N LEU A 233 -16.35 -16.96 1.83
CA LEU A 233 -16.54 -18.39 2.04
C LEU A 233 -16.02 -18.81 3.41
N TYR A 234 -15.07 -18.05 3.95
CA TYR A 234 -14.63 -18.31 5.31
C TYR A 234 -15.63 -17.78 6.33
N TYR A 235 -16.30 -16.68 6.01
CA TYR A 235 -17.33 -16.16 6.89
C TYR A 235 -18.56 -17.03 6.89
N LEU A 236 -18.97 -17.50 5.72
CA LEU A 236 -20.15 -18.36 5.62
C LEU A 236 -19.92 -19.76 6.15
N GLY A 237 -18.70 -20.09 6.60
CA GLY A 237 -18.41 -21.40 7.09
C GLY A 237 -18.09 -22.42 6.03
N LEU A 238 -18.37 -22.11 4.76
CA LEU A 238 -18.15 -23.06 3.67
C LEU A 238 -16.67 -23.36 3.50
N MET A 239 -15.80 -22.40 3.80
CA MET A 239 -14.39 -22.68 3.72
C MET A 239 -13.93 -23.44 4.96
N GLN A 240 -14.57 -23.17 6.10
CA GLN A 240 -14.28 -23.94 7.30
C GLN A 240 -14.87 -25.33 7.21
N TRP A 241 -15.89 -25.51 6.36
CA TRP A 241 -16.57 -26.80 6.32
C TRP A 241 -15.79 -27.81 5.50
N ILE A 242 -15.26 -27.40 4.34
CA ILE A 242 -14.52 -28.32 3.49
C ILE A 242 -13.23 -28.75 4.18
N ILE A 243 -12.61 -27.82 4.93
CA ILE A 243 -11.41 -28.13 5.68
C ILE A 243 -11.71 -29.15 6.78
N ARG A 244 -12.88 -29.07 7.40
CA ARG A 244 -13.23 -30.07 8.40
C ARG A 244 -13.64 -31.39 7.77
N LYS A 245 -13.98 -31.38 6.48
CA LYS A 245 -14.33 -32.65 5.84
C LYS A 245 -13.12 -33.27 5.14
N VAL A 246 -12.35 -32.46 4.41
CA VAL A 246 -11.11 -32.97 3.81
C VAL A 246 -10.10 -33.30 4.90
N GLY A 247 -10.10 -32.52 5.98
CA GLY A 247 -9.17 -32.78 7.07
C GLY A 247 -9.47 -34.07 7.80
N TRP A 248 -10.73 -34.29 8.17
CA TRP A 248 -11.08 -35.48 8.94
C TRP A 248 -10.92 -36.75 8.13
N ILE A 249 -11.18 -36.68 6.82
CA ILE A 249 -10.84 -37.79 5.94
C ILE A 249 -9.34 -38.01 5.92
N MET A 250 -8.58 -36.93 5.88
CA MET A 250 -7.14 -37.06 5.87
C MET A 250 -6.60 -37.32 7.28
N LEU A 251 -7.40 -37.06 8.31
CA LEU A 251 -6.92 -37.28 9.67
C LEU A 251 -6.88 -38.75 10.01
N VAL A 252 -8.03 -39.42 9.98
CA VAL A 252 -8.16 -40.78 10.49
C VAL A 252 -7.39 -41.74 9.61
N THR A 253 -7.33 -41.45 8.31
CA THR A 253 -6.62 -42.31 7.39
C THR A 253 -5.10 -42.18 7.54
N THR A 254 -4.62 -41.03 8.02
CA THR A 254 -3.19 -40.89 8.23
C THR A 254 -2.81 -40.95 9.71
N GLY A 255 -3.74 -40.61 10.59
CA GLY A 255 -3.43 -40.67 12.01
C GLY A 255 -2.50 -39.60 12.50
N SER A 256 -2.43 -38.47 11.81
CA SER A 256 -1.58 -37.38 12.26
C SER A 256 -2.26 -36.63 13.40
N SER A 257 -1.59 -35.61 13.91
CA SER A 257 -2.14 -34.83 15.00
C SER A 257 -3.33 -34.00 14.50
N PRO A 258 -4.35 -33.82 15.34
CA PRO A 258 -5.59 -33.18 14.84
C PRO A 258 -5.47 -31.71 14.52
N ILE A 259 -4.36 -31.05 14.88
CA ILE A 259 -4.10 -29.72 14.34
C ILE A 259 -3.55 -29.83 12.93
N GLU A 260 -2.64 -30.78 12.72
CA GLU A 260 -1.92 -30.87 11.47
C GLU A 260 -2.82 -31.26 10.31
N SER A 261 -3.83 -32.10 10.58
CA SER A 261 -4.77 -32.45 9.52
C SER A 261 -5.67 -31.27 9.18
N VAL A 262 -5.81 -30.31 10.08
CA VAL A 262 -6.54 -29.09 9.75
C VAL A 262 -5.67 -28.16 8.92
N VAL A 263 -4.40 -28.01 9.28
CA VAL A 263 -3.54 -27.05 8.61
C VAL A 263 -3.16 -27.53 7.23
N ALA A 264 -2.85 -28.83 7.11
CA ALA A 264 -2.47 -29.37 5.81
C ALA A 264 -3.63 -29.36 4.84
N SER A 265 -4.82 -29.72 5.30
CA SER A 265 -6.00 -29.59 4.46
C SER A 265 -6.41 -28.15 4.31
N GLY A 266 -6.06 -27.32 5.28
CA GLY A 266 -6.38 -25.90 5.17
C GLY A 266 -5.51 -25.20 4.14
N ASN A 267 -4.30 -25.70 3.92
CA ASN A 267 -3.41 -25.10 2.95
C ASN A 267 -3.85 -25.32 1.50
N ILE A 268 -4.83 -26.20 1.27
CA ILE A 268 -5.47 -26.29 -0.04
C ILE A 268 -6.05 -24.95 -0.44
N PHE A 269 -6.66 -24.24 0.50
CA PHE A 269 -7.44 -23.06 0.20
C PHE A 269 -6.73 -21.77 0.58
N VAL A 270 -6.36 -21.61 1.84
CA VAL A 270 -5.74 -20.40 2.30
C VAL A 270 -4.22 -20.54 2.15
N GLY A 271 -3.52 -19.41 2.19
CA GLY A 271 -2.11 -19.38 1.87
C GLY A 271 -1.23 -19.92 2.97
N GLN A 272 0.06 -19.65 2.82
CA GLN A 272 1.04 -20.13 3.80
C GLN A 272 1.02 -19.30 5.08
N THR A 273 0.54 -18.06 5.01
CA THR A 273 0.55 -17.19 6.17
C THR A 273 -0.82 -17.09 6.85
N GLU A 274 -1.82 -17.76 6.28
CA GLU A 274 -3.14 -17.75 6.89
C GLU A 274 -3.57 -19.12 7.38
N SER A 275 -2.83 -20.16 7.01
CA SER A 275 -3.15 -21.50 7.51
C SER A 275 -2.81 -21.69 8.99
N PRO A 276 -1.67 -21.25 9.54
CA PRO A 276 -1.53 -21.34 10.99
C PRO A 276 -2.37 -20.33 11.73
N LEU A 277 -2.96 -19.35 11.04
CA LEU A 277 -3.88 -18.44 11.68
C LEU A 277 -5.19 -19.14 12.02
N LEU A 278 -5.46 -20.28 11.38
CA LEU A 278 -6.62 -21.08 11.73
C LEU A 278 -6.49 -21.67 13.13
N VAL A 279 -5.28 -22.07 13.51
CA VAL A 279 -5.06 -22.77 14.77
C VAL A 279 -4.21 -21.93 15.71
N ARG A 280 -4.26 -20.61 15.53
CA ARG A 280 -3.37 -19.72 16.28
C ARG A 280 -3.55 -19.69 17.81
N PRO A 281 -4.70 -20.03 18.44
CA PRO A 281 -4.62 -20.20 19.90
C PRO A 281 -3.89 -21.45 20.33
N TYR A 282 -3.69 -22.40 19.43
CA TYR A 282 -3.09 -23.67 19.77
C TYR A 282 -1.65 -23.81 19.30
N LEU A 283 -1.08 -22.77 18.72
CA LEU A 283 0.28 -22.87 18.19
C LEU A 283 1.42 -22.94 19.21
N PRO A 284 1.37 -22.33 20.41
CA PRO A 284 2.48 -22.58 21.34
C PRO A 284 2.49 -23.96 21.98
N TYR A 285 1.48 -24.80 21.74
CA TYR A 285 1.38 -26.08 22.44
C TYR A 285 1.77 -27.26 21.57
N ILE A 286 2.02 -27.05 20.28
CA ILE A 286 2.30 -28.15 19.37
C ILE A 286 3.75 -28.58 19.50
N THR A 287 4.07 -29.74 18.94
CA THR A 287 5.45 -30.19 18.96
C THR A 287 6.24 -29.59 17.80
N LYS A 288 7.54 -29.88 17.78
CA LYS A 288 8.39 -29.34 16.75
C LYS A 288 8.11 -29.97 15.40
N SER A 289 7.65 -31.22 15.39
CA SER A 289 7.32 -31.85 14.13
C SER A 289 5.89 -31.54 13.72
N GLU A 290 5.03 -31.27 14.69
CA GLU A 290 3.69 -30.80 14.38
C GLU A 290 3.76 -29.40 13.80
N LEU A 291 4.77 -28.63 14.20
CA LEU A 291 4.97 -27.30 13.65
C LEU A 291 5.69 -27.35 12.31
N HIS A 292 6.61 -28.31 12.15
CA HIS A 292 7.28 -28.48 10.87
C HIS A 292 6.30 -28.83 9.76
N ALA A 293 5.36 -29.70 10.06
CA ALA A 293 4.43 -30.12 9.02
C ALA A 293 3.36 -29.07 8.77
N ILE A 294 3.15 -28.17 9.75
CA ILE A 294 2.33 -26.99 9.49
C ILE A 294 3.03 -26.06 8.50
N MET A 295 4.34 -25.84 8.70
CA MET A 295 5.08 -24.95 7.82
C MET A 295 5.27 -25.56 6.44
N THR A 296 5.55 -26.86 6.39
CA THR A 296 5.78 -27.54 5.11
C THR A 296 4.54 -27.54 4.24
N ALA A 297 3.38 -27.78 4.84
CA ALA A 297 2.12 -27.72 4.10
C ALA A 297 1.85 -26.31 3.60
N GLY A 298 2.35 -25.30 4.31
CA GLY A 298 2.28 -23.95 3.81
C GLY A 298 3.12 -23.75 2.55
N PHE A 299 4.30 -24.38 2.50
CA PHE A 299 5.12 -24.25 1.31
C PHE A 299 4.63 -25.16 0.21
N SER A 300 4.01 -26.28 0.56
CA SER A 300 3.72 -27.32 -0.41
C SER A 300 2.55 -26.97 -1.31
N THR A 301 1.73 -26.00 -0.94
CA THR A 301 0.53 -25.71 -1.68
C THR A 301 0.50 -24.25 -2.11
N ILE A 302 -0.56 -23.89 -2.82
CA ILE A 302 -0.82 -22.50 -3.17
C ILE A 302 -2.09 -22.05 -2.47
N ALA A 303 -2.34 -20.74 -2.53
CA ALA A 303 -3.52 -20.16 -1.95
C ALA A 303 -4.66 -20.19 -2.95
N GLY A 304 -5.87 -20.05 -2.44
CA GLY A 304 -6.99 -19.77 -3.32
C GLY A 304 -6.99 -18.32 -3.78
N SER A 305 -6.21 -17.48 -3.09
CA SER A 305 -6.08 -16.09 -3.49
C SER A 305 -5.37 -15.97 -4.82
N VAL A 306 -4.17 -16.55 -4.91
CA VAL A 306 -3.37 -16.48 -6.12
C VAL A 306 -3.68 -17.61 -7.08
N LEU A 307 -4.73 -18.37 -6.80
CA LEU A 307 -5.08 -19.49 -7.66
C LEU A 307 -5.59 -19.02 -9.00
N GLY A 308 -6.33 -17.91 -9.01
CA GLY A 308 -6.81 -17.39 -10.28
C GLY A 308 -5.83 -16.48 -10.97
N ALA A 309 -4.79 -16.07 -10.25
CA ALA A 309 -3.71 -15.39 -10.93
C ALA A 309 -2.99 -16.36 -11.86
N TYR A 310 -2.83 -17.60 -11.42
CA TYR A 310 -2.08 -18.58 -12.19
C TYR A 310 -2.86 -19.03 -13.41
N ILE A 311 -4.18 -19.10 -13.29
CA ILE A 311 -5.04 -19.53 -14.39
C ILE A 311 -5.08 -18.47 -15.47
N SER A 312 -5.05 -17.20 -15.07
CA SER A 312 -5.15 -16.11 -16.03
C SER A 312 -3.90 -16.01 -16.89
N PHE A 313 -2.78 -16.55 -16.43
CA PHE A 313 -1.61 -16.61 -17.28
C PHE A 313 -1.84 -17.55 -18.45
N GLY A 314 -2.58 -18.63 -18.23
CA GLY A 314 -2.85 -19.58 -19.29
C GLY A 314 -2.67 -21.02 -18.84
N VAL A 315 -2.29 -21.20 -17.58
CA VAL A 315 -2.09 -22.53 -16.99
C VAL A 315 -3.42 -23.25 -16.94
N PRO A 316 -3.47 -24.55 -17.25
CA PRO A 316 -4.75 -25.29 -17.18
C PRO A 316 -5.32 -25.33 -15.77
N SER A 317 -6.56 -24.86 -15.65
CA SER A 317 -7.16 -24.69 -14.34
C SER A 317 -7.54 -26.03 -13.72
N SER A 318 -7.88 -27.02 -14.56
CA SER A 318 -8.29 -28.31 -14.04
C SER A 318 -7.13 -29.05 -13.39
N HIS A 319 -5.92 -28.87 -13.93
CA HIS A 319 -4.76 -29.53 -13.34
C HIS A 319 -4.27 -28.78 -12.11
N LEU A 320 -4.40 -27.46 -12.11
CA LEU A 320 -3.86 -26.69 -11.01
C LEU A 320 -4.75 -26.82 -9.77
N LEU A 321 -6.05 -26.98 -9.97
CA LEU A 321 -6.93 -27.33 -8.87
C LEU A 321 -6.65 -28.73 -8.37
N THR A 322 -6.36 -29.65 -9.29
CA THR A 322 -5.99 -31.02 -8.93
C THR A 322 -4.72 -31.05 -8.10
N ALA A 323 -3.75 -30.20 -8.43
CA ALA A 323 -2.48 -30.22 -7.72
C ALA A 323 -2.60 -29.66 -6.33
N SER A 324 -3.52 -28.71 -6.12
CA SER A 324 -3.72 -28.15 -4.78
C SER A 324 -4.37 -29.16 -3.86
N VAL A 325 -5.23 -30.01 -4.39
CA VAL A 325 -5.89 -31.01 -3.56
C VAL A 325 -4.92 -32.13 -3.20
N MET A 326 -4.10 -32.56 -4.16
CA MET A 326 -3.21 -33.68 -3.89
C MET A 326 -2.01 -33.27 -3.07
N SER A 327 -1.76 -31.96 -2.95
CA SER A 327 -0.60 -31.53 -2.20
C SER A 327 -0.84 -31.57 -0.70
N ALA A 328 -2.10 -31.62 -0.27
CA ALA A 328 -2.37 -31.77 1.15
C ALA A 328 -2.01 -33.15 1.70
N PRO A 329 -2.32 -34.30 1.06
CA PRO A 329 -1.75 -35.54 1.57
C PRO A 329 -0.27 -35.66 1.27
N ALA A 330 0.22 -34.98 0.23
CA ALA A 330 1.64 -34.99 -0.05
C ALA A 330 2.40 -34.23 1.01
N SER A 331 1.77 -33.20 1.60
CA SER A 331 2.40 -32.47 2.67
C SER A 331 2.55 -33.33 3.91
N LEU A 332 1.60 -34.22 4.16
CA LEU A 332 1.78 -35.17 5.25
C LEU A 332 2.83 -36.20 4.90
N ALA A 333 2.80 -36.71 3.68
CA ALA A 333 3.69 -37.80 3.31
C ALA A 333 5.13 -37.34 3.14
N ALA A 334 5.34 -36.04 3.02
CA ALA A 334 6.70 -35.53 2.96
C ALA A 334 7.18 -35.06 4.32
N ALA A 335 6.38 -34.27 5.05
CA ALA A 335 6.87 -33.66 6.26
C ALA A 335 6.92 -34.62 7.43
N LYS A 336 5.98 -35.57 7.48
CA LYS A 336 6.07 -36.59 8.51
C LYS A 336 7.14 -37.61 8.18
N LEU A 337 7.63 -37.62 6.95
CA LEU A 337 8.75 -38.48 6.60
C LEU A 337 10.07 -37.74 6.81
N PHE A 338 10.08 -36.43 6.61
CA PHE A 338 11.35 -35.71 6.59
C PHE A 338 11.73 -35.25 8.00
N TRP A 339 10.73 -35.08 8.87
CA TRP A 339 10.95 -34.68 10.26
C TRP A 339 9.80 -35.26 11.07
N PRO A 340 9.89 -36.54 11.46
CA PRO A 340 8.75 -37.21 12.07
C PRO A 340 8.54 -36.78 13.50
N GLU A 341 7.41 -37.19 14.06
CA GLU A 341 7.00 -36.75 15.38
C GLU A 341 7.29 -37.83 16.41
N THR A 342 7.85 -37.41 17.54
CA THR A 342 8.24 -38.36 18.58
C THR A 342 7.44 -38.21 19.86
N GLU A 343 7.40 -37.00 20.44
CA GLU A 343 7.03 -36.81 21.85
C GLU A 343 5.58 -37.19 22.16
N LYS A 344 4.65 -36.31 21.78
CA LYS A 344 3.24 -36.52 22.03
C LYS A 344 2.42 -35.48 21.25
N PRO A 345 1.45 -35.89 20.46
CA PRO A 345 0.48 -34.90 19.95
C PRO A 345 -0.47 -34.49 21.06
N LYS A 346 -0.26 -33.30 21.60
CA LYS A 346 -0.91 -32.94 22.87
C LYS A 346 -2.30 -32.35 22.69
N ILE A 347 -2.69 -31.99 21.48
CA ILE A 347 -3.92 -31.23 21.25
C ILE A 347 -4.83 -32.04 20.35
N THR A 348 -6.09 -32.17 20.76
CA THR A 348 -7.10 -32.81 19.93
C THR A 348 -8.34 -31.93 19.87
N LEU A 349 -9.09 -32.08 18.77
CA LEU A 349 -10.30 -31.31 18.45
C LEU A 349 -10.00 -29.82 18.42
N LYS A 350 -9.18 -29.43 17.45
CA LYS A 350 -8.92 -28.01 17.21
C LYS A 350 -9.70 -27.48 16.02
N ASN A 351 -10.23 -28.37 15.18
CA ASN A 351 -11.07 -27.92 14.06
C ASN A 351 -12.38 -27.32 14.55
N ALA A 352 -13.03 -27.99 15.52
CA ALA A 352 -14.26 -27.45 16.08
C ALA A 352 -13.99 -26.23 16.94
N MET A 353 -12.78 -26.13 17.48
CA MET A 353 -12.40 -24.92 18.20
C MET A 353 -12.02 -23.80 17.24
N LYS A 354 -11.68 -24.15 16.00
CA LYS A 354 -11.31 -23.15 14.99
C LYS A 354 -12.54 -22.37 14.56
N MET A 355 -12.51 -21.05 14.74
CA MET A 355 -13.67 -20.21 14.49
C MET A 355 -13.21 -18.82 14.12
N GLU A 356 -14.16 -17.97 13.79
CA GLU A 356 -13.87 -16.60 13.39
C GLU A 356 -13.67 -15.72 14.62
N ASP A 359 -12.48 -11.82 12.73
CA ASP A 359 -13.83 -12.19 12.31
C ASP A 359 -14.48 -11.09 11.48
N SER A 360 -15.78 -11.21 11.29
CA SER A 360 -16.55 -10.21 10.55
C SER A 360 -18.00 -10.29 11.01
N GLY A 361 -18.67 -9.15 11.01
CA GLY A 361 -20.05 -9.10 11.45
C GLY A 361 -20.99 -9.68 10.40
N ASN A 362 -21.13 -8.99 9.28
CA ASN A 362 -22.00 -9.45 8.21
C ASN A 362 -21.17 -9.94 7.04
N LEU A 363 -21.84 -10.23 5.93
CA LEU A 363 -21.15 -10.76 4.76
C LEU A 363 -20.33 -9.69 4.07
N LEU A 364 -20.84 -8.47 4.01
CA LEU A 364 -20.16 -7.44 3.23
C LEU A 364 -19.04 -6.77 4.01
N GLU A 365 -18.95 -7.00 5.32
CA GLU A 365 -17.69 -6.73 6.01
C GLU A 365 -16.63 -7.72 5.57
N ALA A 366 -17.01 -8.99 5.50
CA ALA A 366 -16.05 -10.04 5.11
C ALA A 366 -15.66 -9.92 3.65
N ALA A 367 -16.52 -9.35 2.81
CA ALA A 367 -16.09 -9.04 1.46
C ALA A 367 -15.19 -7.81 1.43
N THR A 368 -15.23 -7.00 2.48
CA THR A 368 -14.33 -5.85 2.56
C THR A 368 -13.04 -6.22 3.29
N GLN A 369 -13.15 -6.97 4.39
CA GLN A 369 -11.97 -7.45 5.10
C GLN A 369 -11.16 -8.41 4.24
N GLY A 370 -11.81 -9.08 3.29
CA GLY A 370 -11.06 -9.87 2.33
C GLY A 370 -10.39 -9.01 1.28
N ALA A 371 -11.02 -7.88 0.92
CA ALA A 371 -10.39 -7.00 -0.05
C ALA A 371 -9.32 -6.14 0.59
N SER A 372 -9.54 -5.70 1.83
CA SER A 372 -8.55 -4.87 2.50
C SER A 372 -7.36 -5.69 3.00
N SER A 373 -7.53 -7.01 3.09
CA SER A 373 -6.38 -7.87 3.34
C SER A 373 -5.61 -8.12 2.06
N SER A 374 -6.23 -7.83 0.92
CA SER A 374 -5.56 -7.99 -0.36
C SER A 374 -4.80 -6.74 -0.76
N ILE A 375 -4.67 -5.77 0.15
CA ILE A 375 -3.84 -4.60 -0.11
C ILE A 375 -2.38 -4.98 -0.18
N SER A 376 -1.86 -5.56 0.91
CA SER A 376 -0.46 -5.92 0.94
C SER A 376 -0.21 -7.16 0.12
N LEU A 377 -1.26 -7.91 -0.22
CA LEU A 377 -1.05 -9.17 -0.90
C LEU A 377 -0.77 -8.94 -2.38
N VAL A 378 -1.47 -8.00 -3.00
CA VAL A 378 -1.19 -7.71 -4.40
C VAL A 378 -0.04 -6.72 -4.52
N ALA A 379 0.35 -6.11 -3.41
CA ALA A 379 1.48 -5.20 -3.44
C ALA A 379 2.78 -5.96 -3.28
N ASN A 380 2.82 -6.93 -2.36
CA ASN A 380 4.02 -7.73 -2.18
C ASN A 380 4.23 -8.69 -3.35
N ILE A 381 3.16 -9.06 -4.05
CA ILE A 381 3.34 -9.82 -5.28
C ILE A 381 3.91 -8.93 -6.37
N ALA A 382 3.43 -7.70 -6.47
CA ALA A 382 3.82 -6.86 -7.59
C ALA A 382 5.26 -6.38 -7.45
N VAL A 383 5.74 -6.19 -6.23
CA VAL A 383 7.10 -5.68 -6.08
C VAL A 383 8.10 -6.83 -6.05
N ASN A 384 7.65 -8.05 -5.74
CA ASN A 384 8.55 -9.18 -5.87
C ASN A 384 8.83 -9.48 -7.33
N LEU A 385 7.80 -9.34 -8.17
CA LEU A 385 7.97 -9.66 -9.58
C LEU A 385 8.63 -8.50 -10.31
N ILE A 386 8.75 -7.36 -9.65
CA ILE A 386 9.70 -6.35 -10.09
C ILE A 386 11.10 -6.70 -9.59
N ALA A 387 11.19 -7.15 -8.34
CA ALA A 387 12.49 -7.47 -7.77
C ALA A 387 13.09 -8.73 -8.38
N PHE A 388 12.28 -9.78 -8.52
CA PHE A 388 12.86 -11.05 -8.91
C PHE A 388 13.07 -11.16 -10.41
N LEU A 389 12.16 -10.60 -11.22
CA LEU A 389 12.38 -10.67 -12.65
C LEU A 389 13.50 -9.74 -13.09
N ALA A 390 13.81 -8.74 -12.31
CA ALA A 390 15.01 -7.96 -12.61
C ALA A 390 16.25 -8.71 -12.17
N LEU A 391 16.14 -9.55 -11.16
CA LEU A 391 17.27 -10.36 -10.76
C LEU A 391 17.45 -11.56 -11.68
N LEU A 392 16.46 -11.85 -12.53
CA LEU A 392 16.80 -12.68 -13.69
C LEU A 392 17.74 -11.92 -14.60
N SER A 393 17.27 -10.78 -15.11
CA SER A 393 18.01 -10.08 -16.16
C SER A 393 19.27 -9.44 -15.62
N PHE A 394 19.38 -9.31 -14.30
CA PHE A 394 20.70 -9.07 -13.72
C PHE A 394 21.57 -10.32 -13.85
N MET A 395 21.12 -11.44 -13.30
CA MET A 395 21.93 -12.65 -13.33
C MET A 395 22.02 -13.25 -14.72
N ASN A 396 21.05 -12.96 -15.59
CA ASN A 396 21.19 -13.41 -16.98
C ASN A 396 22.19 -12.54 -17.72
N SER A 397 22.49 -11.36 -17.20
CA SER A 397 23.48 -10.51 -17.86
C SER A 397 24.78 -10.48 -17.08
N ALA A 398 24.72 -10.69 -15.76
CA ALA A 398 25.95 -10.77 -14.99
C ALA A 398 26.69 -12.05 -15.30
N LEU A 399 25.96 -13.16 -15.44
CA LEU A 399 26.60 -14.41 -15.83
C LEU A 399 26.84 -14.44 -17.33
N SER A 400 26.26 -13.51 -18.08
CA SER A 400 26.58 -13.42 -19.49
C SER A 400 27.99 -12.88 -19.70
N TRP A 401 28.34 -11.78 -19.03
CA TRP A 401 29.71 -11.30 -19.21
C TRP A 401 30.67 -12.05 -18.31
N PHE A 402 30.14 -12.78 -17.32
CA PHE A 402 30.99 -13.76 -16.64
C PHE A 402 31.22 -14.97 -17.53
N GLY A 403 30.27 -15.26 -18.42
CA GLY A 403 30.48 -16.29 -19.41
C GLY A 403 31.26 -15.79 -20.61
N ASN A 404 31.20 -14.48 -20.87
CA ASN A 404 31.94 -13.89 -21.98
C ASN A 404 33.44 -13.93 -21.72
N MET A 405 33.82 -14.09 -20.45
CA MET A 405 35.20 -14.34 -20.05
C MET A 405 35.79 -15.54 -20.78
N PHE A 406 35.02 -16.63 -20.87
CA PHE A 406 35.48 -17.86 -21.48
C PHE A 406 34.96 -18.03 -22.89
N ASP A 407 34.81 -16.92 -23.61
CA ASP A 407 34.28 -16.86 -24.98
C ASP A 407 32.90 -17.49 -25.10
N TYR A 408 32.13 -17.43 -24.01
CA TYR A 408 30.90 -18.23 -23.90
C TYR A 408 29.75 -17.40 -23.32
N PRO A 409 29.22 -16.43 -24.05
CA PRO A 409 27.86 -15.99 -23.75
C PRO A 409 26.90 -17.02 -24.29
N GLN A 410 25.65 -16.92 -23.83
CA GLN A 410 24.51 -17.86 -23.70
C GLN A 410 24.68 -18.67 -22.43
N LEU A 411 25.74 -18.46 -21.66
CA LEU A 411 25.78 -18.91 -20.27
C LEU A 411 24.93 -17.95 -19.46
N SER A 412 23.77 -18.41 -19.05
CA SER A 412 22.83 -17.59 -18.32
C SER A 412 22.50 -18.25 -16.99
N PHE A 413 21.70 -17.55 -16.20
CA PHE A 413 21.14 -18.15 -14.99
C PHE A 413 20.15 -19.24 -15.34
N GLU A 414 19.50 -19.13 -16.48
CA GLU A 414 18.50 -20.10 -16.88
C GLU A 414 19.14 -21.41 -17.30
N LEU A 415 20.34 -21.33 -17.89
CA LEU A 415 21.05 -22.54 -18.29
C LEU A 415 21.61 -23.27 -17.07
N ILE A 416 22.05 -22.52 -16.06
CA ILE A 416 22.63 -23.15 -14.88
C ILE A 416 21.56 -23.85 -14.06
N CYS A 417 20.37 -23.25 -13.97
CA CYS A 417 19.28 -23.88 -13.24
C CYS A 417 18.74 -25.10 -14.00
N SER A 418 19.00 -25.18 -15.30
CA SER A 418 18.59 -26.36 -16.04
C SER A 418 19.48 -27.55 -15.70
N TYR A 419 20.77 -27.32 -15.47
CA TYR A 419 21.66 -28.44 -15.21
C TYR A 419 21.76 -28.75 -13.72
N ILE A 420 21.38 -27.80 -12.87
CA ILE A 420 21.32 -28.11 -11.44
C ILE A 420 20.15 -29.04 -11.16
N PHE A 421 19.00 -28.76 -11.78
CA PHE A 421 17.78 -29.50 -11.52
C PHE A 421 17.42 -30.46 -12.63
N MET A 422 18.33 -30.69 -13.57
CA MET A 422 18.26 -31.87 -14.43
C MET A 422 18.08 -33.19 -13.68
N PRO A 423 18.65 -33.42 -12.48
CA PRO A 423 18.20 -34.60 -11.71
C PRO A 423 16.73 -34.61 -11.38
N PHE A 424 16.21 -33.57 -10.72
CA PHE A 424 14.83 -33.61 -10.24
C PHE A 424 13.83 -33.54 -11.39
N SER A 425 14.21 -32.92 -12.49
CA SER A 425 13.30 -32.82 -13.63
C SER A 425 13.10 -34.16 -14.30
N PHE A 426 14.19 -34.88 -14.56
CA PHE A 426 14.05 -36.17 -15.20
C PHE A 426 13.57 -37.23 -14.21
N MET A 427 13.79 -37.01 -12.92
CA MET A 427 13.36 -37.97 -11.92
C MET A 427 11.85 -38.03 -11.82
N MET A 428 11.17 -36.91 -12.05
CA MET A 428 9.71 -36.91 -12.02
C MET A 428 9.12 -37.27 -13.37
N GLY A 429 9.94 -37.74 -14.30
CA GLY A 429 9.43 -38.33 -15.52
C GLY A 429 9.05 -37.35 -16.60
N VAL A 430 10.02 -36.56 -17.01
CA VAL A 430 9.89 -35.65 -18.14
C VAL A 430 10.77 -36.20 -19.26
N GLU A 431 10.34 -36.00 -20.51
CA GLU A 431 11.16 -36.37 -21.66
C GLU A 431 12.49 -35.60 -21.62
N TRP A 432 13.53 -36.22 -22.19
CA TRP A 432 14.87 -35.66 -22.13
C TRP A 432 14.97 -34.37 -22.92
N GLN A 433 14.20 -34.24 -23.99
CA GLN A 433 14.18 -32.98 -24.73
C GLN A 433 13.56 -31.87 -23.89
N ASP A 434 12.65 -32.21 -22.98
CA ASP A 434 11.96 -31.24 -22.17
C ASP A 434 12.40 -31.24 -20.72
N SER A 435 13.29 -32.16 -20.33
CA SER A 435 13.76 -32.17 -18.94
C SER A 435 14.65 -30.98 -18.67
N PHE A 436 15.36 -30.50 -19.70
CA PHE A 436 16.19 -29.32 -19.53
C PHE A 436 15.34 -28.06 -19.44
N MET A 437 14.20 -28.04 -20.13
CA MET A 437 13.42 -26.82 -20.20
C MET A 437 12.48 -26.71 -19.00
N VAL A 438 12.01 -27.84 -18.47
CA VAL A 438 11.21 -27.80 -17.25
C VAL A 438 12.07 -27.49 -16.04
N ALA A 439 13.35 -27.86 -16.06
CA ALA A 439 14.20 -27.64 -14.89
C ALA A 439 14.51 -26.16 -14.67
N ARG A 440 14.26 -25.33 -15.68
CA ARG A 440 14.26 -23.88 -15.46
C ARG A 440 13.14 -23.47 -14.51
N LEU A 441 12.00 -24.15 -14.60
CA LEU A 441 10.84 -23.76 -13.81
C LEU A 441 11.02 -24.12 -12.35
N ILE A 442 11.66 -25.25 -12.09
CA ILE A 442 12.04 -25.57 -10.72
C ILE A 442 13.06 -24.57 -10.21
N GLY A 443 14.00 -24.18 -11.07
CA GLY A 443 14.96 -23.16 -10.70
C GLY A 443 14.33 -21.79 -10.56
N TYR A 444 13.28 -21.52 -11.34
CA TYR A 444 12.54 -20.29 -11.15
C TYR A 444 11.73 -20.33 -9.87
N LYS A 445 11.22 -21.50 -9.49
CA LYS A 445 10.32 -21.54 -8.35
C LYS A 445 11.09 -21.68 -7.04
N THR A 446 12.26 -22.30 -7.05
CA THR A 446 12.96 -22.49 -5.78
C THR A 446 13.68 -21.23 -5.37
N PHE A 447 14.33 -20.57 -6.31
CA PHE A 447 15.08 -19.35 -5.99
C PHE A 447 14.16 -18.13 -5.96
N PHE A 448 13.37 -17.95 -7.00
CA PHE A 448 12.47 -16.82 -7.13
C PHE A 448 11.07 -17.29 -6.79
N ASN A 449 10.10 -16.38 -6.75
CA ASN A 449 8.78 -16.89 -6.43
C ASN A 449 8.13 -17.51 -7.66
N GLU A 450 7.08 -18.28 -7.41
CA GLU A 450 6.52 -19.17 -8.42
C GLU A 450 5.74 -18.44 -9.51
N PHE A 451 5.44 -17.15 -9.32
CA PHE A 451 4.86 -16.37 -10.40
C PHE A 451 5.83 -16.18 -11.54
N VAL A 452 7.14 -16.15 -11.24
CA VAL A 452 8.13 -16.14 -12.30
C VAL A 452 8.08 -17.44 -13.07
N ALA A 453 7.85 -18.54 -12.37
CA ALA A 453 7.83 -19.84 -12.99
C ALA A 453 6.58 -20.06 -13.81
N TYR A 454 5.46 -19.46 -13.43
CA TYR A 454 4.21 -19.79 -14.11
C TYR A 454 4.01 -19.00 -15.40
N GLU A 455 4.40 -17.73 -15.48
CA GLU A 455 4.21 -17.09 -16.76
C GLU A 455 5.31 -17.47 -17.73
N HIS A 456 6.51 -17.79 -17.23
CA HIS A 456 7.49 -18.42 -18.08
C HIS A 456 7.08 -19.83 -18.45
N LEU A 457 6.22 -20.48 -17.65
CA LEU A 457 5.48 -21.62 -18.17
C LEU A 457 4.43 -21.19 -19.17
N SER A 458 3.71 -20.11 -18.87
CA SER A 458 2.62 -19.72 -19.74
C SER A 458 3.08 -18.99 -20.99
N LYS A 459 4.36 -18.60 -21.06
CA LYS A 459 4.93 -18.29 -22.35
C LYS A 459 5.06 -19.53 -23.22
N TRP A 460 5.13 -20.70 -22.59
CA TRP A 460 5.33 -21.95 -23.32
C TRP A 460 4.05 -22.75 -23.43
N ILE A 461 3.10 -22.52 -22.52
CA ILE A 461 1.72 -22.95 -22.74
C ILE A 461 1.17 -22.29 -23.99
N HIS A 462 1.20 -20.95 -24.02
CA HIS A 462 0.60 -20.19 -25.09
C HIS A 462 1.33 -20.35 -26.41
N LEU A 463 2.60 -20.75 -26.37
CA LEU A 463 3.35 -20.89 -27.61
C LEU A 463 3.03 -22.21 -28.30
N ARG A 464 2.66 -23.24 -27.55
CA ARG A 464 2.33 -24.50 -28.18
C ARG A 464 0.86 -24.59 -28.57
N LYS A 465 0.00 -23.78 -27.94
CA LYS A 465 -1.37 -23.70 -28.41
C LYS A 465 -1.42 -23.09 -29.81
N GLU A 466 -0.58 -22.10 -30.06
CA GLU A 466 -0.27 -21.70 -31.42
C GLU A 466 0.52 -22.82 -32.08
N GLY A 467 0.26 -23.06 -33.36
CA GLY A 467 1.01 -24.11 -34.03
C GLY A 467 2.41 -23.62 -34.35
N GLY A 468 3.40 -24.05 -33.58
CA GLY A 468 4.70 -23.45 -33.64
C GLY A 468 5.80 -24.46 -33.87
N PRO A 469 6.96 -23.98 -34.30
CA PRO A 469 8.11 -24.87 -34.46
C PRO A 469 8.75 -25.19 -33.12
N LYS A 470 9.24 -26.41 -32.99
CA LYS A 470 9.83 -26.81 -31.72
C LYS A 470 11.21 -26.21 -31.56
N PHE A 471 12.13 -26.57 -32.43
CA PHE A 471 13.48 -26.01 -32.44
C PHE A 471 13.54 -24.91 -33.50
N VAL A 472 13.63 -23.66 -33.05
CA VAL A 472 13.83 -22.58 -34.01
C VAL A 472 15.27 -22.60 -34.55
N ASN A 473 16.26 -22.53 -33.66
CA ASN A 473 17.64 -22.84 -34.01
C ASN A 473 18.14 -24.01 -33.18
N GLY A 474 18.08 -23.90 -31.85
CA GLY A 474 18.30 -25.03 -30.98
C GLY A 474 17.44 -24.95 -29.74
N VAL A 475 16.62 -23.90 -29.65
CA VAL A 475 15.86 -23.62 -28.44
C VAL A 475 14.59 -24.47 -28.46
N GLN A 476 14.18 -24.97 -27.29
CA GLN A 476 13.09 -25.93 -27.25
C GLN A 476 11.73 -25.28 -27.44
N GLN A 477 11.58 -24.02 -26.99
CA GLN A 477 10.51 -23.07 -27.32
C GLN A 477 9.13 -23.38 -26.76
N TYR A 478 8.90 -24.59 -26.28
CA TYR A 478 7.76 -24.99 -25.47
C TYR A 478 8.05 -26.39 -24.94
N ILE A 479 7.08 -27.01 -24.29
CA ILE A 479 7.38 -28.31 -23.72
C ILE A 479 6.61 -29.43 -24.43
N SER A 480 5.30 -29.53 -24.18
CA SER A 480 4.49 -30.68 -24.59
C SER A 480 3.07 -30.46 -24.08
N ILE A 481 2.17 -31.34 -24.50
CA ILE A 481 0.94 -31.52 -23.74
C ILE A 481 1.26 -32.19 -22.41
N ARG A 482 2.15 -33.18 -22.45
CA ARG A 482 2.36 -34.05 -21.31
C ARG A 482 3.05 -33.34 -20.16
N SER A 483 4.24 -32.82 -20.40
CA SER A 483 5.04 -32.35 -19.27
C SER A 483 4.68 -30.93 -18.86
N GLU A 484 3.72 -30.31 -19.53
CA GLU A 484 3.11 -29.10 -18.98
C GLU A 484 2.05 -29.45 -17.95
N ILE A 485 1.59 -30.69 -17.94
CA ILE A 485 0.78 -31.16 -16.82
C ILE A 485 1.66 -31.41 -15.60
N ILE A 486 2.84 -31.99 -15.82
CA ILE A 486 3.76 -32.24 -14.72
C ILE A 486 4.32 -30.93 -14.18
N ALA A 487 4.68 -30.02 -15.07
CA ALA A 487 5.25 -28.75 -14.62
C ALA A 487 4.19 -27.87 -14.00
N THR A 488 2.91 -28.16 -14.24
CA THR A 488 1.86 -27.51 -13.48
C THR A 488 1.91 -27.97 -12.03
N TYR A 489 2.22 -29.25 -11.80
CA TYR A 489 2.14 -29.77 -10.44
C TYR A 489 3.44 -29.54 -9.70
N ALA A 490 4.54 -29.41 -10.45
CA ALA A 490 5.84 -29.21 -9.80
C ALA A 490 5.98 -27.80 -9.26
N LEU A 491 5.10 -26.89 -9.67
CA LEU A 491 5.16 -25.52 -9.23
C LEU A 491 4.04 -25.15 -8.28
N CYS A 492 3.03 -25.98 -8.11
CA CYS A 492 1.89 -25.66 -7.26
C CYS A 492 2.34 -25.73 -5.81
N GLY A 493 3.02 -24.67 -5.39
CA GLY A 493 3.54 -24.57 -4.04
C GLY A 493 4.23 -23.24 -3.84
N PHE A 494 4.19 -22.75 -2.61
CA PHE A 494 4.87 -21.53 -2.24
C PHE A 494 6.29 -21.77 -1.77
N ALA A 495 6.93 -22.83 -2.24
CA ALA A 495 8.19 -23.28 -1.66
C ALA A 495 9.40 -22.66 -2.33
N ASN A 496 9.40 -21.33 -2.47
CA ASN A 496 10.64 -20.65 -2.80
C ASN A 496 11.47 -20.45 -1.55
N ILE A 497 12.73 -20.10 -1.75
CA ILE A 497 13.58 -19.79 -0.59
C ILE A 497 13.32 -18.37 -0.12
N GLY A 498 12.48 -17.63 -0.85
CA GLY A 498 12.10 -16.30 -0.38
C GLY A 498 11.03 -16.34 0.69
N SER A 499 10.11 -17.31 0.62
CA SER A 499 9.01 -17.33 1.57
C SER A 499 9.44 -17.91 2.91
N LEU A 500 10.68 -18.38 3.01
CA LEU A 500 11.21 -18.78 4.30
C LEU A 500 11.33 -17.58 5.23
N GLY A 501 11.48 -16.38 4.67
CA GLY A 501 11.49 -15.20 5.52
C GLY A 501 10.11 -14.76 5.94
N ILE A 502 9.10 -15.03 5.12
CA ILE A 502 7.75 -14.60 5.46
C ILE A 502 7.12 -15.59 6.43
N VAL A 503 7.37 -16.89 6.23
CA VAL A 503 6.72 -17.91 7.05
C VAL A 503 7.32 -17.94 8.45
N ILE A 504 8.63 -17.70 8.57
CA ILE A 504 9.23 -17.53 9.89
C ILE A 504 8.64 -16.33 10.60
N GLY A 505 8.58 -15.18 9.92
CA GLY A 505 7.96 -14.02 10.52
C GLY A 505 6.46 -14.16 10.68
N GLY A 506 5.84 -14.96 9.83
CA GLY A 506 4.40 -15.17 9.96
C GLY A 506 4.05 -16.08 11.12
N LEU A 507 4.94 -17.04 11.43
CA LEU A 507 4.68 -17.94 12.55
C LEU A 507 5.15 -17.33 13.86
N THR A 508 6.23 -16.54 13.82
CA THR A 508 6.70 -15.88 15.04
C THR A 508 5.72 -14.81 15.49
N SER A 509 4.99 -14.21 14.55
CA SER A 509 3.96 -13.26 14.92
C SER A 509 2.76 -13.95 15.57
N MET A 510 2.65 -15.26 15.39
CA MET A 510 1.55 -16.01 16.01
C MET A 510 1.98 -16.66 17.30
N ALA A 511 3.04 -17.46 17.26
CA ALA A 511 3.56 -18.15 18.45
C ALA A 511 5.00 -17.71 18.66
N PRO A 512 5.22 -16.56 19.30
CA PRO A 512 6.59 -16.07 19.49
C PRO A 512 7.38 -16.84 20.52
N SER A 513 6.74 -17.69 21.31
CA SER A 513 7.41 -18.50 22.30
C SER A 513 8.11 -19.72 21.70
N ARG A 514 8.03 -19.91 20.39
CA ARG A 514 8.63 -21.07 19.73
C ARG A 514 9.53 -20.64 18.58
N LYS A 515 10.10 -19.44 18.67
CA LYS A 515 10.91 -18.86 17.59
C LYS A 515 12.14 -19.71 17.28
N ARG A 516 12.70 -20.36 18.30
CA ARG A 516 13.80 -21.30 18.08
C ARG A 516 13.33 -22.52 17.31
N ASP A 517 12.09 -22.96 17.57
CA ASP A 517 11.59 -24.15 16.91
C ASP A 517 11.17 -23.85 15.48
N ILE A 518 10.64 -22.66 15.24
CA ILE A 518 10.17 -22.29 13.90
C ILE A 518 11.36 -22.06 12.97
N ALA A 519 12.38 -21.35 13.45
CA ALA A 519 13.51 -21.00 12.58
C ALA A 519 14.37 -22.22 12.29
N SER A 520 14.38 -23.20 13.18
CA SER A 520 15.19 -24.38 12.94
C SER A 520 14.50 -25.36 11.99
N GLY A 521 13.18 -25.22 11.83
CA GLY A 521 12.45 -26.16 11.01
C GLY A 521 12.13 -25.64 9.63
N ALA A 522 12.42 -24.36 9.38
CA ALA A 522 12.04 -23.73 8.12
C ALA A 522 12.88 -24.23 6.96
N VAL A 523 14.18 -24.39 7.19
CA VAL A 523 15.07 -24.91 6.14
C VAL A 523 14.72 -26.36 5.85
N ARG A 524 14.28 -27.10 6.88
CA ARG A 524 13.82 -28.46 6.67
C ARG A 524 12.44 -28.47 6.00
N ALA A 525 11.73 -27.34 6.04
CA ALA A 525 10.37 -27.32 5.53
C ALA A 525 10.34 -27.07 4.02
N LEU A 526 11.32 -26.33 3.49
CA LEU A 526 11.35 -26.08 2.05
C LEU A 526 11.61 -27.36 1.28
N ILE A 527 12.64 -28.09 1.68
CA ILE A 527 12.99 -29.34 0.99
C ILE A 527 11.87 -30.35 1.16
N ALA A 528 11.25 -30.40 2.32
CA ALA A 528 10.07 -31.24 2.49
C ALA A 528 8.87 -30.64 1.74
N GLY A 529 8.88 -29.34 1.51
CA GLY A 529 7.78 -28.74 0.76
C GLY A 529 7.96 -28.86 -0.74
N THR A 530 9.21 -28.69 -1.20
CA THR A 530 9.48 -28.76 -2.64
C THR A 530 9.33 -30.19 -3.14
N VAL A 531 9.69 -31.17 -2.32
CA VAL A 531 9.49 -32.57 -2.70
C VAL A 531 8.01 -32.92 -2.66
N ALA A 532 7.26 -32.33 -1.72
CA ALA A 532 5.83 -32.58 -1.65
C ALA A 532 5.10 -32.04 -2.86
N CYS A 533 5.60 -30.96 -3.46
CA CYS A 533 5.11 -30.56 -4.77
C CYS A 533 5.53 -31.59 -5.81
N PHE A 534 6.72 -32.16 -5.67
CA PHE A 534 7.24 -33.04 -6.70
C PHE A 534 6.58 -34.41 -6.62
N MET A 535 6.21 -34.83 -5.41
CA MET A 535 5.52 -36.10 -5.23
C MET A 535 4.14 -36.07 -5.88
N THR A 536 3.52 -34.89 -5.94
CA THR A 536 2.34 -34.76 -6.77
C THR A 536 2.71 -34.69 -8.24
N ALA A 537 3.91 -34.17 -8.54
CA ALA A 537 4.28 -33.94 -9.94
C ALA A 537 4.62 -35.24 -10.63
N CYS A 538 5.15 -36.20 -9.90
CA CYS A 538 5.45 -37.48 -10.51
C CYS A 538 4.21 -38.34 -10.65
N ILE A 539 3.15 -38.04 -9.89
CA ILE A 539 1.92 -38.83 -10.01
C ILE A 539 1.19 -38.51 -11.31
N ALA A 540 1.24 -37.25 -11.75
CA ALA A 540 0.86 -36.96 -13.12
C ALA A 540 1.78 -37.62 -14.12
N GLY A 541 3.06 -37.76 -13.78
CA GLY A 541 3.97 -38.48 -14.64
C GLY A 541 3.64 -39.95 -14.71
N ILE A 542 3.09 -40.50 -13.65
CA ILE A 542 2.58 -41.86 -13.71
C ILE A 542 1.28 -41.90 -14.51
N LEU A 543 0.50 -40.83 -14.47
CA LEU A 543 -0.85 -40.81 -15.03
C LEU A 543 -0.96 -39.86 -16.21
N SER A 544 0.00 -39.91 -17.12
CA SER A 544 0.11 -38.89 -18.16
C SER A 544 -0.66 -39.24 -19.43
N SER A 545 -0.31 -40.37 -20.06
CA SER A 545 -0.60 -40.72 -21.45
C SER A 545 -0.18 -39.61 -22.40
N THR B 31 6.15 38.15 22.62
CA THR B 31 5.91 39.59 22.54
C THR B 31 6.68 40.19 21.38
N LEU B 32 7.61 39.41 20.82
CA LEU B 32 8.47 39.90 19.76
C LEU B 32 8.05 39.38 18.39
N ARG B 33 7.40 38.22 18.34
CA ARG B 33 7.07 37.58 17.06
C ARG B 33 5.92 38.29 16.35
N HIS B 34 4.95 38.80 17.12
CA HIS B 34 3.75 39.38 16.53
C HIS B 34 4.01 40.73 15.85
N ILE B 35 5.18 41.33 16.05
CA ILE B 35 5.55 42.51 15.27
C ILE B 35 5.85 42.10 13.84
N ILE B 36 6.49 40.94 13.66
CA ILE B 36 6.80 40.46 12.32
C ILE B 36 5.53 39.95 11.64
N TRP B 37 4.79 39.09 12.33
CA TRP B 37 3.61 38.47 11.72
C TRP B 37 2.46 39.47 11.60
N GLY B 38 2.42 40.48 12.47
CA GLY B 38 1.32 41.43 12.43
C GLY B 38 1.43 42.39 11.28
N ILE B 39 2.58 43.03 11.12
CA ILE B 39 2.78 44.04 10.09
C ILE B 39 2.84 43.39 8.71
N LEU B 40 3.27 42.14 8.63
CA LEU B 40 3.18 41.39 7.38
C LEU B 40 1.72 41.16 6.99
N LEU B 41 0.89 40.74 7.95
CA LEU B 41 -0.54 40.63 7.67
C LEU B 41 -1.19 41.99 7.59
N ALA B 42 -0.61 43.02 8.22
CA ALA B 42 -1.06 44.38 7.97
C ALA B 42 -0.55 44.87 6.62
N GLY B 43 0.61 44.37 6.18
CA GLY B 43 1.03 44.62 4.82
C GLY B 43 0.18 43.89 3.82
N TYR B 44 -0.46 42.79 4.24
CA TYR B 44 -1.45 42.16 3.39
C TYR B 44 -2.69 43.02 3.26
N LEU B 45 -3.08 43.71 4.33
CA LEU B 45 -4.21 44.62 4.27
C LEU B 45 -3.90 45.82 3.39
N VAL B 46 -2.62 46.20 3.29
CA VAL B 46 -2.20 47.14 2.27
C VAL B 46 -2.39 46.53 0.89
N MET B 47 -2.07 45.25 0.75
CA MET B 47 -2.14 44.59 -0.55
C MET B 47 -3.58 44.35 -0.96
N VAL B 48 -4.49 44.22 0.01
CA VAL B 48 -5.91 44.12 -0.29
C VAL B 48 -6.42 45.45 -0.84
N ILE B 49 -6.19 46.53 -0.08
CA ILE B 49 -6.74 47.82 -0.47
C ILE B 49 -6.02 48.43 -1.67
N SER B 50 -4.82 47.93 -2.00
CA SER B 50 -4.14 48.38 -3.20
C SER B 50 -4.91 47.93 -4.44
N ALA B 51 -5.14 46.63 -4.57
CA ALA B 51 -5.90 46.10 -5.67
C ALA B 51 -7.40 46.31 -5.53
N CYS B 52 -7.87 46.85 -4.41
CA CYS B 52 -9.28 47.13 -4.29
C CYS B 52 -9.64 48.43 -5.01
N VAL B 53 -8.70 49.37 -5.07
CA VAL B 53 -8.98 50.67 -5.68
C VAL B 53 -9.05 50.54 -7.19
N LEU B 54 -7.97 50.09 -7.81
CA LEU B 54 -8.00 49.87 -9.25
C LEU B 54 -8.54 48.47 -9.55
N ASN B 55 -9.47 48.40 -10.49
CA ASN B 55 -10.07 47.16 -11.01
C ASN B 55 -10.73 46.35 -9.88
N PHE B 56 -11.81 46.94 -9.35
CA PHE B 56 -12.53 46.31 -8.26
C PHE B 56 -13.35 45.11 -8.70
N HIS B 57 -13.74 45.05 -9.98
CA HIS B 57 -14.59 43.97 -10.45
C HIS B 57 -13.85 42.63 -10.49
N ARG B 58 -12.56 42.65 -10.84
CA ARG B 58 -11.74 41.45 -10.68
C ARG B 58 -11.30 41.24 -9.24
N ALA B 59 -11.49 42.22 -8.37
CA ALA B 59 -11.04 42.15 -7.00
C ALA B 59 -12.11 41.62 -6.06
N LEU B 60 -13.22 41.12 -6.59
CA LEU B 60 -14.34 40.72 -5.74
C LEU B 60 -14.08 39.56 -4.80
N PRO B 61 -13.46 38.43 -5.18
CA PRO B 61 -13.24 37.37 -4.18
C PRO B 61 -12.26 37.77 -3.09
N LEU B 62 -11.27 38.58 -3.41
CA LEU B 62 -10.35 39.01 -2.37
C LEU B 62 -10.96 40.12 -1.51
N PHE B 63 -11.91 40.87 -2.05
CA PHE B 63 -12.59 41.87 -1.23
C PHE B 63 -13.53 41.22 -0.25
N VAL B 64 -14.22 40.15 -0.67
CA VAL B 64 -15.22 39.53 0.19
C VAL B 64 -14.56 38.74 1.31
N ILE B 65 -13.50 37.99 0.99
CA ILE B 65 -12.89 37.09 1.98
C ILE B 65 -12.16 37.87 3.06
N THR B 66 -11.31 38.82 2.66
CA THR B 66 -10.45 39.49 3.62
C THR B 66 -11.21 40.46 4.50
N VAL B 67 -12.32 41.01 4.02
CA VAL B 67 -13.21 41.75 4.91
C VAL B 67 -13.85 40.80 5.92
N ALA B 68 -14.31 39.65 5.44
CA ALA B 68 -14.85 38.63 6.35
C ALA B 68 -13.75 38.02 7.22
N ALA B 69 -12.51 37.96 6.71
CA ALA B 69 -11.41 37.48 7.51
C ALA B 69 -11.09 38.43 8.65
N ILE B 70 -11.24 39.73 8.41
CA ILE B 70 -11.21 40.68 9.52
C ILE B 70 -12.42 40.48 10.40
N PHE B 71 -13.58 40.24 9.79
CA PHE B 71 -14.85 40.22 10.51
C PHE B 71 -14.95 39.02 11.44
N PHE B 72 -14.51 37.84 10.99
CA PHE B 72 -14.66 36.67 11.85
C PHE B 72 -13.62 36.65 12.97
N VAL B 73 -12.47 37.29 12.78
CA VAL B 73 -11.55 37.43 13.89
C VAL B 73 -12.13 38.38 14.94
N VAL B 74 -12.77 39.46 14.48
CA VAL B 74 -13.45 40.38 15.38
C VAL B 74 -14.62 39.68 16.07
N TRP B 75 -15.35 38.83 15.34
CA TRP B 75 -16.46 38.12 15.97
C TRP B 75 -15.96 36.98 16.86
N ASP B 76 -14.67 36.65 16.80
CA ASP B 76 -14.12 35.65 17.71
C ASP B 76 -13.24 36.25 18.79
N HIS B 77 -12.57 37.36 18.52
CA HIS B 77 -11.83 38.04 19.59
C HIS B 77 -12.79 38.69 20.57
N LEU B 78 -13.94 39.15 20.08
CA LEU B 78 -14.96 39.67 20.98
C LEU B 78 -15.89 38.58 21.49
N MET B 79 -15.72 37.35 21.02
CA MET B 79 -16.46 36.24 21.60
C MET B 79 -15.95 35.91 22.99
N ALA B 80 -14.64 35.98 23.19
CA ALA B 80 -14.06 35.70 24.49
C ALA B 80 -13.97 36.95 25.36
N LYS B 81 -13.69 38.11 24.76
CA LYS B 81 -13.54 39.33 25.52
C LYS B 81 -14.89 39.80 26.07
N TYR B 82 -15.92 39.78 25.23
CA TYR B 82 -17.26 40.11 25.67
C TYR B 82 -18.06 38.88 26.07
N GLU B 83 -17.39 37.83 26.54
CA GLU B 83 -18.10 36.65 27.05
C GLU B 83 -18.80 36.93 28.36
N HIS B 84 -18.36 37.96 29.10
CA HIS B 84 -19.09 38.39 30.29
C HIS B 84 -20.45 38.97 29.92
N ARG B 85 -20.49 39.83 28.91
CA ARG B 85 -21.75 40.38 28.45
C ARG B 85 -22.57 39.38 27.68
N ILE B 86 -21.96 38.26 27.25
CA ILE B 86 -22.70 37.21 26.56
C ILE B 86 -23.68 36.53 27.51
N ASP B 87 -23.35 36.48 28.80
CA ASP B 87 -24.30 36.03 29.81
C ASP B 87 -25.08 37.17 30.42
N GLU B 88 -24.57 38.40 30.35
CA GLU B 88 -25.24 39.53 30.97
C GLU B 88 -26.34 40.11 30.09
N MET B 89 -26.20 40.02 28.77
CA MET B 89 -27.22 40.55 27.88
C MET B 89 -28.24 39.50 27.46
N LEU B 90 -27.88 38.22 27.50
CA LEU B 90 -28.82 37.17 27.14
C LEU B 90 -29.76 36.81 28.28
N SER B 91 -29.41 37.15 29.51
CA SER B 91 -30.21 36.86 30.70
C SER B 91 -31.53 37.64 30.89
N PRO B 92 -31.65 38.96 30.64
CA PRO B 92 -32.94 39.62 30.97
C PRO B 92 -34.07 39.24 30.02
N GLY B 93 -33.77 38.76 28.83
CA GLY B 93 -34.81 38.29 27.95
C GLY B 93 -35.16 36.85 28.24
N ARG B 94 -34.16 36.04 28.58
CA ARG B 94 -34.36 34.61 28.77
C ARG B 94 -35.17 34.32 30.04
N ARG B 95 -35.04 35.16 31.05
CA ARG B 95 -35.94 35.07 32.20
C ARG B 95 -37.36 35.44 31.80
N LEU B 96 -37.50 36.45 30.94
CA LEU B 96 -38.82 36.77 30.39
C LEU B 96 -39.26 35.72 29.38
N LEU B 97 -38.30 35.08 28.70
CA LEU B 97 -38.67 34.04 27.73
C LEU B 97 -39.17 32.79 28.44
N ASN B 98 -38.60 32.49 29.62
CA ASN B 98 -39.12 31.37 30.40
C ASN B 98 -40.50 31.66 30.95
N SER B 99 -40.77 32.91 31.33
CA SER B 99 -42.10 33.28 31.79
C SER B 99 -43.09 33.33 30.64
N HIS B 100 -42.65 33.79 29.48
CA HIS B 100 -43.51 33.82 28.30
C HIS B 100 -43.56 32.48 27.57
N TRP B 101 -42.80 31.48 28.02
CA TRP B 101 -42.87 30.15 27.42
C TRP B 101 -44.20 29.47 27.71
N PHE B 102 -44.93 29.92 28.73
CA PHE B 102 -46.32 29.54 28.90
C PHE B 102 -47.16 29.98 27.71
N TRP B 103 -46.81 31.11 27.10
CA TRP B 103 -47.47 31.59 25.90
C TRP B 103 -46.72 31.22 24.62
N LEU B 104 -45.39 31.23 24.65
CA LEU B 104 -44.62 31.06 23.42
C LEU B 104 -44.67 29.63 22.91
N LYS B 105 -44.82 28.66 23.81
CA LYS B 105 -44.90 27.26 23.37
C LYS B 105 -46.22 26.97 22.67
N TRP B 106 -47.24 27.79 22.87
CA TRP B 106 -48.46 27.67 22.08
C TRP B 106 -48.38 28.49 20.80
N VAL B 107 -47.41 29.39 20.69
CA VAL B 107 -47.29 30.24 19.51
C VAL B 107 -46.27 29.67 18.53
N ILE B 108 -45.03 29.52 18.99
CA ILE B 108 -43.93 29.16 18.10
C ILE B 108 -44.07 27.72 17.61
N TRP B 109 -44.66 26.84 18.43
CA TRP B 109 -44.98 25.50 17.96
C TRP B 109 -46.15 25.51 16.99
N SER B 110 -46.96 26.58 17.00
CA SER B 110 -48.07 26.68 16.08
C SER B 110 -47.81 27.64 14.94
N SER B 111 -46.85 28.56 15.11
CA SER B 111 -46.52 29.47 14.02
C SER B 111 -45.80 28.76 12.90
N LEU B 112 -44.99 27.75 13.22
CA LEU B 112 -44.25 27.04 12.20
C LEU B 112 -45.16 26.12 11.40
N VAL B 113 -46.15 25.52 12.07
CA VAL B 113 -47.09 24.64 11.39
C VAL B 113 -47.93 25.43 10.40
N LEU B 114 -48.35 26.64 10.78
CA LEU B 114 -49.00 27.54 9.85
C LEU B 114 -48.04 28.00 8.76
N ALA B 115 -46.75 28.07 9.08
CA ALA B 115 -45.77 28.45 8.07
C ALA B 115 -45.54 27.32 7.08
N VAL B 116 -45.63 26.07 7.53
CA VAL B 116 -45.44 24.94 6.64
C VAL B 116 -46.63 24.79 5.70
N ILE B 117 -47.85 24.81 6.27
CA ILE B 117 -49.06 24.53 5.49
C ILE B 117 -49.32 25.63 4.48
N PHE B 118 -49.01 26.88 4.83
CA PHE B 118 -49.05 27.96 3.86
C PHE B 118 -47.99 27.78 2.78
N TRP B 119 -46.86 27.20 3.15
CA TRP B 119 -45.80 26.97 2.17
C TRP B 119 -46.09 25.71 1.35
N LEU B 120 -46.97 24.84 1.85
CA LEU B 120 -47.43 23.71 1.06
C LEU B 120 -48.50 24.12 0.06
N ALA B 121 -48.97 25.36 0.14
CA ALA B 121 -49.77 25.91 -0.94
C ALA B 121 -48.90 26.45 -2.06
N PHE B 122 -47.59 26.48 -1.85
CA PHE B 122 -46.69 27.10 -2.83
C PHE B 122 -45.51 26.20 -3.16
N ASP B 123 -45.64 24.89 -2.96
CA ASP B 123 -44.79 23.92 -3.65
C ASP B 123 -45.56 23.19 -4.74
N THR B 124 -46.88 23.22 -4.67
CA THR B 124 -47.72 22.53 -5.64
C THR B 124 -47.63 23.18 -7.02
N ALA B 125 -47.33 24.48 -7.06
CA ALA B 125 -47.11 25.16 -8.32
C ALA B 125 -45.84 24.68 -9.01
N LYS B 126 -44.88 24.18 -8.24
CA LYS B 126 -43.68 23.61 -8.85
C LYS B 126 -43.98 22.27 -9.49
N LEU B 127 -44.39 21.28 -8.68
CA LEU B 127 -44.84 20.00 -9.22
C LEU B 127 -45.75 19.36 -8.17
N GLY B 128 -47.05 19.31 -8.48
CA GLY B 128 -47.97 18.70 -7.55
C GLY B 128 -47.89 17.19 -7.51
N GLN B 129 -47.24 16.58 -8.50
CA GLN B 129 -47.23 15.13 -8.60
C GLN B 129 -46.31 14.51 -7.56
N GLN B 130 -45.01 14.81 -7.63
CA GLN B 130 -44.04 14.11 -6.82
C GLN B 130 -43.57 14.90 -5.60
N GLN B 131 -43.68 16.23 -5.61
CA GLN B 131 -43.10 17.00 -4.52
C GLN B 131 -43.95 16.92 -3.26
N LEU B 132 -45.24 16.61 -3.40
CA LEU B 132 -46.05 16.34 -2.23
C LEU B 132 -45.70 14.97 -1.65
N VAL B 133 -45.26 14.05 -2.51
CA VAL B 133 -44.89 12.71 -2.05
C VAL B 133 -43.60 12.78 -1.26
N SER B 134 -42.72 13.72 -1.63
CA SER B 134 -41.48 13.93 -0.88
C SER B 134 -41.76 14.43 0.52
N PHE B 135 -42.66 15.42 0.64
CA PHE B 135 -43.11 15.83 1.97
C PHE B 135 -43.91 14.73 2.62
N GLY B 136 -44.65 13.97 1.83
CA GLY B 136 -45.31 12.78 2.35
C GLY B 136 -44.32 11.71 2.76
N GLY B 137 -43.14 11.73 2.16
CA GLY B 137 -42.13 10.76 2.54
C GLY B 137 -41.31 11.19 3.74
N LEU B 138 -41.07 12.50 3.88
CA LEU B 138 -40.27 13.02 4.98
C LEU B 138 -40.91 12.72 6.32
N ILE B 139 -42.24 12.82 6.39
CA ILE B 139 -42.96 12.34 7.56
C ILE B 139 -42.83 10.83 7.67
N MET B 140 -42.88 10.13 6.54
CA MET B 140 -42.86 8.67 6.59
C MET B 140 -41.49 8.14 7.02
N TYR B 141 -40.42 8.88 6.72
CA TYR B 141 -39.11 8.45 7.23
C TYR B 141 -39.00 8.69 8.73
N ILE B 142 -39.63 9.74 9.24
CA ILE B 142 -39.71 9.95 10.68
C ILE B 142 -40.47 8.81 11.33
N VAL B 143 -41.59 8.42 10.73
CA VAL B 143 -42.41 7.33 11.24
C VAL B 143 -41.66 6.01 11.14
N LEU B 144 -40.90 5.81 10.06
CA LEU B 144 -40.09 4.60 9.93
C LEU B 144 -38.97 4.54 10.96
N LEU B 145 -38.53 5.68 11.48
CA LEU B 145 -37.57 5.66 12.57
C LEU B 145 -38.25 5.65 13.93
N PHE B 146 -39.38 6.35 14.05
CA PHE B 146 -40.02 6.48 15.36
C PHE B 146 -40.70 5.19 15.78
N LEU B 147 -41.32 4.48 14.84
CA LEU B 147 -41.92 3.19 15.19
C LEU B 147 -40.85 2.15 15.46
N PHE B 148 -39.70 2.28 14.82
CA PHE B 148 -38.62 1.31 15.00
C PHE B 148 -37.46 1.86 15.82
N SER B 149 -37.64 2.99 16.50
CA SER B 149 -36.67 3.36 17.52
C SER B 149 -36.84 2.45 18.71
N LYS B 150 -35.78 2.32 19.51
CA LYS B 150 -35.88 1.45 20.67
C LYS B 150 -36.41 2.19 21.88
N TYR B 151 -36.28 3.52 21.89
CA TYR B 151 -36.84 4.37 22.94
C TYR B 151 -37.87 5.29 22.32
N PRO B 152 -39.11 4.84 22.10
CA PRO B 152 -40.09 5.74 21.50
C PRO B 152 -40.63 6.77 22.47
N THR B 153 -40.85 6.37 23.73
CA THR B 153 -41.36 7.30 24.73
C THR B 153 -40.28 8.21 25.28
N ARG B 154 -39.01 7.90 25.05
CA ARG B 154 -37.90 8.68 25.57
C ARG B 154 -37.36 9.68 24.55
N VAL B 155 -38.11 9.95 23.48
CA VAL B 155 -37.66 10.88 22.46
C VAL B 155 -37.74 12.30 22.99
N TYR B 156 -36.61 12.99 22.99
CA TYR B 156 -36.56 14.43 23.21
C TYR B 156 -36.66 15.10 21.85
N TRP B 157 -37.81 15.70 21.57
CA TRP B 157 -38.15 16.08 20.20
C TRP B 157 -37.51 17.40 19.77
N ARG B 158 -36.75 18.04 20.65
CA ARG B 158 -36.18 19.34 20.28
C ARG B 158 -35.05 19.23 19.25
N PRO B 159 -34.17 18.22 19.24
CA PRO B 159 -33.34 18.04 18.05
C PRO B 159 -34.11 17.58 16.83
N VAL B 160 -34.94 16.56 16.97
CA VAL B 160 -35.34 15.76 15.82
C VAL B 160 -36.38 16.47 14.98
N LEU B 161 -37.00 17.52 15.52
CA LEU B 161 -37.84 18.39 14.72
C LEU B 161 -37.04 19.55 14.16
N TRP B 162 -36.16 20.11 14.99
CA TRP B 162 -35.38 21.25 14.54
C TRP B 162 -34.21 20.80 13.67
N GLY B 163 -33.79 19.55 13.79
CA GLY B 163 -32.79 19.00 12.89
C GLY B 163 -33.30 18.87 11.48
N ILE B 164 -34.61 18.66 11.32
CA ILE B 164 -35.22 18.81 10.01
C ILE B 164 -35.47 20.29 9.74
N GLY B 165 -35.74 21.07 10.78
CA GLY B 165 -35.97 22.48 10.60
C GLY B 165 -34.70 23.25 10.24
N LEU B 166 -33.54 22.74 10.65
CA LEU B 166 -32.30 23.35 10.20
C LEU B 166 -32.09 23.13 8.71
N GLN B 167 -32.06 21.86 8.29
CA GLN B 167 -31.75 21.53 6.90
C GLN B 167 -32.81 22.01 5.93
N PHE B 168 -34.05 22.19 6.41
CA PHE B 168 -35.05 22.80 5.54
C PHE B 168 -34.82 24.29 5.40
N LEU B 169 -34.54 24.96 6.53
CA LEU B 169 -34.12 26.35 6.45
C LEU B 169 -32.75 26.48 5.80
N LEU B 170 -31.92 25.44 5.91
CA LEU B 170 -30.66 25.46 5.19
C LEU B 170 -30.89 25.16 3.72
N GLY B 171 -31.80 24.24 3.41
CA GLY B 171 -32.04 23.87 2.03
C GLY B 171 -32.82 24.91 1.26
N LEU B 172 -33.76 25.58 1.93
CA LEU B 172 -34.54 26.61 1.25
C LEU B 172 -33.68 27.82 0.94
N LEU B 173 -32.63 28.04 1.73
CA LEU B 173 -31.70 29.11 1.40
C LEU B 173 -30.84 28.75 0.21
N ILE B 174 -30.37 27.50 0.12
CA ILE B 174 -29.32 27.23 -0.84
C ILE B 174 -29.80 26.34 -1.98
N LEU B 175 -31.08 25.98 -2.00
CA LEU B 175 -31.69 25.47 -3.22
C LEU B 175 -32.70 26.44 -3.81
N ARG B 176 -33.60 26.97 -2.98
CA ARG B 176 -34.73 27.73 -3.50
C ARG B 176 -34.34 29.16 -3.81
N THR B 177 -33.67 29.84 -2.89
CA THR B 177 -33.38 31.26 -3.08
C THR B 177 -32.22 31.45 -4.05
N ASP B 178 -32.28 32.55 -4.78
CA ASP B 178 -31.30 32.78 -5.85
C ASP B 178 -29.89 33.16 -5.37
N PRO B 179 -29.67 34.01 -4.35
CA PRO B 179 -28.27 34.18 -3.89
C PRO B 179 -27.67 32.95 -3.25
N GLY B 180 -28.49 32.09 -2.66
CA GLY B 180 -27.97 30.84 -2.14
C GLY B 180 -27.61 29.86 -3.25
N PHE B 181 -28.29 29.97 -4.40
CA PHE B 181 -27.91 29.15 -5.55
C PHE B 181 -26.63 29.67 -6.19
N ILE B 182 -26.41 30.99 -6.15
CA ILE B 182 -25.19 31.56 -6.73
C ILE B 182 -23.97 31.14 -5.91
N ALA B 183 -24.15 31.01 -4.59
CA ALA B 183 -23.03 30.68 -3.72
C ALA B 183 -22.56 29.25 -3.92
N PHE B 184 -23.46 28.27 -3.74
CA PHE B 184 -23.03 26.89 -3.79
C PHE B 184 -22.79 26.40 -5.21
N ASP B 185 -23.25 27.13 -6.22
CA ASP B 185 -22.77 26.86 -7.57
C ASP B 185 -21.32 27.30 -7.69
N TRP B 186 -21.03 28.54 -7.28
CA TRP B 186 -19.67 29.04 -7.34
C TRP B 186 -18.76 28.28 -6.40
N LEU B 187 -19.24 27.95 -5.21
CA LEU B 187 -18.46 27.11 -4.31
C LEU B 187 -18.36 25.70 -4.85
N GLY B 188 -19.35 25.28 -5.65
CA GLY B 188 -19.23 24.02 -6.35
C GLY B 188 -18.26 24.09 -7.51
N ARG B 189 -18.28 25.21 -8.24
CA ARG B 189 -17.50 25.28 -9.47
C ARG B 189 -16.03 25.53 -9.17
N GLN B 190 -15.72 26.14 -8.02
CA GLN B 190 -14.32 26.34 -7.68
C GLN B 190 -13.71 25.09 -7.08
N VAL B 191 -14.54 24.14 -6.63
CA VAL B 191 -14.03 22.80 -6.36
C VAL B 191 -13.66 22.13 -7.67
N GLN B 192 -14.47 22.35 -8.70
CA GLN B 192 -14.21 21.79 -10.03
C GLN B 192 -12.90 22.31 -10.63
N THR B 193 -12.43 23.47 -10.17
CA THR B 193 -11.10 23.92 -10.55
C THR B 193 -10.01 23.14 -9.83
N PHE B 194 -10.30 22.61 -8.63
CA PHE B 194 -9.30 21.77 -7.96
C PHE B 194 -9.21 20.41 -8.63
N LEU B 195 -10.27 20.01 -9.33
CA LEU B 195 -10.22 18.81 -10.15
C LEU B 195 -9.23 18.96 -11.29
N GLU B 196 -8.96 20.20 -11.72
CA GLU B 196 -7.96 20.41 -12.76
C GLU B 196 -6.56 20.53 -12.18
N TYR B 197 -6.45 20.94 -10.90
CA TYR B 197 -5.14 21.22 -10.34
C TYR B 197 -4.37 19.94 -10.09
N THR B 198 -5.08 18.82 -9.98
CA THR B 198 -4.40 17.54 -9.80
C THR B 198 -3.88 17.00 -11.11
N ASP B 199 -4.17 17.67 -12.23
CA ASP B 199 -3.69 17.22 -13.53
C ASP B 199 -2.28 17.72 -13.80
N ALA B 200 -1.68 18.41 -12.83
CA ALA B 200 -0.23 18.56 -12.86
C ALA B 200 0.43 17.36 -12.22
N GLY B 201 -0.18 16.83 -11.16
CA GLY B 201 0.40 15.71 -10.47
C GLY B 201 0.10 14.39 -11.15
N ALA B 202 -1.16 14.17 -11.52
CA ALA B 202 -1.53 12.90 -12.13
C ALA B 202 -0.99 12.77 -13.53
N SER B 203 -0.70 13.88 -14.20
CA SER B 203 -0.04 13.80 -15.50
C SER B 203 1.45 13.57 -15.36
N PHE B 204 1.97 13.67 -14.14
CA PHE B 204 3.39 13.49 -13.94
C PHE B 204 3.73 12.13 -13.37
N VAL B 205 3.03 11.74 -12.30
CA VAL B 205 3.25 10.43 -11.70
C VAL B 205 2.78 9.35 -12.66
N PHE B 206 1.81 9.66 -13.50
CA PHE B 206 1.23 8.66 -14.37
C PHE B 206 1.30 9.05 -15.84
N GLY B 207 2.18 9.97 -16.20
CA GLY B 207 2.42 10.27 -17.60
C GLY B 207 1.29 11.04 -18.25
N GLU B 208 1.53 11.42 -19.50
CA GLU B 208 0.52 12.13 -20.28
C GLU B 208 -0.62 11.22 -20.71
N LYS B 209 -0.44 9.91 -20.60
CA LYS B 209 -1.47 8.95 -20.93
C LYS B 209 -2.40 8.67 -19.76
N TYR B 210 -2.45 9.54 -18.76
CA TYR B 210 -3.26 9.31 -17.56
C TYR B 210 -4.76 9.36 -17.84
N LYS B 211 -5.17 9.88 -18.99
CA LYS B 211 -6.57 9.81 -19.37
C LYS B 211 -6.98 8.37 -19.66
N ASP B 212 -6.03 7.54 -20.10
CA ASP B 212 -6.25 6.10 -20.08
C ASP B 212 -6.27 5.63 -18.63
N HIS B 213 -7.06 4.58 -18.38
CA HIS B 213 -7.30 4.01 -17.05
C HIS B 213 -7.85 5.09 -16.12
N PHE B 214 -9.03 5.60 -16.43
CA PHE B 214 -9.43 6.93 -15.97
C PHE B 214 -9.69 6.97 -14.47
N PHE B 215 -10.08 5.85 -13.85
CA PHE B 215 -10.39 5.91 -12.44
C PHE B 215 -9.13 5.96 -11.58
N ALA B 216 -8.20 5.02 -11.79
CA ALA B 216 -7.09 4.90 -10.85
C ALA B 216 -6.02 5.95 -11.10
N PHE B 217 -6.14 6.69 -12.19
CA PHE B 217 -5.03 7.50 -12.66
C PHE B 217 -5.41 8.96 -12.71
N LYS B 218 -6.70 9.24 -12.80
CA LYS B 218 -7.24 10.58 -12.60
C LYS B 218 -7.98 10.70 -11.28
N VAL B 219 -8.94 9.81 -11.01
CA VAL B 219 -9.86 10.01 -9.89
C VAL B 219 -9.18 9.70 -8.57
N LEU B 220 -8.42 8.62 -8.49
CA LEU B 220 -7.68 8.34 -7.26
C LEU B 220 -6.58 9.33 -6.92
N PRO B 221 -5.91 10.03 -7.85
CA PRO B 221 -5.12 11.20 -7.43
C PRO B 221 -5.93 12.33 -6.83
N ILE B 222 -7.20 12.49 -7.22
CA ILE B 222 -8.04 13.52 -6.62
C ILE B 222 -8.31 13.20 -5.16
N VAL B 223 -8.42 11.91 -4.84
CA VAL B 223 -8.55 11.49 -3.44
C VAL B 223 -7.27 11.79 -2.69
N VAL B 224 -6.12 11.65 -3.36
CA VAL B 224 -4.84 12.00 -2.74
C VAL B 224 -4.74 13.51 -2.56
N PHE B 225 -5.08 14.27 -3.60
CA PHE B 225 -4.95 15.72 -3.51
C PHE B 225 -5.99 16.32 -2.57
N PHE B 226 -7.13 15.69 -2.40
CA PHE B 226 -8.04 16.28 -1.43
C PHE B 226 -7.71 15.82 -0.03
N SER B 227 -7.05 14.67 0.13
CA SER B 227 -6.60 14.28 1.45
C SER B 227 -5.40 15.11 1.89
N THR B 228 -4.70 15.72 0.94
CA THR B 228 -3.58 16.56 1.33
C THR B 228 -4.01 18.01 1.50
N VAL B 229 -5.17 18.38 0.96
CA VAL B 229 -5.71 19.69 1.21
C VAL B 229 -6.46 19.70 2.54
N MET B 230 -7.19 18.61 2.83
CA MET B 230 -7.94 18.50 4.09
C MET B 230 -7.03 18.53 5.30
N SER B 231 -5.81 18.01 5.18
CA SER B 231 -4.93 18.03 6.34
C SER B 231 -4.24 19.37 6.49
N MET B 232 -3.99 20.07 5.39
CA MET B 232 -3.49 21.43 5.47
C MET B 232 -4.52 22.36 6.08
N LEU B 233 -5.79 22.17 5.72
CA LEU B 233 -6.85 22.99 6.30
C LEU B 233 -7.11 22.60 7.75
N TYR B 234 -6.80 21.35 8.11
CA TYR B 234 -6.91 20.96 9.50
C TYR B 234 -5.72 21.48 10.31
N TYR B 235 -4.54 21.57 9.68
CA TYR B 235 -3.39 22.13 10.36
C TYR B 235 -3.52 23.63 10.55
N LEU B 236 -4.00 24.32 9.53
CA LEU B 236 -4.18 25.77 9.63
C LEU B 236 -5.33 26.18 10.52
N GLY B 237 -6.08 25.24 11.07
CA GLY B 237 -7.21 25.55 11.91
C GLY B 237 -8.48 25.86 11.16
N LEU B 238 -8.40 26.09 9.85
CA LEU B 238 -9.57 26.46 9.05
C LEU B 238 -10.59 25.33 9.01
N MET B 239 -10.13 24.09 9.07
CA MET B 239 -11.08 22.99 9.14
C MET B 239 -11.62 22.83 10.54
N GLN B 240 -10.81 23.14 11.54
CA GLN B 240 -11.29 23.14 12.92
C GLN B 240 -12.20 24.33 13.18
N TRP B 241 -12.06 25.39 12.38
CA TRP B 241 -12.81 26.60 12.64
C TRP B 241 -14.25 26.49 12.15
N ILE B 242 -14.45 25.94 10.95
CA ILE B 242 -15.79 25.82 10.41
C ILE B 242 -16.60 24.82 11.22
N ILE B 243 -15.95 23.77 11.71
CA ILE B 243 -16.60 22.79 12.57
C ILE B 243 -17.04 23.43 13.88
N ARG B 244 -16.25 24.36 14.42
CA ARG B 244 -16.66 25.04 15.64
C ARG B 244 -17.74 26.08 15.36
N LYS B 245 -17.88 26.51 14.11
CA LYS B 245 -18.93 27.48 13.81
C LYS B 245 -20.20 26.79 13.35
N VAL B 246 -20.09 25.80 12.46
CA VAL B 246 -21.26 25.03 12.05
C VAL B 246 -21.76 24.20 13.22
N GLY B 247 -20.85 23.71 14.05
CA GLY B 247 -21.24 22.91 15.21
C GLY B 247 -21.99 23.71 16.25
N TRP B 248 -21.48 24.88 16.61
CA TRP B 248 -22.11 25.68 17.66
C TRP B 248 -23.45 26.24 17.22
N ILE B 249 -23.60 26.55 15.94
CA ILE B 249 -24.91 26.89 15.39
C ILE B 249 -25.83 25.68 15.48
N MET B 250 -25.30 24.50 15.18
CA MET B 250 -26.12 23.30 15.25
C MET B 250 -26.26 22.81 16.69
N LEU B 251 -25.39 23.29 17.60
CA LEU B 251 -25.46 22.84 18.98
C LEU B 251 -26.64 23.46 19.71
N VAL B 252 -26.63 24.80 19.81
CA VAL B 252 -27.59 25.50 20.66
C VAL B 252 -29.00 25.38 20.09
N THR B 253 -29.09 25.32 18.77
CA THR B 253 -30.39 25.20 18.13
C THR B 253 -30.98 23.80 18.29
N THR B 254 -30.14 22.78 18.47
CA THR B 254 -30.67 21.45 18.68
C THR B 254 -30.53 20.99 20.13
N GLY B 255 -29.57 21.55 20.86
CA GLY B 255 -29.43 21.18 22.25
C GLY B 255 -28.87 19.80 22.47
N SER B 256 -28.13 19.26 21.51
CA SER B 256 -27.50 17.96 21.69
C SER B 256 -26.27 18.08 22.57
N SER B 257 -25.61 16.96 22.81
CA SER B 257 -24.42 16.97 23.63
C SER B 257 -23.27 17.64 22.90
N PRO B 258 -22.41 18.37 23.61
CA PRO B 258 -21.40 19.20 22.94
C PRO B 258 -20.30 18.43 22.23
N ILE B 259 -20.20 17.11 22.44
CA ILE B 259 -19.35 16.30 21.58
C ILE B 259 -20.06 16.01 20.27
N GLU B 260 -21.35 15.69 20.35
CA GLU B 260 -22.07 15.23 19.19
C GLU B 260 -22.25 16.32 18.15
N SER B 261 -22.40 17.57 18.59
CA SER B 261 -22.50 18.66 17.63
C SER B 261 -21.17 18.93 16.96
N VAL B 262 -20.06 18.50 17.57
CA VAL B 262 -18.77 18.58 16.91
C VAL B 262 -18.62 17.48 15.88
N VAL B 263 -19.02 16.26 16.25
CA VAL B 263 -18.79 15.11 15.36
C VAL B 263 -19.74 15.15 14.17
N ALA B 264 -21.00 15.50 14.40
CA ALA B 264 -21.96 15.56 13.31
C ALA B 264 -21.62 16.68 12.33
N SER B 265 -21.23 17.83 12.84
CA SER B 265 -20.77 18.90 11.96
C SER B 265 -19.39 18.58 11.41
N GLY B 266 -18.62 17.77 12.14
CA GLY B 266 -17.31 17.38 11.66
C GLY B 266 -17.39 16.41 10.50
N ASN B 267 -18.46 15.61 10.46
CA ASN B 267 -18.63 14.64 9.40
C ASN B 267 -18.96 15.28 8.06
N ILE B 268 -19.27 16.57 8.03
CA ILE B 268 -19.36 17.30 6.76
C ILE B 268 -18.05 17.21 5.99
N PHE B 269 -16.94 17.32 6.70
CA PHE B 269 -15.64 17.46 6.07
C PHE B 269 -14.81 16.19 6.12
N VAL B 270 -14.55 15.66 7.31
CA VAL B 270 -13.72 14.49 7.44
C VAL B 270 -14.61 13.24 7.39
N GLY B 271 -13.99 12.10 7.16
CA GLY B 271 -14.74 10.88 6.89
C GLY B 271 -15.34 10.26 8.12
N GLN B 272 -15.78 9.02 7.95
CA GLN B 272 -16.41 8.29 9.05
C GLN B 272 -15.39 7.79 10.06
N THR B 273 -14.13 7.62 9.65
CA THR B 273 -13.12 7.08 10.55
C THR B 273 -12.22 8.16 11.11
N GLU B 274 -12.42 9.41 10.71
CA GLU B 274 -11.62 10.50 11.26
C GLU B 274 -12.45 11.48 12.07
N SER B 275 -13.77 11.36 12.02
CA SER B 275 -14.61 12.23 12.85
C SER B 275 -14.57 11.89 14.34
N PRO B 276 -14.61 10.62 14.78
CA PRO B 276 -14.39 10.39 16.22
C PRO B 276 -12.95 10.57 16.64
N LEU B 277 -12.04 10.69 15.68
CA LEU B 277 -10.66 10.99 16.03
C LEU B 277 -10.52 12.44 16.51
N LEU B 278 -11.51 13.28 16.18
CA LEU B 278 -11.52 14.65 16.69
C LEU B 278 -11.74 14.67 18.20
N VAL B 279 -12.56 13.76 18.71
CA VAL B 279 -12.96 13.77 20.12
C VAL B 279 -12.42 12.55 20.82
N ARG B 280 -11.34 11.97 20.30
CA ARG B 280 -10.85 10.70 20.83
C ARG B 280 -10.34 10.68 22.28
N PRO B 281 -9.93 11.78 22.94
CA PRO B 281 -9.73 11.64 24.39
C PRO B 281 -11.04 11.57 25.16
N TYR B 282 -12.15 11.94 24.55
CA TYR B 282 -13.43 11.98 25.24
C TYR B 282 -14.35 10.84 24.88
N LEU B 283 -13.91 9.91 24.05
CA LEU B 283 -14.78 8.82 23.61
C LEU B 283 -15.15 7.76 24.66
N PRO B 284 -14.31 7.38 25.65
CA PRO B 284 -14.83 6.44 26.65
C PRO B 284 -15.84 7.03 27.63
N TYR B 285 -16.11 8.33 27.59
CA TYR B 285 -16.95 8.95 28.60
C TYR B 285 -18.36 9.27 28.10
N ILE B 286 -18.61 9.09 26.80
CA ILE B 286 -19.90 9.45 26.21
C ILE B 286 -20.93 8.37 26.50
N THR B 287 -22.20 8.71 26.28
CA THR B 287 -23.24 7.71 26.48
C THR B 287 -23.41 6.86 25.23
N LYS B 288 -24.29 5.87 25.33
CA LYS B 288 -24.51 4.96 24.21
C LYS B 288 -25.23 5.65 23.07
N SER B 289 -26.05 6.65 23.38
CA SER B 289 -26.73 7.36 22.32
C SER B 289 -25.89 8.51 21.79
N GLU B 290 -25.00 9.03 22.64
CA GLU B 290 -24.03 10.00 22.16
C GLU B 290 -23.03 9.33 21.24
N LEU B 291 -22.79 8.04 21.46
CA LEU B 291 -21.90 7.29 20.58
C LEU B 291 -22.63 6.82 19.32
N HIS B 292 -23.92 6.50 19.45
CA HIS B 292 -24.70 6.12 18.28
C HIS B 292 -24.79 7.25 17.28
N ALA B 293 -24.99 8.47 17.76
CA ALA B 293 -25.15 9.58 16.85
C ALA B 293 -23.81 10.04 16.30
N ILE B 294 -22.71 9.69 16.98
CA ILE B 294 -21.39 9.87 16.39
C ILE B 294 -21.20 8.91 15.22
N MET B 295 -21.60 7.66 15.40
CA MET B 295 -21.42 6.67 14.34
C MET B 295 -22.37 6.92 13.18
N THR B 296 -23.61 7.31 13.48
CA THR B 296 -24.61 7.55 12.44
C THR B 296 -24.22 8.72 11.56
N ALA B 297 -23.71 9.80 12.17
CA ALA B 297 -23.23 10.93 11.39
C ALA B 297 -22.03 10.56 10.52
N GLY B 298 -21.27 9.57 10.96
CA GLY B 298 -20.22 9.03 10.11
C GLY B 298 -20.77 8.33 8.89
N PHE B 299 -21.88 7.61 9.04
CA PHE B 299 -22.47 6.95 7.89
C PHE B 299 -23.27 7.92 7.04
N SER B 300 -23.82 8.96 7.67
CA SER B 300 -24.78 9.81 6.99
C SER B 300 -24.15 10.76 5.99
N THR B 301 -22.85 10.97 6.06
CA THR B 301 -22.20 11.96 5.22
C THR B 301 -21.07 11.32 4.43
N ILE B 302 -20.42 12.14 3.62
CA ILE B 302 -19.22 11.75 2.90
C ILE B 302 -18.06 12.57 3.41
N ALA B 303 -16.86 12.18 3.00
CA ALA B 303 -15.64 12.87 3.37
C ALA B 303 -15.37 13.98 2.38
N GLY B 304 -14.54 14.92 2.79
CA GLY B 304 -13.98 15.84 1.83
C GLY B 304 -12.87 15.21 1.00
N SER B 305 -12.37 14.06 1.47
CA SER B 305 -11.37 13.31 0.71
C SER B 305 -11.95 12.77 -0.58
N VAL B 306 -13.04 12.01 -0.48
CA VAL B 306 -13.68 11.39 -1.62
C VAL B 306 -14.71 12.31 -2.25
N LEU B 307 -14.76 13.57 -1.82
CA LEU B 307 -15.75 14.49 -2.36
C LEU B 307 -15.43 14.84 -3.81
N GLY B 308 -14.15 14.96 -4.14
CA GLY B 308 -13.79 15.26 -5.50
C GLY B 308 -13.67 14.03 -6.38
N ALA B 309 -13.65 12.87 -5.75
CA ALA B 309 -13.79 11.66 -6.55
C ALA B 309 -15.17 11.59 -7.17
N TYR B 310 -16.18 12.00 -6.41
CA TYR B 310 -17.57 11.89 -6.87
C TYR B 310 -17.86 12.91 -7.96
N ILE B 311 -17.24 14.08 -7.87
CA ILE B 311 -17.46 15.15 -8.84
C ILE B 311 -16.81 14.79 -10.17
N SER B 312 -15.67 14.12 -10.11
CA SER B 312 -14.95 13.77 -11.33
C SER B 312 -15.67 12.72 -12.15
N PHE B 313 -16.57 11.96 -11.52
CA PHE B 313 -17.40 11.05 -12.29
C PHE B 313 -18.35 11.82 -13.18
N GLY B 314 -18.85 12.96 -12.70
CA GLY B 314 -19.78 13.75 -13.47
C GLY B 314 -20.96 14.23 -12.65
N VAL B 315 -20.98 13.86 -11.38
CA VAL B 315 -22.04 14.26 -10.45
C VAL B 315 -21.99 15.77 -10.26
N PRO B 316 -23.13 16.46 -10.21
CA PRO B 316 -23.11 17.92 -10.00
C PRO B 316 -22.53 18.29 -8.64
N SER B 317 -21.49 19.14 -8.69
CA SER B 317 -20.74 19.46 -7.50
C SER B 317 -21.53 20.36 -6.56
N SER B 318 -22.39 21.21 -7.11
CA SER B 318 -23.15 22.14 -6.29
C SER B 318 -24.16 21.41 -5.43
N HIS B 319 -24.74 20.33 -5.96
CA HIS B 319 -25.70 19.58 -5.17
C HIS B 319 -25.02 18.67 -4.17
N LEU B 320 -23.85 18.14 -4.52
CA LEU B 320 -23.19 17.19 -3.64
C LEU B 320 -22.56 17.91 -2.45
N LEU B 321 -22.11 19.14 -2.64
CA LEU B 321 -21.70 19.96 -1.52
C LEU B 321 -22.89 20.34 -0.66
N THR B 322 -24.04 20.61 -1.29
CA THR B 322 -25.27 20.91 -0.58
C THR B 322 -25.71 19.73 0.29
N ALA B 323 -25.55 18.51 -0.22
CA ALA B 323 -26.01 17.33 0.49
C ALA B 323 -25.13 17.04 1.70
N SER B 324 -23.84 17.36 1.61
CA SER B 324 -22.95 17.14 2.75
C SER B 324 -23.26 18.09 3.89
N VAL B 325 -23.67 19.31 3.56
CA VAL B 325 -23.98 20.28 4.60
C VAL B 325 -25.31 19.93 5.29
N MET B 326 -26.30 19.52 4.50
CA MET B 326 -27.62 19.24 5.08
C MET B 326 -27.64 17.91 5.81
N SER B 327 -26.63 17.06 5.59
CA SER B 327 -26.65 15.76 6.23
C SER B 327 -26.20 15.84 7.69
N ALA B 328 -25.52 16.92 8.07
CA ALA B 328 -25.16 17.09 9.47
C ALA B 328 -26.36 17.39 10.39
N PRO B 329 -27.33 18.27 10.04
CA PRO B 329 -28.53 18.30 10.89
C PRO B 329 -29.42 17.09 10.69
N ALA B 330 -29.34 16.47 9.52
CA ALA B 330 -30.12 15.25 9.30
C ALA B 330 -29.58 14.11 10.15
N SER B 331 -28.28 14.12 10.41
CA SER B 331 -27.69 13.10 11.28
C SER B 331 -28.18 13.26 12.71
N LEU B 332 -28.41 14.49 13.15
CA LEU B 332 -29.02 14.68 14.46
C LEU B 332 -30.48 14.28 14.44
N ALA B 333 -31.20 14.67 13.39
CA ALA B 333 -32.63 14.46 13.34
C ALA B 333 -32.98 13.00 13.11
N ALA B 334 -32.03 12.20 12.66
CA ALA B 334 -32.28 10.78 12.52
C ALA B 334 -31.79 10.00 13.72
N ALA B 335 -30.56 10.26 14.17
CA ALA B 335 -29.98 9.41 15.20
C ALA B 335 -30.52 9.71 16.58
N LYS B 336 -30.84 10.97 16.86
CA LYS B 336 -31.50 11.28 18.13
C LYS B 336 -32.96 10.87 18.12
N LEU B 337 -33.49 10.57 16.94
CA LEU B 337 -34.85 10.02 16.88
C LEU B 337 -34.82 8.51 16.92
N PHE B 338 -33.78 7.90 16.39
CA PHE B 338 -33.80 6.45 16.22
C PHE B 338 -33.25 5.76 17.47
N TRP B 339 -32.41 6.45 18.22
CA TRP B 339 -31.84 5.93 19.47
C TRP B 339 -31.56 7.13 20.36
N PRO B 340 -32.59 7.62 21.08
CA PRO B 340 -32.44 8.89 21.81
C PRO B 340 -31.62 8.71 23.07
N GLU B 341 -31.28 9.84 23.68
CA GLU B 341 -30.38 9.86 24.82
C GLU B 341 -31.17 10.01 26.10
N THR B 342 -30.81 9.22 27.11
CA THR B 342 -31.54 9.21 28.36
C THR B 342 -30.70 9.71 29.54
N GLU B 343 -29.52 9.12 29.77
CA GLU B 343 -28.85 9.22 31.06
C GLU B 343 -28.39 10.62 31.41
N LYS B 344 -27.29 11.05 30.79
CA LYS B 344 -26.71 12.37 31.03
C LYS B 344 -25.64 12.66 29.99
N PRO B 345 -25.71 13.77 29.29
CA PRO B 345 -24.54 14.21 28.51
C PRO B 345 -23.45 14.73 29.44
N LYS B 346 -22.41 13.93 29.66
CA LYS B 346 -21.49 14.18 30.75
C LYS B 346 -20.35 15.13 30.38
N ILE B 347 -20.18 15.43 29.10
CA ILE B 347 -18.99 16.16 28.64
C ILE B 347 -19.45 17.43 27.96
N THR B 348 -18.85 18.56 28.34
CA THR B 348 -19.10 19.83 27.68
C THR B 348 -17.76 20.50 27.35
N LEU B 349 -17.80 21.33 26.31
CA LEU B 349 -16.65 22.06 25.75
C LEU B 349 -15.54 21.09 25.33
N LYS B 350 -15.87 20.27 24.33
CA LYS B 350 -14.86 19.40 23.73
C LYS B 350 -14.33 19.94 22.41
N ASN B 351 -15.02 20.93 21.82
CA ASN B 351 -14.51 21.54 20.60
C ASN B 351 -13.26 22.37 20.87
N ALA B 352 -13.26 23.15 21.95
CA ALA B 352 -12.06 23.91 22.30
C ALA B 352 -10.97 23.00 22.82
N MET B 353 -11.33 21.84 23.37
CA MET B 353 -10.33 20.86 23.75
C MET B 353 -9.82 20.09 22.54
N LYS B 354 -10.58 20.09 21.44
CA LYS B 354 -10.17 19.39 20.23
C LYS B 354 -9.03 20.14 19.56
N MET B 355 -7.90 19.46 19.38
CA MET B 355 -6.69 20.10 18.88
C MET B 355 -5.85 19.07 18.17
N GLU B 356 -4.74 19.53 17.59
CA GLU B 356 -3.83 18.67 16.86
C GLU B 356 -2.89 17.94 17.81
N ASP B 359 -0.66 15.25 15.00
CA ASP B 359 -0.42 16.64 14.66
C ASP B 359 0.61 16.76 13.54
N SER B 360 1.08 17.98 13.33
CA SER B 360 2.12 18.25 12.34
C SER B 360 2.87 19.50 12.75
N GLY B 361 4.16 19.54 12.43
CA GLY B 361 4.97 20.68 12.79
C GLY B 361 4.70 21.89 11.91
N ASN B 362 5.05 21.79 10.63
CA ASN B 362 4.84 22.87 9.69
C ASN B 362 3.73 22.50 8.72
N LEU B 363 3.53 23.34 7.71
CA LEU B 363 2.46 23.11 6.75
C LEU B 363 2.79 21.94 5.84
N LEU B 364 4.05 21.82 5.42
CA LEU B 364 4.39 20.82 4.43
C LEU B 364 4.60 19.44 5.03
N GLU B 365 4.68 19.33 6.37
CA GLU B 365 4.47 18.04 7.00
C GLU B 365 3.02 17.63 6.87
N ALA B 366 2.10 18.57 7.13
CA ALA B 366 0.68 18.27 7.07
C ALA B 366 0.22 18.03 5.64
N ALA B 367 0.91 18.59 4.66
CA ALA B 367 0.62 18.20 3.29
C ALA B 367 1.21 16.83 2.96
N THR B 368 2.17 16.37 3.74
CA THR B 368 2.71 15.03 3.56
C THR B 368 1.96 14.01 4.40
N GLN B 369 1.66 14.35 5.65
CA GLN B 369 0.85 13.48 6.50
C GLN B 369 -0.55 13.32 5.97
N GLY B 370 -1.04 14.29 5.20
CA GLY B 370 -2.29 14.11 4.51
C GLY B 370 -2.16 13.22 3.29
N ALA B 371 -1.00 13.27 2.63
CA ALA B 371 -0.81 12.40 1.48
C ALA B 371 -0.45 10.99 1.90
N SER B 372 0.33 10.85 2.98
CA SER B 372 0.71 9.52 3.43
C SER B 372 -0.43 8.83 4.17
N SER B 373 -1.43 9.59 4.61
CA SER B 373 -2.65 8.97 5.12
C SER B 373 -3.55 8.55 3.98
N SER B 374 -3.29 9.07 2.78
CA SER B 374 -4.06 8.68 1.61
C SER B 374 -3.48 7.46 0.92
N ILE B 375 -2.51 6.79 1.54
CA ILE B 375 -1.99 5.53 1.01
C ILE B 375 -3.04 4.46 1.09
N SER B 376 -3.50 4.17 2.30
CA SER B 376 -4.48 3.12 2.49
C SER B 376 -5.85 3.57 2.03
N LEU B 377 -6.05 4.86 1.86
CA LEU B 377 -7.38 5.36 1.55
C LEU B 377 -7.69 5.16 0.07
N VAL B 378 -6.71 5.38 -0.80
CA VAL B 378 -6.95 5.13 -2.22
C VAL B 378 -6.72 3.68 -2.54
N ALA B 379 -6.11 2.93 -1.62
CA ALA B 379 -5.91 1.52 -1.87
C ALA B 379 -7.15 0.73 -1.46
N ASN B 380 -7.74 1.06 -0.32
CA ASN B 380 -8.96 0.38 0.10
C ASN B 380 -10.14 0.77 -0.76
N ILE B 381 -10.12 1.95 -1.37
CA ILE B 381 -11.15 2.28 -2.35
C ILE B 381 -10.95 1.47 -3.62
N ALA B 382 -9.70 1.32 -4.07
CA ALA B 382 -9.47 0.68 -5.34
C ALA B 382 -9.72 -0.81 -5.29
N VAL B 383 -9.50 -1.44 -4.14
CA VAL B 383 -9.70 -2.89 -4.09
C VAL B 383 -11.14 -3.22 -3.73
N ASN B 384 -11.87 -2.28 -3.12
CA ASN B 384 -13.29 -2.51 -2.91
C ASN B 384 -14.03 -2.46 -4.23
N LEU B 385 -13.62 -1.56 -5.11
CA LEU B 385 -14.32 -1.41 -6.38
C LEU B 385 -13.86 -2.46 -7.38
N ILE B 386 -12.79 -3.18 -7.03
CA ILE B 386 -12.52 -4.44 -7.70
C ILE B 386 -13.37 -5.54 -7.08
N ALA B 387 -13.48 -5.54 -5.75
CA ALA B 387 -14.23 -6.59 -5.06
C ALA B 387 -15.73 -6.43 -5.30
N PHE B 388 -16.25 -5.22 -5.18
CA PHE B 388 -17.70 -5.08 -5.21
C PHE B 388 -18.26 -5.06 -6.62
N LEU B 389 -17.56 -4.45 -7.57
CA LEU B 389 -18.07 -4.47 -8.93
C LEU B 389 -17.95 -5.84 -9.56
N ALA B 390 -17.06 -6.67 -9.06
CA ALA B 390 -17.06 -8.05 -9.52
C ALA B 390 -18.19 -8.82 -8.86
N LEU B 391 -18.59 -8.42 -7.65
CA LEU B 391 -19.73 -9.08 -7.02
C LEU B 391 -21.05 -8.56 -7.57
N LEU B 392 -21.03 -7.48 -8.36
CA LEU B 392 -22.17 -7.26 -9.24
C LEU B 392 -22.20 -8.35 -10.29
N SER B 393 -21.15 -8.44 -11.10
CA SER B 393 -21.19 -9.30 -12.28
C SER B 393 -21.13 -10.78 -11.88
N PHE B 394 -20.75 -11.06 -10.64
CA PHE B 394 -21.04 -12.38 -10.11
C PHE B 394 -22.54 -12.53 -9.87
N MET B 395 -23.13 -11.67 -9.06
CA MET B 395 -24.55 -11.79 -8.72
C MET B 395 -25.44 -11.44 -9.92
N ASN B 396 -24.94 -10.64 -10.86
CA ASN B 396 -25.72 -10.41 -12.07
C ASN B 396 -25.66 -11.63 -12.99
N SER B 397 -24.70 -12.51 -12.79
CA SER B 397 -24.64 -13.71 -13.61
C SER B 397 -25.03 -14.94 -12.82
N ALA B 398 -24.85 -14.92 -11.50
CA ALA B 398 -25.33 -16.04 -10.70
C ALA B 398 -26.85 -16.04 -10.64
N LEU B 399 -27.46 -14.86 -10.49
CA LEU B 399 -28.90 -14.77 -10.53
C LEU B 399 -29.43 -14.83 -11.95
N SER B 400 -28.55 -14.68 -12.94
CA SER B 400 -28.97 -14.86 -14.32
C SER B 400 -29.26 -16.32 -14.61
N TRP B 401 -28.35 -17.22 -14.25
CA TRP B 401 -28.64 -18.63 -14.50
C TRP B 401 -29.52 -19.21 -13.40
N PHE B 402 -29.64 -18.50 -12.27
CA PHE B 402 -30.70 -18.85 -11.33
C PHE B 402 -32.05 -18.36 -11.86
N GLY B 403 -32.04 -17.32 -12.68
CA GLY B 403 -33.26 -16.91 -13.34
C GLY B 403 -33.52 -17.71 -14.60
N ASN B 404 -32.46 -18.25 -15.20
CA ASN B 404 -32.60 -19.06 -16.40
C ASN B 404 -33.29 -20.38 -16.09
N MET B 405 -33.30 -20.77 -14.81
CA MET B 405 -34.07 -21.90 -14.32
C MET B 405 -35.55 -21.77 -14.68
N PHE B 406 -36.10 -20.56 -14.51
CA PHE B 406 -37.51 -20.31 -14.75
C PHE B 406 -37.76 -19.64 -16.08
N ASP B 407 -36.92 -19.96 -17.08
CA ASP B 407 -36.96 -19.40 -18.43
C ASP B 407 -36.84 -17.88 -18.42
N TYR B 408 -36.16 -17.33 -17.42
CA TYR B 408 -36.19 -15.89 -17.15
C TYR B 408 -34.80 -15.35 -16.83
N PRO B 409 -33.91 -15.26 -17.82
CA PRO B 409 -32.79 -14.33 -17.70
C PRO B 409 -33.33 -12.94 -17.97
N GLN B 410 -32.52 -11.94 -17.60
CA GLN B 410 -32.73 -10.52 -17.26
C GLN B 410 -33.17 -10.41 -15.81
N LEU B 411 -33.32 -11.51 -15.10
CA LEU B 411 -33.38 -11.47 -13.64
C LEU B 411 -31.96 -11.26 -13.13
N SER B 412 -31.68 -10.07 -12.66
CA SER B 412 -30.35 -9.72 -12.19
C SER B 412 -30.42 -9.25 -10.76
N PHE B 413 -29.25 -8.96 -10.20
CA PHE B 413 -29.18 -8.32 -8.90
C PHE B 413 -29.71 -6.89 -8.98
N GLU B 414 -29.58 -6.27 -10.15
CA GLU B 414 -30.00 -4.88 -10.31
C GLU B 414 -31.52 -4.78 -10.33
N LEU B 415 -32.18 -5.80 -10.88
CA LEU B 415 -33.64 -5.80 -10.92
C LEU B 415 -34.22 -6.07 -9.54
N ILE B 416 -33.55 -6.91 -8.74
CA ILE B 416 -34.07 -7.24 -7.42
C ILE B 416 -33.93 -6.06 -6.49
N CYS B 417 -32.82 -5.31 -6.60
CA CYS B 417 -32.65 -4.13 -5.77
C CYS B 417 -33.59 -3.00 -6.18
N SER B 418 -34.10 -3.06 -7.42
CA SER B 418 -35.08 -2.07 -7.83
C SER B 418 -36.42 -2.30 -7.16
N TYR B 419 -36.80 -3.57 -6.95
CA TYR B 419 -38.11 -3.84 -6.38
C TYR B 419 -38.06 -3.93 -4.85
N ILE B 420 -36.86 -4.13 -4.30
CA ILE B 420 -36.74 -4.07 -2.84
C ILE B 420 -36.87 -2.64 -2.37
N PHE B 421 -36.24 -1.71 -3.07
CA PHE B 421 -36.20 -0.32 -2.66
C PHE B 421 -37.10 0.58 -3.49
N MET B 422 -37.97 -0.02 -4.31
CA MET B 422 -39.14 0.69 -4.83
C MET B 422 -39.97 1.41 -3.76
N PRO B 423 -40.15 0.90 -2.52
CA PRO B 423 -40.73 1.77 -1.48
C PRO B 423 -39.93 3.03 -1.21
N PHE B 424 -38.65 2.92 -0.87
CA PHE B 424 -37.89 4.10 -0.44
C PHE B 424 -37.63 5.05 -1.60
N SER B 425 -37.58 4.53 -2.82
CA SER B 425 -37.33 5.39 -3.97
C SER B 425 -38.52 6.27 -4.26
N PHE B 426 -39.72 5.69 -4.28
CA PHE B 426 -40.89 6.49 -4.57
C PHE B 426 -41.30 7.32 -3.36
N MET B 427 -40.89 6.89 -2.16
CA MET B 427 -41.25 7.62 -0.94
C MET B 427 -40.54 8.96 -0.90
N MET B 428 -39.32 9.05 -1.43
CA MET B 428 -38.62 10.32 -1.46
C MET B 428 -38.96 11.15 -2.69
N GLY B 429 -39.98 10.74 -3.43
CA GLY B 429 -40.52 11.60 -4.47
C GLY B 429 -39.79 11.56 -5.78
N VAL B 430 -39.70 10.38 -6.36
CA VAL B 430 -39.16 10.19 -7.69
C VAL B 430 -40.32 9.78 -8.59
N GLU B 431 -40.25 10.19 -9.86
CA GLU B 431 -41.24 9.76 -10.84
C GLU B 431 -41.24 8.23 -10.96
N TRP B 432 -42.40 7.69 -11.30
CA TRP B 432 -42.57 6.23 -11.35
C TRP B 432 -41.73 5.60 -12.45
N GLN B 433 -41.51 6.33 -13.55
CA GLN B 433 -40.63 5.83 -14.59
C GLN B 433 -39.19 5.75 -14.10
N ASP B 434 -38.81 6.61 -13.17
CA ASP B 434 -37.46 6.67 -12.67
C ASP B 434 -37.31 6.13 -11.25
N SER B 435 -38.42 5.76 -10.60
CA SER B 435 -38.31 5.22 -9.25
C SER B 435 -37.68 3.84 -9.27
N PHE B 436 -37.88 3.10 -10.36
CA PHE B 436 -37.26 1.79 -10.49
C PHE B 436 -35.76 1.93 -10.77
N MET B 437 -35.37 2.99 -11.48
CA MET B 437 -33.98 3.10 -11.88
C MET B 437 -33.13 3.73 -10.79
N VAL B 438 -33.72 4.63 -9.99
CA VAL B 438 -33.00 5.19 -8.86
C VAL B 438 -32.86 4.17 -7.75
N ALA B 439 -33.79 3.23 -7.62
CA ALA B 439 -33.73 2.27 -6.52
C ALA B 439 -32.59 1.27 -6.70
N ARG B 440 -32.01 1.19 -7.90
CA ARG B 440 -30.76 0.47 -8.07
C ARG B 440 -29.64 1.17 -7.30
N LEU B 441 -29.66 2.50 -7.24
CA LEU B 441 -28.58 3.24 -6.64
C LEU B 441 -28.60 3.11 -5.12
N ILE B 442 -29.81 3.06 -4.54
CA ILE B 442 -29.91 2.74 -3.12
C ILE B 442 -29.45 1.32 -2.87
N GLY B 443 -29.79 0.40 -3.78
CA GLY B 443 -29.31 -0.96 -3.65
C GLY B 443 -27.82 -1.07 -3.90
N TYR B 444 -27.28 -0.21 -4.76
CA TYR B 444 -25.83 -0.16 -4.93
C TYR B 444 -25.16 0.43 -3.70
N LYS B 445 -25.80 1.39 -3.05
CA LYS B 445 -25.12 2.08 -1.96
C LYS B 445 -25.27 1.34 -0.64
N THR B 446 -26.37 0.62 -0.46
CA THR B 446 -26.57 -0.02 0.84
C THR B 446 -25.75 -1.30 0.94
N PHE B 447 -25.75 -2.09 -0.14
CA PHE B 447 -25.02 -3.35 -0.12
C PHE B 447 -23.54 -3.13 -0.44
N PHE B 448 -23.26 -2.42 -1.51
CA PHE B 448 -21.91 -2.17 -1.97
C PHE B 448 -21.54 -0.75 -1.57
N ASN B 449 -20.29 -0.35 -1.80
CA ASN B 449 -20.00 1.02 -1.41
C ASN B 449 -20.50 2.00 -2.45
N GLU B 450 -20.57 3.27 -2.04
CA GLU B 450 -21.30 4.28 -2.80
C GLU B 450 -20.58 4.72 -4.07
N PHE B 451 -19.31 4.35 -4.24
CA PHE B 451 -18.63 4.60 -5.51
C PHE B 451 -19.24 3.77 -6.62
N VAL B 452 -19.77 2.59 -6.30
CA VAL B 452 -20.51 1.82 -7.27
C VAL B 452 -21.75 2.57 -7.68
N ALA B 453 -22.40 3.22 -6.72
CA ALA B 453 -23.63 3.91 -6.98
C ALA B 453 -23.40 5.21 -7.75
N TYR B 454 -22.27 5.85 -7.58
CA TYR B 454 -22.10 7.16 -8.19
C TYR B 454 -21.67 7.10 -9.65
N GLU B 455 -20.81 6.15 -10.04
CA GLU B 455 -20.49 6.14 -11.46
C GLU B 455 -21.60 5.46 -12.26
N HIS B 456 -22.31 4.52 -11.65
CA HIS B 456 -23.53 4.05 -12.27
C HIS B 456 -24.61 5.12 -12.26
N LEU B 457 -24.53 6.09 -11.36
CA LEU B 457 -25.26 7.34 -11.57
C LEU B 457 -24.63 8.15 -12.68
N SER B 458 -23.30 8.24 -12.71
CA SER B 458 -22.66 9.09 -13.70
C SER B 458 -22.59 8.46 -15.07
N LYS B 459 -22.90 7.17 -15.19
CA LYS B 459 -23.23 6.65 -16.51
C LYS B 459 -24.55 7.21 -17.00
N TRP B 460 -25.41 7.65 -16.09
CA TRP B 460 -26.73 8.15 -16.46
C TRP B 460 -26.81 9.66 -16.39
N ILE B 461 -25.92 10.29 -15.61
CA ILE B 461 -25.67 11.71 -15.76
C ILE B 461 -25.16 12.00 -17.16
N HIS B 462 -24.07 11.35 -17.53
CA HIS B 462 -23.39 11.62 -18.80
C HIS B 462 -24.23 11.18 -20.00
N LEU B 463 -25.16 10.26 -19.81
CA LEU B 463 -25.94 9.80 -20.94
C LEU B 463 -27.06 10.78 -21.27
N ARG B 464 -27.56 11.51 -20.28
CA ARG B 464 -28.62 12.47 -20.56
C ARG B 464 -28.08 13.84 -20.96
N LYS B 465 -26.82 14.14 -20.61
CA LYS B 465 -26.19 15.35 -21.13
C LYS B 465 -26.02 15.24 -22.64
N GLU B 466 -25.65 14.06 -23.11
CA GLU B 466 -25.80 13.74 -24.52
C GLU B 466 -27.29 13.64 -24.83
N GLY B 467 -27.69 14.12 -26.01
CA GLY B 467 -29.09 14.02 -26.35
C GLY B 467 -29.44 12.61 -26.74
N GLY B 468 -30.09 11.87 -25.85
CA GLY B 468 -30.24 10.46 -26.03
C GLY B 468 -31.68 9.99 -25.93
N PRO B 469 -31.96 8.80 -26.45
CA PRO B 469 -33.30 8.23 -26.33
C PRO B 469 -33.53 7.69 -24.93
N LYS B 470 -34.78 7.83 -24.47
CA LYS B 470 -35.08 7.38 -23.12
C LYS B 470 -35.20 5.87 -23.07
N PHE B 471 -36.17 5.32 -23.78
CA PHE B 471 -36.35 3.88 -23.90
C PHE B 471 -35.73 3.40 -25.20
N VAL B 472 -34.61 2.69 -25.10
CA VAL B 472 -34.04 2.09 -26.31
C VAL B 472 -34.88 0.91 -26.77
N ASN B 473 -35.09 -0.08 -25.90
CA ASN B 473 -36.11 -1.09 -26.11
C ASN B 473 -37.13 -1.07 -24.99
N GLY B 474 -36.68 -1.20 -23.74
CA GLY B 474 -37.52 -0.94 -22.58
C GLY B 474 -36.73 -0.35 -21.44
N VAL B 475 -35.43 -0.15 -21.65
CA VAL B 475 -34.52 0.27 -20.60
C VAL B 475 -34.63 1.77 -20.43
N GLN B 476 -34.55 2.26 -19.19
CA GLN B 476 -34.83 3.67 -18.93
C GLN B 476 -33.66 4.56 -19.33
N GLN B 477 -32.42 4.04 -19.23
CA GLN B 477 -31.18 4.55 -19.84
C GLN B 477 -30.63 5.85 -19.27
N TYR B 478 -31.42 6.59 -18.49
CA TYR B 478 -31.00 7.70 -17.64
C TYR B 478 -32.18 8.04 -16.75
N ILE B 479 -32.07 9.13 -15.99
CA ILE B 479 -33.16 9.44 -15.09
C ILE B 479 -33.90 10.71 -15.50
N SER B 480 -33.29 11.87 -15.28
CA SER B 480 -33.96 13.17 -15.40
C SER B 480 -32.96 14.26 -15.02
N ILE B 481 -33.36 15.51 -15.22
CA ILE B 481 -32.72 16.58 -14.47
C ILE B 481 -33.11 16.49 -13.01
N ARG B 482 -34.39 16.19 -12.75
CA ARG B 482 -34.94 16.31 -11.40
C ARG B 482 -34.40 15.25 -10.48
N SER B 483 -34.59 13.98 -10.80
CA SER B 483 -34.30 12.96 -9.81
C SER B 483 -32.84 12.55 -9.80
N GLU B 484 -32.02 13.16 -10.65
CA GLU B 484 -30.58 13.06 -10.45
C GLU B 484 -30.10 14.03 -9.40
N ILE B 485 -30.92 15.04 -9.08
CA ILE B 485 -30.64 15.86 -7.91
C ILE B 485 -30.97 15.09 -6.64
N ILE B 486 -32.08 14.35 -6.65
CA ILE B 486 -32.47 13.56 -5.49
C ILE B 486 -31.51 12.39 -5.30
N ALA B 487 -31.14 11.72 -6.39
CA ALA B 487 -30.25 10.58 -6.28
C ALA B 487 -28.84 11.03 -5.94
N THR B 488 -28.52 12.31 -6.15
CA THR B 488 -27.28 12.83 -5.61
C THR B 488 -27.33 12.87 -4.10
N TYR B 489 -28.50 13.18 -3.53
CA TYR B 489 -28.56 13.37 -2.08
C TYR B 489 -28.81 12.04 -1.39
N ALA B 490 -29.41 11.09 -2.10
CA ALA B 490 -29.73 9.80 -1.49
C ALA B 490 -28.47 8.96 -1.34
N LEU B 491 -27.39 9.33 -2.00
CA LEU B 491 -26.16 8.58 -1.94
C LEU B 491 -25.07 9.28 -1.16
N CYS B 492 -25.24 10.55 -0.81
CA CYS B 492 -24.19 11.30 -0.11
C CYS B 492 -24.12 10.79 1.33
N GLY B 493 -23.47 9.65 1.47
CA GLY B 493 -23.29 9.02 2.76
C GLY B 493 -22.46 7.76 2.62
N PHE B 494 -21.73 7.44 3.68
CA PHE B 494 -20.94 6.22 3.74
C PHE B 494 -21.72 5.05 4.30
N ALA B 495 -23.04 5.05 4.14
CA ALA B 495 -23.89 4.11 4.86
C ALA B 495 -24.11 2.82 4.10
N ASN B 496 -23.05 2.20 3.61
CA ASN B 496 -23.15 0.83 3.16
C ASN B 496 -23.08 -0.11 4.34
N ILE B 497 -23.46 -1.37 4.10
CA ILE B 497 -23.32 -2.37 5.15
C ILE B 497 -21.88 -2.87 5.22
N GLY B 498 -21.04 -2.42 4.30
CA GLY B 498 -19.62 -2.76 4.38
C GLY B 498 -18.87 -1.91 5.39
N SER B 499 -19.25 -0.65 5.54
CA SER B 499 -18.50 0.22 6.44
C SER B 499 -18.86 -0.01 7.88
N LEU B 500 -19.83 -0.88 8.15
CA LEU B 500 -20.10 -1.28 9.52
C LEU B 500 -18.93 -2.05 10.10
N GLY B 501 -18.14 -2.70 9.26
CA GLY B 501 -16.94 -3.36 9.75
C GLY B 501 -15.80 -2.40 10.00
N ILE B 502 -15.74 -1.32 9.24
CA ILE B 502 -14.63 -0.37 9.41
C ILE B 502 -14.91 0.56 10.59
N VAL B 503 -16.18 0.97 10.75
CA VAL B 503 -16.51 1.95 11.79
C VAL B 503 -16.49 1.30 13.16
N ILE B 504 -16.89 0.03 13.25
CA ILE B 504 -16.72 -0.71 14.51
C ILE B 504 -15.24 -0.83 14.85
N GLY B 505 -14.42 -1.26 13.90
CA GLY B 505 -12.99 -1.34 14.15
C GLY B 505 -12.34 0.02 14.28
N GLY B 506 -12.92 1.04 13.65
CA GLY B 506 -12.38 2.38 13.79
C GLY B 506 -12.68 2.99 15.14
N LEU B 507 -13.83 2.65 15.71
CA LEU B 507 -14.18 3.19 17.02
C LEU B 507 -13.59 2.35 18.14
N THR B 508 -13.45 1.05 17.94
CA THR B 508 -12.83 0.20 18.95
C THR B 508 -11.34 0.49 19.06
N SER B 509 -10.72 0.94 17.97
CA SER B 509 -9.32 1.35 18.05
C SER B 509 -9.16 2.66 18.81
N MET B 510 -10.25 3.41 18.99
CA MET B 510 -10.19 4.66 19.73
C MET B 510 -10.63 4.47 21.18
N ALA B 511 -11.83 3.92 21.39
CA ALA B 511 -12.36 3.67 22.73
C ALA B 511 -12.64 2.18 22.86
N PRO B 512 -11.63 1.38 23.18
CA PRO B 512 -11.83 -0.07 23.28
C PRO B 512 -12.61 -0.49 24.51
N SER B 513 -12.81 0.40 25.47
CA SER B 513 -13.58 0.09 26.67
C SER B 513 -15.08 0.12 26.43
N ARG B 514 -15.53 0.42 25.22
CA ARG B 514 -16.96 0.50 24.91
C ARG B 514 -17.32 -0.37 23.71
N LYS B 515 -16.56 -1.45 23.51
CA LYS B 515 -16.75 -2.32 22.34
C LYS B 515 -18.13 -2.95 22.32
N ARG B 516 -18.69 -3.24 23.48
CA ARG B 516 -20.07 -3.73 23.55
C ARG B 516 -21.05 -2.65 23.12
N ASP B 517 -20.76 -1.39 23.44
CA ASP B 517 -21.67 -0.31 23.11
C ASP B 517 -21.58 0.06 21.64
N ILE B 518 -20.38 -0.03 21.06
CA ILE B 518 -20.17 0.33 19.67
C ILE B 518 -20.78 -0.71 18.75
N ALA B 519 -20.56 -2.00 19.05
CA ALA B 519 -21.04 -3.05 18.17
C ALA B 519 -22.55 -3.20 18.23
N SER B 520 -23.16 -2.83 19.36
CA SER B 520 -24.61 -2.96 19.47
C SER B 520 -25.32 -1.78 18.79
N GLY B 521 -24.60 -0.70 18.55
CA GLY B 521 -25.24 0.48 17.99
C GLY B 521 -24.98 0.65 16.49
N ALA B 522 -24.11 -0.19 15.93
CA ALA B 522 -23.71 -0.02 14.54
C ALA B 522 -24.82 -0.41 13.58
N VAL B 523 -25.54 -1.50 13.89
CA VAL B 523 -26.67 -1.91 13.06
C VAL B 523 -27.78 -0.88 13.14
N ARG B 524 -27.93 -0.26 14.31
CA ARG B 524 -28.90 0.82 14.45
C ARG B 524 -28.41 2.09 13.77
N ALA B 525 -27.11 2.17 13.49
CA ALA B 525 -26.55 3.40 12.93
C ALA B 525 -26.70 3.46 11.42
N LEU B 526 -26.69 2.31 10.74
CA LEU B 526 -26.85 2.32 9.30
C LEU B 526 -28.24 2.77 8.89
N ILE B 527 -29.26 2.19 9.52
CA ILE B 527 -30.64 2.54 9.19
C ILE B 527 -30.90 3.98 9.58
N ALA B 528 -30.34 4.43 10.69
CA ALA B 528 -30.44 5.84 11.03
C ALA B 528 -29.55 6.68 10.13
N GLY B 529 -28.51 6.07 9.54
CA GLY B 529 -27.67 6.83 8.64
C GLY B 529 -28.23 6.87 7.23
N THR B 530 -28.80 5.75 6.77
CA THR B 530 -29.35 5.68 5.43
C THR B 530 -30.59 6.55 5.30
N VAL B 531 -31.39 6.63 6.37
CA VAL B 531 -32.56 7.50 6.37
C VAL B 531 -32.13 8.96 6.46
N ALA B 532 -31.03 9.24 7.17
CA ALA B 532 -30.53 10.60 7.26
C ALA B 532 -30.03 11.11 5.93
N CYS B 533 -29.51 10.21 5.09
CA CYS B 533 -29.26 10.58 3.70
C CYS B 533 -30.58 10.81 2.97
N PHE B 534 -31.60 10.03 3.30
CA PHE B 534 -32.86 10.09 2.56
C PHE B 534 -33.66 11.31 2.98
N MET B 535 -33.53 11.72 4.25
CA MET B 535 -34.22 12.91 4.72
C MET B 535 -33.68 14.16 4.05
N THR B 536 -32.41 14.16 3.66
CA THR B 536 -31.92 15.20 2.77
C THR B 536 -32.42 14.99 1.36
N ALA B 537 -32.62 13.73 0.97
CA ALA B 537 -32.96 13.43 -0.41
C ALA B 537 -34.39 13.83 -0.73
N CYS B 538 -35.28 13.74 0.25
CA CYS B 538 -36.65 14.15 0.01
C CYS B 538 -36.79 15.67 0.05
N ILE B 539 -35.84 16.38 0.67
CA ILE B 539 -35.93 17.83 0.73
C ILE B 539 -35.63 18.44 -0.63
N ALA B 540 -34.71 17.84 -1.38
CA ALA B 540 -34.61 18.18 -2.81
C ALA B 540 -35.87 17.80 -3.56
N GLY B 541 -36.52 16.71 -3.15
CA GLY B 541 -37.78 16.35 -3.76
C GLY B 541 -38.87 17.34 -3.45
N ILE B 542 -38.80 17.98 -2.30
CA ILE B 542 -39.71 19.08 -2.01
C ILE B 542 -39.31 20.31 -2.82
N LEU B 543 -38.02 20.48 -3.08
CA LEU B 543 -37.49 21.70 -3.67
C LEU B 543 -36.92 21.47 -5.07
N SER B 544 -37.66 20.74 -5.91
CA SER B 544 -37.12 20.26 -7.18
C SER B 544 -37.35 21.23 -8.33
N SER B 545 -38.62 21.52 -8.61
CA SER B 545 -39.11 22.10 -9.88
C SER B 545 -38.62 21.29 -11.08
N THR C 31 34.57 -25.84 11.86
CA THR C 31 35.86 -26.30 11.39
C THR C 31 35.71 -27.15 10.14
N LEU C 32 34.47 -27.54 9.85
CA LEU C 32 34.19 -28.40 8.72
C LEU C 32 33.62 -27.65 7.52
N ARG C 33 32.95 -26.52 7.75
CA ARG C 33 32.26 -25.80 6.69
C ARG C 33 33.24 -25.07 5.78
N HIS C 34 34.33 -24.54 6.35
CA HIS C 34 35.25 -23.72 5.58
C HIS C 34 36.08 -24.52 4.58
N ILE C 35 36.07 -25.85 4.66
CA ILE C 35 36.68 -26.64 3.61
C ILE C 35 35.84 -26.58 2.34
N ILE C 36 34.52 -26.57 2.51
CA ILE C 36 33.62 -26.47 1.35
C ILE C 36 33.66 -25.05 0.78
N TRP C 37 33.46 -24.05 1.65
CA TRP C 37 33.37 -22.67 1.19
C TRP C 37 34.74 -22.14 0.77
N GLY C 38 35.81 -22.67 1.34
CA GLY C 38 37.13 -22.15 1.01
C GLY C 38 37.60 -22.59 -0.36
N ILE C 39 37.54 -23.90 -0.63
CA ILE C 39 38.03 -24.45 -1.89
C ILE C 39 37.12 -24.04 -3.05
N LEU C 40 35.83 -23.81 -2.77
CA LEU C 40 34.94 -23.25 -3.78
C LEU C 40 35.36 -21.83 -4.14
N LEU C 41 35.65 -21.00 -3.14
CA LEU C 41 36.19 -19.67 -3.42
C LEU C 41 37.63 -19.75 -3.89
N ALA C 42 38.36 -20.80 -3.52
CA ALA C 42 39.65 -21.04 -4.15
C ALA C 42 39.49 -21.58 -5.56
N GLY C 43 38.40 -22.31 -5.81
CA GLY C 43 38.06 -22.66 -7.17
C GLY C 43 37.61 -21.46 -7.98
N TYR C 44 37.11 -20.43 -7.31
CA TYR C 44 36.85 -19.17 -7.98
C TYR C 44 38.14 -18.48 -8.39
N LEU C 45 39.17 -18.59 -7.54
CA LEU C 45 40.48 -18.03 -7.89
C LEU C 45 41.12 -18.78 -9.05
N VAL C 46 40.79 -20.07 -9.19
CA VAL C 46 41.12 -20.79 -10.41
C VAL C 46 40.36 -20.20 -11.59
N MET C 47 39.08 -19.84 -11.37
CA MET C 47 38.25 -19.33 -12.45
C MET C 47 38.64 -17.92 -12.83
N VAL C 48 39.22 -17.17 -11.89
CA VAL C 48 39.77 -15.85 -12.21
C VAL C 48 40.98 -15.98 -13.10
N ILE C 49 41.97 -16.78 -12.66
CA ILE C 49 43.22 -16.87 -13.40
C ILE C 49 43.07 -17.67 -14.68
N SER C 50 41.99 -18.44 -14.82
CA SER C 50 41.74 -19.13 -16.09
C SER C 50 41.44 -18.13 -17.18
N ALA C 51 40.42 -17.29 -16.96
CA ALA C 51 40.07 -16.26 -17.92
C ALA C 51 41.00 -15.06 -17.90
N CYS C 52 41.97 -15.02 -16.96
CA CYS C 52 42.93 -13.93 -16.97
C CYS C 52 44.01 -14.17 -18.02
N VAL C 53 44.33 -15.44 -18.30
CA VAL C 53 45.40 -15.75 -19.24
C VAL C 53 44.95 -15.46 -20.67
N LEU C 54 43.90 -16.13 -21.11
CA LEU C 54 43.37 -15.86 -22.44
C LEU C 54 42.39 -14.70 -22.37
N ASN C 55 42.55 -13.75 -23.29
CA ASN C 55 41.68 -12.58 -23.48
C ASN C 55 41.60 -11.73 -22.20
N PHE C 56 42.74 -11.13 -21.89
CA PHE C 56 42.84 -10.31 -20.69
C PHE C 56 42.11 -8.98 -20.83
N HIS C 57 41.94 -8.48 -22.05
CA HIS C 57 41.33 -7.17 -22.25
C HIS C 57 39.85 -7.18 -21.91
N ARG C 58 39.15 -8.27 -22.19
CA ARG C 58 37.79 -8.43 -21.71
C ARG C 58 37.75 -8.85 -20.25
N ALA C 59 38.88 -9.25 -19.68
CA ALA C 59 38.95 -9.75 -18.32
C ALA C 59 39.24 -8.67 -17.30
N LEU C 60 39.25 -7.40 -17.73
CA LEU C 60 39.67 -6.32 -16.84
C LEU C 60 38.79 -6.08 -15.61
N PRO C 61 37.45 -6.05 -15.67
CA PRO C 61 36.71 -5.83 -14.41
C PRO C 61 36.83 -6.98 -13.43
N LEU C 62 36.95 -8.21 -13.91
CA LEU C 62 37.13 -9.32 -13.01
C LEU C 62 38.56 -9.40 -12.49
N PHE C 63 39.52 -8.89 -13.24
CA PHE C 63 40.89 -8.86 -12.74
C PHE C 63 41.05 -7.81 -11.65
N VAL C 64 40.39 -6.66 -11.80
CA VAL C 64 40.57 -5.57 -10.84
C VAL C 64 39.86 -5.90 -9.52
N ILE C 65 38.65 -6.43 -9.59
CA ILE C 65 37.83 -6.62 -8.39
C ILE C 65 38.40 -7.74 -7.54
N THR C 66 38.68 -8.89 -8.14
CA THR C 66 39.07 -10.06 -7.36
C THR C 66 40.46 -9.96 -6.79
N VAL C 67 41.35 -9.20 -7.44
CA VAL C 67 42.62 -8.87 -6.81
C VAL C 67 42.38 -7.97 -5.61
N ALA C 68 41.52 -6.96 -5.78
CA ALA C 68 41.16 -6.10 -4.65
C ALA C 68 40.33 -6.86 -3.62
N ALA C 69 39.55 -7.85 -4.06
CA ALA C 69 38.80 -8.66 -3.10
C ALA C 69 39.73 -9.51 -2.26
N ILE C 70 40.84 -9.97 -2.84
CA ILE C 70 41.88 -10.57 -2.01
C ILE C 70 42.54 -9.50 -1.15
N PHE C 71 42.74 -8.32 -1.72
CA PHE C 71 43.53 -7.28 -1.06
C PHE C 71 42.80 -6.70 0.15
N PHE C 72 41.49 -6.48 0.04
CA PHE C 72 40.80 -5.89 1.17
C PHE C 72 40.54 -6.88 2.29
N VAL C 73 40.47 -8.18 1.98
CA VAL C 73 40.42 -9.17 3.05
C VAL C 73 41.74 -9.22 3.78
N VAL C 74 42.86 -9.13 3.04
CA VAL C 74 44.18 -9.06 3.63
C VAL C 74 44.34 -7.78 4.45
N TRP C 75 43.80 -6.66 3.94
CA TRP C 75 43.89 -5.41 4.70
C TRP C 75 42.93 -5.40 5.87
N ASP C 76 42.00 -6.36 5.96
CA ASP C 76 41.12 -6.45 7.11
C ASP C 76 41.46 -7.61 8.03
N HIS C 77 42.01 -8.71 7.48
CA HIS C 77 42.47 -9.78 8.36
C HIS C 77 43.73 -9.35 9.10
N LEU C 78 44.56 -8.53 8.47
CA LEU C 78 45.72 -7.97 9.16
C LEU C 78 45.38 -6.70 9.91
N MET C 79 44.14 -6.21 9.80
CA MET C 79 43.72 -5.09 10.62
C MET C 79 43.54 -5.51 12.07
N ALA C 80 43.01 -6.71 12.28
CA ALA C 80 42.81 -7.22 13.64
C ALA C 80 44.03 -7.98 14.14
N LYS C 81 44.72 -8.72 13.25
CA LYS C 81 45.86 -9.51 13.68
C LYS C 81 47.05 -8.62 14.03
N TYR C 82 47.33 -7.61 13.20
CA TYR C 82 48.36 -6.64 13.48
C TYR C 82 47.83 -5.41 14.18
N GLU C 83 46.73 -5.53 14.93
CA GLU C 83 46.22 -4.42 15.70
C GLU C 83 47.12 -4.06 16.87
N HIS C 84 47.95 -5.01 17.32
CA HIS C 84 48.95 -4.70 18.34
C HIS C 84 50.00 -3.75 17.79
N ARG C 85 50.50 -4.03 16.58
CA ARG C 85 51.48 -3.14 15.95
C ARG C 85 50.83 -1.86 15.43
N ILE C 86 49.49 -1.82 15.34
CA ILE C 86 48.80 -0.60 14.94
C ILE C 86 48.96 0.47 16.00
N ASP C 87 49.07 0.08 17.26
CA ASP C 87 49.39 1.02 18.32
C ASP C 87 50.89 1.10 18.58
N GLU C 88 51.64 0.07 18.21
CA GLU C 88 53.08 0.06 18.48
C GLU C 88 53.87 0.83 17.44
N MET C 89 53.41 0.88 16.19
CA MET C 89 54.12 1.61 15.16
C MET C 89 53.64 3.04 15.00
N LEU C 90 52.41 3.33 15.40
CA LEU C 90 51.90 4.70 15.30
C LEU C 90 52.34 5.57 16.46
N SER C 91 52.75 4.98 17.57
CA SER C 91 53.19 5.70 18.76
C SER C 91 54.53 6.46 18.69
N PRO C 92 55.65 5.96 18.10
CA PRO C 92 56.90 6.74 18.20
C PRO C 92 56.90 8.00 17.34
N GLY C 93 56.06 8.09 16.33
CA GLY C 93 55.95 9.31 15.57
C GLY C 93 54.99 10.28 16.22
N ARG C 94 53.90 9.75 16.80
CA ARG C 94 52.85 10.60 17.36
C ARG C 94 53.32 11.30 18.63
N ARG C 95 54.21 10.68 19.40
CA ARG C 95 54.86 11.39 20.49
C ARG C 95 55.76 12.50 19.96
N LEU C 96 56.46 12.23 18.86
CA LEU C 96 57.23 13.28 18.20
C LEU C 96 56.32 14.27 17.49
N LEU C 97 55.15 13.81 17.02
CA LEU C 97 54.22 14.72 16.37
C LEU C 97 53.59 15.68 17.37
N ASN C 98 53.36 15.23 18.60
CA ASN C 98 52.86 16.12 19.63
C ASN C 98 53.92 17.13 20.04
N SER C 99 55.19 16.73 20.06
CA SER C 99 56.25 17.67 20.36
C SER C 99 56.49 18.63 19.22
N HIS C 100 56.38 18.14 17.98
CA HIS C 100 56.53 18.99 16.81
C HIS C 100 55.26 19.75 16.46
N TRP C 101 54.15 19.52 17.18
CA TRP C 101 52.94 20.28 16.96
C TRP C 101 53.07 21.74 17.37
N PHE C 102 54.07 22.05 18.21
CA PHE C 102 54.46 23.45 18.42
C PHE C 102 54.95 24.08 17.14
N TRP C 103 55.58 23.30 16.26
CA TRP C 103 56.00 23.76 14.95
C TRP C 103 55.01 23.42 13.85
N LEU C 104 54.38 22.24 13.91
CA LEU C 104 53.55 21.77 12.81
C LEU C 104 52.25 22.55 12.68
N LYS C 105 51.74 23.06 13.80
CA LYS C 105 50.51 23.85 13.74
C LYS C 105 50.72 25.21 13.11
N TRP C 106 51.96 25.68 13.05
CA TRP C 106 52.26 26.88 12.28
C TRP C 106 52.58 26.56 10.84
N VAL C 107 52.83 25.29 10.52
CA VAL C 107 53.20 24.90 9.16
C VAL C 107 51.99 24.38 8.41
N ILE C 108 51.36 23.32 8.93
CA ILE C 108 50.31 22.62 8.21
C ILE C 108 49.04 23.47 8.11
N TRP C 109 48.80 24.33 9.11
CA TRP C 109 47.72 25.30 9.00
C TRP C 109 48.06 26.41 8.04
N SER C 110 49.34 26.61 7.73
CA SER C 110 49.74 27.63 6.78
C SER C 110 50.14 27.05 5.43
N SER C 111 50.47 25.76 5.38
CA SER C 111 50.82 25.15 4.11
C SER C 111 49.59 24.97 3.23
N LEU C 112 48.44 24.72 3.85
CA LEU C 112 47.22 24.51 3.07
C LEU C 112 46.68 25.83 2.53
N VAL C 113 46.84 26.91 3.28
CA VAL C 113 46.39 28.22 2.83
C VAL C 113 47.22 28.67 1.64
N LEU C 114 48.52 28.42 1.68
CA LEU C 114 49.37 28.66 0.52
C LEU C 114 49.01 27.71 -0.62
N ALA C 115 48.53 26.52 -0.29
CA ALA C 115 48.12 25.58 -1.33
C ALA C 115 46.82 26.02 -1.98
N VAL C 116 45.92 26.65 -1.20
CA VAL C 116 44.66 27.12 -1.77
C VAL C 116 44.88 28.33 -2.68
N ILE C 117 45.63 29.32 -2.18
CA ILE C 117 45.79 30.59 -2.89
C ILE C 117 46.60 30.38 -4.17
N PHE C 118 47.58 29.48 -4.14
CA PHE C 118 48.26 29.10 -5.38
C PHE C 118 47.33 28.38 -6.32
N TRP C 119 46.38 27.62 -5.77
CA TRP C 119 45.43 26.91 -6.63
C TRP C 119 44.32 27.85 -7.10
N LEU C 120 44.14 28.98 -6.41
CA LEU C 120 43.21 30.00 -6.89
C LEU C 120 43.83 30.84 -7.99
N ALA C 121 45.12 30.64 -8.27
CA ALA C 121 45.70 31.20 -9.47
C ALA C 121 45.45 30.29 -10.67
N PHE C 122 44.89 29.11 -10.44
CA PHE C 122 44.73 28.13 -11.51
C PHE C 122 43.32 27.56 -11.55
N ASP C 123 42.34 28.28 -11.01
CA ASP C 123 40.95 28.07 -11.39
C ASP C 123 40.44 29.19 -12.27
N THR C 124 41.13 30.34 -12.26
CA THR C 124 40.71 31.50 -13.04
C THR C 124 40.87 31.24 -14.53
N ALA C 125 41.80 30.37 -14.91
CA ALA C 125 41.95 29.98 -16.30
C ALA C 125 40.77 29.17 -16.79
N LYS C 126 40.06 28.49 -15.89
CA LYS C 126 38.85 27.77 -16.27
C LYS C 126 37.71 28.75 -16.55
N LEU C 127 37.28 29.49 -15.52
CA LEU C 127 36.30 30.56 -15.71
C LEU C 127 36.48 31.55 -14.57
N GLY C 128 36.99 32.73 -14.89
CA GLY C 128 37.15 33.74 -13.87
C GLY C 128 35.86 34.38 -13.42
N GLN C 129 34.79 34.20 -14.20
CA GLN C 129 33.54 34.90 -13.91
C GLN C 129 32.82 34.29 -12.71
N GLN C 130 32.43 33.03 -12.82
CA GLN C 130 31.58 32.42 -11.81
C GLN C 130 32.30 31.52 -10.83
N GLN C 131 33.47 30.97 -11.19
CA GLN C 131 34.10 30.00 -10.33
C GLN C 131 34.77 30.65 -9.13
N LEU C 132 35.10 31.92 -9.23
CA LEU C 132 35.55 32.65 -8.05
C LEU C 132 34.39 32.94 -7.12
N VAL C 133 33.19 33.09 -7.68
CA VAL C 133 32.01 33.36 -6.88
C VAL C 133 31.63 32.11 -6.08
N SER C 134 31.89 30.93 -6.66
CA SER C 134 31.64 29.68 -5.95
C SER C 134 32.55 29.54 -4.75
N PHE C 135 33.84 29.84 -4.92
CA PHE C 135 34.73 29.90 -3.78
C PHE C 135 34.38 31.07 -2.88
N GLY C 136 33.90 32.16 -3.46
CA GLY C 136 33.36 33.25 -2.66
C GLY C 136 32.07 32.85 -1.95
N GLY C 137 31.37 31.87 -2.49
CA GLY C 137 30.16 31.41 -1.84
C GLY C 137 30.43 30.37 -0.77
N LEU C 138 31.43 29.52 -0.98
CA LEU C 138 31.75 28.47 -0.03
C LEU C 138 32.15 29.03 1.32
N ILE C 139 32.90 30.14 1.31
CA ILE C 139 33.13 30.88 2.55
C ILE C 139 31.84 31.48 3.07
N MET C 140 30.98 31.96 2.16
CA MET C 140 29.77 32.63 2.59
C MET C 140 28.77 31.65 3.19
N TYR C 141 28.79 30.39 2.75
CA TYR C 141 27.92 29.41 3.39
C TYR C 141 28.43 29.04 4.78
N ILE C 142 29.75 29.04 4.96
CA ILE C 142 30.32 28.86 6.29
C ILE C 142 29.89 30.00 7.21
N VAL C 143 29.97 31.23 6.69
CA VAL C 143 29.58 32.41 7.46
C VAL C 143 28.08 32.40 7.73
N LEU C 144 27.28 31.94 6.77
CA LEU C 144 25.84 31.83 7.00
C LEU C 144 25.49 30.77 8.03
N LEU C 145 26.38 29.80 8.25
CA LEU C 145 26.15 28.85 9.33
C LEU C 145 26.82 29.32 10.62
N PHE C 146 27.99 29.96 10.52
CA PHE C 146 28.73 30.33 11.72
C PHE C 146 28.08 31.48 12.45
N LEU C 147 27.56 32.46 11.71
CA LEU C 147 26.86 33.56 12.37
C LEU C 147 25.53 33.10 12.93
N PHE C 148 24.91 32.09 12.33
CA PHE C 148 23.63 31.60 12.79
C PHE C 148 23.73 30.24 13.47
N SER C 149 24.92 29.79 13.82
CA SER C 149 25.02 28.66 14.74
C SER C 149 24.63 29.13 16.13
N LYS C 150 24.21 28.18 16.96
CA LYS C 150 23.82 28.57 18.31
C LYS C 150 25.00 28.56 19.26
N TYR C 151 26.05 27.82 18.93
CA TYR C 151 27.29 27.79 19.70
C TYR C 151 28.41 28.30 18.81
N PRO C 152 28.58 29.63 18.67
CA PRO C 152 29.67 30.11 17.82
C PRO C 152 31.03 29.99 18.47
N THR C 153 31.12 30.25 19.78
CA THR C 153 32.39 30.15 20.48
C THR C 153 32.77 28.72 20.81
N ARG C 154 31.82 27.78 20.71
CA ARG C 154 32.08 26.39 21.04
C ARG C 154 32.39 25.55 19.82
N VAL C 155 32.71 26.18 18.69
CA VAL C 155 33.02 25.45 17.47
C VAL C 155 34.38 24.77 17.61
N TYR C 156 34.40 23.45 17.45
CA TYR C 156 35.65 22.71 17.30
C TYR C 156 35.91 22.61 15.80
N TRP C 157 36.91 23.36 15.33
CA TRP C 157 37.06 23.61 13.90
C TRP C 157 37.73 22.47 13.16
N ARG C 158 38.13 21.41 13.85
CA ARG C 158 38.84 20.32 13.18
C ARG C 158 37.95 19.50 12.25
N PRO C 159 36.67 19.22 12.54
CA PRO C 159 35.81 18.69 11.46
C PRO C 159 35.51 19.71 10.39
N VAL C 160 35.10 20.91 10.77
CA VAL C 160 34.33 21.76 9.86
C VAL C 160 35.23 22.42 8.82
N LEU C 161 36.54 22.39 9.04
CA LEU C 161 37.49 22.80 8.02
C LEU C 161 37.92 21.59 7.20
N TRP C 162 38.17 20.47 7.87
CA TRP C 162 38.63 19.30 7.16
C TRP C 162 37.47 18.58 6.48
N GLY C 163 36.24 18.81 6.95
CA GLY C 163 35.08 18.28 6.26
C GLY C 163 34.87 18.94 4.92
N ILE C 164 35.28 20.19 4.78
CA ILE C 164 35.39 20.78 3.46
C ILE C 164 36.69 20.32 2.79
N GLY C 165 37.71 20.08 3.58
CA GLY C 165 38.97 19.62 3.01
C GLY C 165 38.91 18.19 2.52
N LEU C 166 38.02 17.38 3.08
CA LEU C 166 37.81 16.05 2.53
C LEU C 166 37.16 16.12 1.16
N GLN C 167 35.98 16.74 1.08
CA GLN C 167 35.20 16.76 -0.15
C GLN C 167 35.89 17.56 -1.25
N PHE C 168 36.76 18.50 -0.88
CA PHE C 168 37.54 19.19 -1.90
C PHE C 168 38.64 18.28 -2.43
N LEU C 169 39.34 17.60 -1.52
CA LEU C 169 40.29 16.58 -1.95
C LEU C 169 39.56 15.39 -2.56
N LEU C 170 38.32 15.15 -2.15
CA LEU C 170 37.53 14.11 -2.81
C LEU C 170 37.04 14.61 -4.16
N GLY C 171 36.63 15.87 -4.23
CA GLY C 171 36.09 16.39 -5.48
C GLY C 171 37.15 16.66 -6.52
N LEU C 172 38.34 17.09 -6.08
CA LEU C 172 39.42 17.35 -7.03
C LEU C 172 39.94 16.05 -7.63
N LEU C 173 39.81 14.96 -6.89
CA LEU C 173 40.17 13.66 -7.45
C LEU C 173 39.15 13.21 -8.48
N ILE C 174 37.86 13.40 -8.22
CA ILE C 174 36.87 12.71 -9.05
C ILE C 174 36.09 13.67 -9.92
N LEU C 175 36.40 14.96 -9.88
CA LEU C 175 35.96 15.86 -10.95
C LEU C 175 37.13 16.33 -11.81
N ARG C 176 38.21 16.78 -11.18
CA ARG C 176 39.26 17.45 -11.91
C ARG C 176 40.20 16.46 -12.58
N THR C 177 40.67 15.46 -11.85
CA THR C 177 41.67 14.56 -12.40
C THR C 177 41.03 13.55 -13.35
N ASP C 178 41.79 13.14 -14.36
CA ASP C 178 41.25 12.28 -15.40
C ASP C 178 41.00 10.83 -15.00
N PRO C 179 41.85 10.13 -14.23
CA PRO C 179 41.43 8.78 -13.79
C PRO C 179 40.26 8.78 -12.82
N GLY C 180 40.09 9.85 -12.04
CA GLY C 180 38.92 9.94 -11.21
C GLY C 180 37.65 10.20 -12.01
N PHE C 181 37.78 10.85 -13.16
CA PHE C 181 36.64 11.03 -14.04
C PHE C 181 36.29 9.73 -14.75
N ILE C 182 37.28 8.91 -15.06
CA ILE C 182 37.02 7.63 -15.72
C ILE C 182 36.29 6.69 -14.78
N ALA C 183 36.59 6.76 -13.48
CA ALA C 183 35.99 5.86 -12.51
C ALA C 183 34.51 6.16 -12.32
N PHE C 184 34.17 7.38 -11.92
CA PHE C 184 32.79 7.69 -11.58
C PHE C 184 31.91 7.85 -12.81
N ASP C 185 32.51 8.01 -13.99
CA ASP C 185 31.71 7.85 -15.20
C ASP C 185 31.34 6.39 -15.39
N TRP C 186 32.33 5.50 -15.32
CA TRP C 186 32.08 4.07 -15.46
C TRP C 186 31.23 3.55 -14.32
N LEU C 187 31.49 4.00 -13.09
CA LEU C 187 30.62 3.63 -11.98
C LEU C 187 29.26 4.28 -12.13
N GLY C 188 29.19 5.41 -12.82
CA GLY C 188 27.90 5.98 -13.15
C GLY C 188 27.22 5.23 -14.26
N ARG C 189 27.97 4.79 -15.26
CA ARG C 189 27.35 4.19 -16.44
C ARG C 189 26.91 2.76 -16.16
N GLN C 190 27.56 2.09 -15.20
CA GLN C 190 27.13 0.74 -14.88
C GLN C 190 25.93 0.74 -13.96
N VAL C 191 25.67 1.87 -13.30
CA VAL C 191 24.35 2.03 -12.66
C VAL C 191 23.29 2.16 -13.74
N GLN C 192 23.60 2.87 -14.82
CA GLN C 192 22.67 3.05 -15.93
C GLN C 192 22.33 1.72 -16.60
N THR C 193 23.18 0.70 -16.45
CA THR C 193 22.82 -0.63 -16.90
C THR C 193 21.81 -1.29 -15.96
N PHE C 194 21.81 -0.90 -14.67
CA PHE C 194 20.79 -1.43 -13.77
C PHE C 194 19.44 -0.80 -14.06
N LEU C 195 19.44 0.38 -14.66
CA LEU C 195 18.21 1.00 -15.13
C LEU C 195 17.56 0.18 -16.23
N GLU C 196 18.37 -0.60 -16.97
CA GLU C 196 17.81 -1.48 -17.99
C GLU C 196 17.38 -2.81 -17.41
N TYR C 197 17.98 -3.22 -16.29
CA TYR C 197 17.71 -4.57 -15.78
C TYR C 197 16.32 -4.65 -15.17
N THR C 198 15.76 -3.51 -14.79
CA THR C 198 14.41 -3.51 -14.25
C THR C 198 13.37 -3.57 -15.36
N ASP C 199 13.81 -3.52 -16.63
CA ASP C 199 12.86 -3.60 -17.74
C ASP C 199 12.53 -5.04 -18.08
N ALA C 200 13.05 -5.99 -17.32
CA ALA C 200 12.47 -7.33 -17.34
C ALA C 200 11.30 -7.40 -16.37
N GLY C 201 11.42 -6.71 -15.23
CA GLY C 201 10.37 -6.75 -14.25
C GLY C 201 9.23 -5.80 -14.56
N ALA C 202 9.57 -4.56 -14.91
CA ALA C 202 8.54 -3.56 -15.16
C ALA C 202 7.81 -3.82 -16.47
N SER C 203 8.44 -4.55 -17.40
CA SER C 203 7.74 -4.95 -18.61
C SER C 203 6.86 -6.15 -18.36
N PHE C 204 6.98 -6.77 -17.19
CA PHE C 204 6.19 -7.96 -16.91
C PHE C 204 5.03 -7.65 -15.98
N VAL C 205 5.31 -6.97 -14.88
CA VAL C 205 4.25 -6.60 -13.95
C VAL C 205 3.33 -5.57 -14.59
N PHE C 206 3.86 -4.79 -15.52
CA PHE C 206 3.10 -3.72 -16.11
C PHE C 206 3.02 -3.82 -17.62
N GLY C 207 3.27 -4.99 -18.19
CA GLY C 207 3.07 -5.20 -19.61
C GLY C 207 4.10 -4.51 -20.48
N GLU C 208 3.99 -4.78 -21.79
CA GLU C 208 4.88 -4.15 -22.75
C GLU C 208 4.57 -2.68 -22.96
N LYS C 209 3.40 -2.23 -22.49
CA LYS C 209 3.03 -0.83 -22.60
C LYS C 209 3.53 0.00 -21.43
N TYR C 210 4.54 -0.48 -20.70
CA TYR C 210 5.03 0.22 -19.51
C TYR C 210 5.73 1.52 -19.83
N LYS C 211 6.08 1.75 -21.10
CA LYS C 211 6.61 3.05 -21.50
C LYS C 211 5.53 4.12 -21.41
N ASP C 212 4.26 3.73 -21.57
CA ASP C 212 3.17 4.60 -21.18
C ASP C 212 3.14 4.71 -19.67
N HIS C 213 2.72 5.87 -19.17
CA HIS C 213 2.69 6.21 -17.75
C HIS C 213 4.09 6.08 -17.15
N PHE C 214 5.02 6.91 -17.63
CA PHE C 214 6.43 6.57 -17.55
C PHE C 214 6.97 6.63 -16.12
N PHE C 215 6.37 7.44 -15.24
CA PHE C 215 6.93 7.53 -13.91
C PHE C 215 6.56 6.33 -13.05
N ALA C 216 5.28 6.00 -12.97
CA ALA C 216 4.87 4.99 -12.00
C ALA C 216 5.16 3.57 -12.48
N PHE C 217 5.57 3.44 -13.73
CA PHE C 217 5.60 2.13 -14.36
C PHE C 217 6.99 1.76 -14.81
N LYS C 218 7.83 2.77 -15.02
CA LYS C 218 9.26 2.58 -15.20
C LYS C 218 10.05 3.03 -13.99
N VAL C 219 9.84 4.26 -13.52
CA VAL C 219 10.73 4.86 -12.53
C VAL C 219 10.47 4.29 -11.15
N LEU C 220 9.21 4.12 -10.76
CA LEU C 220 8.92 3.49 -9.48
C LEU C 220 9.30 2.02 -9.37
N PRO C 221 9.34 1.20 -10.44
CA PRO C 221 10.03 -0.08 -10.31
C PRO C 221 11.53 0.02 -10.07
N ILE C 222 12.17 1.09 -10.52
CA ILE C 222 13.59 1.27 -10.25
C ILE C 222 13.82 1.51 -8.76
N VAL C 223 12.88 2.18 -8.12
CA VAL C 223 12.93 2.36 -6.67
C VAL C 223 12.74 1.02 -5.97
N VAL C 224 11.91 0.15 -6.55
CA VAL C 224 11.74 -1.19 -6.00
C VAL C 224 12.99 -2.01 -6.21
N PHE C 225 13.54 -1.98 -7.43
CA PHE C 225 14.71 -2.79 -7.72
C PHE C 225 15.95 -2.28 -7.03
N PHE C 226 16.02 -0.99 -6.73
CA PHE C 226 17.20 -0.57 -5.98
C PHE C 226 16.99 -0.78 -4.49
N SER C 227 15.75 -0.82 -4.02
CA SER C 227 15.54 -1.17 -2.62
C SER C 227 15.75 -2.66 -2.38
N THR C 228 15.69 -3.47 -3.44
CA THR C 228 15.94 -4.89 -3.24
C THR C 228 17.41 -5.21 -3.48
N VAL C 229 18.14 -4.32 -4.15
CA VAL C 229 19.58 -4.51 -4.26
C VAL C 229 20.27 -3.99 -3.00
N MET C 230 19.79 -2.86 -2.46
CA MET C 230 20.38 -2.29 -1.25
C MET C 230 20.26 -3.22 -0.06
N SER C 231 19.21 -4.01 0.00
CA SER C 231 19.07 -4.91 1.15
C SER C 231 19.90 -6.17 0.96
N MET C 232 20.09 -6.60 -0.29
CA MET C 232 21.00 -7.71 -0.54
C MET C 232 22.44 -7.30 -0.24
N LEU C 233 22.80 -6.07 -0.57
CA LEU C 233 24.16 -5.61 -0.27
C LEU C 233 24.30 -5.33 1.22
N TYR C 234 23.21 -5.05 1.90
CA TYR C 234 23.27 -4.91 3.34
C TYR C 234 23.33 -6.27 4.03
N TYR C 235 22.68 -7.28 3.44
CA TYR C 235 22.75 -8.62 3.99
C TYR C 235 24.11 -9.24 3.76
N LEU C 236 24.69 -9.04 2.58
CA LEU C 236 26.00 -9.60 2.28
C LEU C 236 27.13 -8.88 3.00
N GLY C 237 26.84 -7.82 3.76
CA GLY C 237 27.86 -7.07 4.44
C GLY C 237 28.56 -6.04 3.59
N LEU C 238 28.38 -6.09 2.27
CA LEU C 238 29.06 -5.16 1.36
C LEU C 238 28.61 -3.73 1.60
N MET C 239 27.36 -3.54 2.00
CA MET C 239 26.92 -2.20 2.32
C MET C 239 27.40 -1.79 3.70
N GLN C 240 27.51 -2.75 4.61
CA GLN C 240 28.07 -2.47 5.92
C GLN C 240 29.58 -2.27 5.82
N TRP C 241 30.20 -2.81 4.77
CA TRP C 241 31.65 -2.75 4.68
C TRP C 241 32.14 -1.40 4.19
N ILE C 242 31.48 -0.85 3.17
CA ILE C 242 31.90 0.44 2.63
C ILE C 242 31.65 1.54 3.65
N ILE C 243 30.58 1.41 4.43
CA ILE C 243 30.29 2.37 5.49
C ILE C 243 31.36 2.32 6.57
N ARG C 244 31.89 1.12 6.87
CA ARG C 244 32.96 1.04 7.85
C ARG C 244 34.29 1.51 7.27
N LYS C 245 34.41 1.56 5.95
CA LYS C 245 35.66 2.04 5.36
C LYS C 245 35.58 3.53 5.06
N VAL C 246 34.49 3.99 4.46
CA VAL C 246 34.30 5.42 4.24
C VAL C 246 34.15 6.14 5.57
N GLY C 247 33.48 5.48 6.54
CA GLY C 247 33.31 6.09 7.85
C GLY C 247 34.60 6.26 8.61
N TRP C 248 35.42 5.21 8.67
CA TRP C 248 36.65 5.28 9.45
C TRP C 248 37.67 6.24 8.83
N ILE C 249 37.68 6.34 7.49
CA ILE C 249 38.46 7.38 6.84
C ILE C 249 37.92 8.76 7.22
N MET C 250 36.61 8.88 7.27
CA MET C 250 36.01 10.15 7.63
C MET C 250 36.03 10.37 9.14
N LEU C 251 36.23 9.29 9.91
CA LEU C 251 36.23 9.43 11.36
C LEU C 251 37.51 10.08 11.85
N VAL C 252 38.65 9.45 11.59
CA VAL C 252 39.91 9.85 12.19
C VAL C 252 40.35 11.19 11.63
N THR C 253 40.03 11.44 10.36
CA THR C 253 40.40 12.70 9.74
C THR C 253 39.55 13.87 10.25
N THR C 254 38.34 13.59 10.72
CA THR C 254 37.52 14.68 11.26
C THR C 254 37.44 14.62 12.77
N GLY C 255 37.62 13.45 13.37
CA GLY C 255 37.59 13.36 14.82
C GLY C 255 36.21 13.50 15.42
N SER C 256 35.16 13.20 14.66
CA SER C 256 33.81 13.28 15.19
C SER C 256 33.53 12.04 16.05
N SER C 257 32.33 11.98 16.60
CA SER C 257 31.96 10.86 17.44
C SER C 257 31.79 9.61 16.58
N PRO C 258 32.16 8.43 17.11
CA PRO C 258 32.18 7.23 16.27
C PRO C 258 30.83 6.71 15.84
N ILE C 259 29.73 7.23 16.38
CA ILE C 259 28.43 6.96 15.80
C ILE C 259 28.20 7.84 14.59
N GLU C 260 28.59 9.12 14.71
CA GLU C 260 28.26 10.09 13.68
C GLU C 260 29.01 9.83 12.39
N SER C 261 30.23 9.32 12.47
CA SER C 261 30.96 8.98 11.27
C SER C 261 30.37 7.75 10.59
N VAL C 262 29.62 6.93 11.34
CA VAL C 262 28.90 5.83 10.71
C VAL C 262 27.64 6.34 10.03
N VAL C 263 26.90 7.23 10.68
CA VAL C 263 25.62 7.67 10.15
C VAL C 263 25.81 8.59 8.95
N ALA C 264 26.79 9.50 9.05
CA ALA C 264 27.03 10.43 7.94
C ALA C 264 27.56 9.71 6.72
N SER C 265 28.46 8.76 6.92
CA SER C 265 28.90 7.93 5.79
C SER C 265 27.83 6.93 5.40
N GLY C 266 26.96 6.57 6.34
CA GLY C 266 25.88 5.66 6.02
C GLY C 266 24.81 6.32 5.16
N ASN C 267 24.66 7.63 5.30
CA ASN C 267 23.66 8.35 4.53
C ASN C 267 24.02 8.48 3.06
N ILE C 268 25.25 8.13 2.67
CA ILE C 268 25.60 7.99 1.27
C ILE C 268 24.69 6.97 0.59
N PHE C 269 24.41 5.88 1.28
CA PHE C 269 23.74 4.74 0.68
C PHE C 269 22.28 4.61 1.09
N VAL C 270 22.01 4.51 2.38
CA VAL C 270 20.66 4.34 2.86
C VAL C 270 20.04 5.72 3.11
N GLY C 271 18.73 5.76 3.20
CA GLY C 271 18.00 7.01 3.25
C GLY C 271 18.08 7.71 4.58
N GLN C 272 17.21 8.70 4.73
CA GLN C 272 17.18 9.49 5.95
C GLN C 272 16.53 8.73 7.10
N THR C 273 15.65 7.76 6.80
CA THR C 273 14.94 7.05 7.83
C THR C 273 15.54 5.68 8.13
N GLU C 274 16.59 5.30 7.40
CA GLU C 274 17.24 4.03 7.65
C GLU C 274 18.67 4.20 8.16
N SER C 275 19.21 5.41 8.09
CA SER C 275 20.55 5.64 8.63
C SER C 275 20.61 5.63 10.16
N PRO C 276 19.68 6.23 10.92
CA PRO C 276 19.73 6.00 12.38
C PRO C 276 19.29 4.62 12.78
N LEU C 277 18.70 3.84 11.86
CA LEU C 277 18.37 2.46 12.17
C LEU C 277 19.63 1.61 12.24
N LEU C 278 20.73 2.10 11.66
CA LEU C 278 22.02 1.42 11.80
C LEU C 278 22.51 1.44 13.24
N VAL C 279 22.28 2.54 13.95
CA VAL C 279 22.83 2.74 15.27
C VAL C 279 21.72 2.78 16.31
N ARG C 280 20.58 2.17 15.99
CA ARG C 280 19.41 2.29 16.86
C ARG C 280 19.52 1.72 18.27
N PRO C 281 20.40 0.75 18.63
CA PRO C 281 20.55 0.50 20.08
C PRO C 281 21.30 1.60 20.80
N TYR C 282 22.01 2.46 20.07
CA TYR C 282 22.84 3.48 20.68
C TYR C 282 22.24 4.87 20.60
N LEU C 283 21.04 5.02 20.07
CA LEU C 283 20.45 6.34 19.90
C LEU C 283 19.99 7.06 21.18
N PRO C 284 19.51 6.41 22.26
CA PRO C 284 19.22 7.21 23.47
C PRO C 284 20.46 7.71 24.21
N TYR C 285 21.67 7.33 23.82
CA TYR C 285 22.85 7.67 24.60
C TYR C 285 23.67 8.79 23.98
N ILE C 286 23.32 9.24 22.77
CA ILE C 286 24.10 10.24 22.07
C ILE C 286 23.79 11.62 22.60
N THR C 287 24.63 12.60 22.25
CA THR C 287 24.35 13.96 22.67
C THR C 287 23.40 14.63 21.69
N LYS C 288 23.03 15.87 22.02
CA LYS C 288 22.10 16.61 21.19
C LYS C 288 22.74 17.03 19.87
N SER C 289 24.06 17.23 19.87
CA SER C 289 24.72 17.59 18.64
C SER C 289 25.14 16.37 17.86
N GLU C 290 25.36 15.26 18.56
CA GLU C 290 25.58 14.00 17.87
C GLU C 290 24.29 13.54 17.20
N LEU C 291 23.16 13.92 17.75
CA LEU C 291 21.87 13.59 17.15
C LEU C 291 21.53 14.57 16.04
N HIS C 292 21.91 15.84 16.20
CA HIS C 292 21.69 16.82 15.15
C HIS C 292 22.43 16.46 13.88
N ALA C 293 23.67 16.01 14.02
CA ALA C 293 24.44 15.71 12.83
C ALA C 293 24.04 14.38 12.22
N ILE C 294 23.39 13.51 13.01
CA ILE C 294 22.74 12.33 12.44
C ILE C 294 21.56 12.75 11.58
N MET C 295 20.74 13.68 12.06
CA MET C 295 19.58 14.10 11.32
C MET C 295 19.96 14.92 10.10
N THR C 296 20.97 15.79 10.24
CA THR C 296 21.40 16.65 9.14
C THR C 296 21.97 15.84 7.99
N ALA C 297 22.77 14.82 8.31
CA ALA C 297 23.30 13.94 7.27
C ALA C 297 22.19 13.17 6.59
N GLY C 298 21.09 12.92 7.30
CA GLY C 298 19.92 12.35 6.65
C GLY C 298 19.30 13.30 5.64
N PHE C 299 19.26 14.59 5.94
CA PHE C 299 18.71 15.53 4.98
C PHE C 299 19.72 15.86 3.89
N SER C 300 21.00 15.77 4.20
CA SER C 300 22.02 16.28 3.29
C SER C 300 22.26 15.37 2.10
N THR C 301 21.81 14.12 2.16
CA THR C 301 22.12 13.17 1.11
C THR C 301 20.84 12.57 0.54
N ILE C 302 21.01 11.69 -0.44
CA ILE C 302 19.92 10.92 -0.99
C ILE C 302 20.16 9.45 -0.67
N ALA C 303 19.15 8.64 -0.91
CA ALA C 303 19.23 7.21 -0.71
C ALA C 303 19.78 6.54 -1.95
N GLY C 304 20.27 5.32 -1.77
CA GLY C 304 20.52 4.48 -2.93
C GLY C 304 19.25 3.91 -3.51
N SER C 305 18.16 3.97 -2.75
CA SER C 305 16.87 3.53 -3.24
C SER C 305 16.38 4.43 -4.36
N VAL C 306 16.29 5.73 -4.09
CA VAL C 306 15.80 6.69 -5.06
C VAL C 306 16.91 7.23 -5.95
N LEU C 307 18.09 6.63 -5.87
CA LEU C 307 19.22 7.10 -6.67
C LEU C 307 18.99 6.80 -8.13
N GLY C 308 18.40 5.66 -8.44
CA GLY C 308 18.14 5.34 -9.83
C GLY C 308 16.83 5.91 -10.33
N ALA C 309 15.99 6.39 -9.43
CA ALA C 309 14.85 7.17 -9.88
C ALA C 309 15.32 8.47 -10.51
N TYR C 310 16.34 9.08 -9.92
CA TYR C 310 16.80 10.39 -10.37
C TYR C 310 17.53 10.27 -11.70
N ILE C 311 18.25 9.16 -11.91
CA ILE C 311 18.99 8.93 -13.13
C ILE C 311 18.05 8.68 -14.30
N SER C 312 16.94 7.99 -14.03
CA SER C 312 16.00 7.64 -15.09
C SER C 312 15.27 8.87 -15.62
N PHE C 313 15.23 9.95 -14.84
CA PHE C 313 14.67 11.19 -15.37
C PHE C 313 15.57 11.75 -16.46
N GLY C 314 16.89 11.59 -16.32
CA GLY C 314 17.81 12.09 -17.31
C GLY C 314 18.99 12.81 -16.69
N VAL C 315 19.00 12.88 -15.36
CA VAL C 315 20.09 13.52 -14.60
C VAL C 315 21.37 12.74 -14.81
N PRO C 316 22.52 13.40 -15.00
CA PRO C 316 23.79 12.66 -15.17
C PRO C 316 24.14 11.84 -13.96
N SER C 317 24.34 10.54 -14.19
CA SER C 317 24.54 9.60 -13.09
C SER C 317 25.91 9.77 -12.45
N SER C 318 26.90 10.18 -13.25
CA SER C 318 28.26 10.30 -12.72
C SER C 318 28.35 11.46 -11.74
N HIS C 319 27.60 12.52 -11.98
CA HIS C 319 27.63 13.65 -11.06
C HIS C 319 26.79 13.38 -9.83
N LEU C 320 25.68 12.65 -9.99
CA LEU C 320 24.79 12.44 -8.86
C LEU C 320 25.38 11.42 -7.88
N LEU C 321 26.14 10.45 -8.39
CA LEU C 321 26.92 9.59 -7.50
C LEU C 321 28.02 10.38 -6.81
N THR C 322 28.65 11.29 -7.54
CA THR C 322 29.68 12.17 -6.97
C THR C 322 29.12 13.02 -5.84
N ALA C 323 27.89 13.52 -6.01
CA ALA C 323 27.31 14.40 -5.01
C ALA C 323 26.92 13.66 -3.74
N SER C 324 26.56 12.39 -3.87
CA SER C 324 26.21 11.60 -2.70
C SER C 324 27.44 11.30 -1.85
N VAL C 325 28.59 11.12 -2.50
CA VAL C 325 29.81 10.82 -1.76
C VAL C 325 30.33 12.08 -1.07
N MET C 326 30.27 13.22 -1.74
CA MET C 326 30.82 14.43 -1.15
C MET C 326 29.89 15.02 -0.10
N SER C 327 28.65 14.56 -0.05
CA SER C 327 27.73 15.14 0.91
C SER C 327 27.93 14.56 2.31
N ALA C 328 28.60 13.42 2.41
CA ALA C 328 28.92 12.88 3.73
C ALA C 328 29.98 13.70 4.49
N PRO C 329 31.09 14.15 3.90
CA PRO C 329 31.92 15.09 4.67
C PRO C 329 31.30 16.47 4.75
N ALA C 330 30.44 16.83 3.80
CA ALA C 330 29.73 18.10 3.88
C ALA C 330 28.74 18.09 5.02
N SER C 331 28.18 16.92 5.32
CA SER C 331 27.26 16.81 6.44
C SER C 331 27.98 17.02 7.76
N LEU C 332 29.24 16.59 7.86
CA LEU C 332 30.01 16.90 9.05
C LEU C 332 30.39 18.36 9.08
N ALA C 333 30.80 18.90 7.94
CA ALA C 333 31.31 20.26 7.91
C ALA C 333 30.21 21.29 8.06
N ALA C 334 28.95 20.88 7.87
CA ALA C 334 27.86 21.80 8.10
C ALA C 334 27.25 21.61 9.48
N ALA C 335 26.99 20.38 9.90
CA ALA C 335 26.25 20.17 11.13
C ALA C 335 27.11 20.35 12.36
N LYS C 336 28.39 20.01 12.28
CA LYS C 336 29.28 20.30 13.40
C LYS C 336 29.64 21.78 13.45
N LEU C 337 29.36 22.51 12.38
CA LEU C 337 29.55 23.95 12.42
C LEU C 337 28.29 24.66 12.86
N PHE C 338 27.12 24.09 12.55
CA PHE C 338 25.88 24.82 12.77
C PHE C 338 25.34 24.54 14.17
N TRP C 339 25.71 23.40 14.74
CA TRP C 339 25.30 23.03 16.09
C TRP C 339 26.39 22.12 16.65
N PRO C 340 27.48 22.70 17.18
CA PRO C 340 28.64 21.90 17.55
C PRO C 340 28.41 21.14 18.84
N GLU C 341 29.35 20.24 19.13
CA GLU C 341 29.20 19.33 20.25
C GLU C 341 30.03 19.82 21.43
N THR C 342 29.44 19.79 22.62
CA THR C 342 30.10 20.29 23.81
C THR C 342 30.41 19.21 24.84
N GLU C 343 29.40 18.44 25.26
CA GLU C 343 29.47 17.68 26.50
C GLU C 343 30.51 16.56 26.48
N LYS C 344 30.18 15.46 25.80
CA LYS C 344 31.06 14.31 25.70
C LYS C 344 30.53 13.33 24.66
N PRO C 345 31.32 12.94 23.68
CA PRO C 345 30.92 11.78 22.86
C PRO C 345 31.06 10.50 23.66
N LYS C 346 29.93 9.95 24.11
CA LYS C 346 29.97 8.91 25.13
C LYS C 346 30.13 7.50 24.56
N ILE C 347 29.96 7.33 23.25
CA ILE C 347 29.89 6.00 22.65
C ILE C 347 31.00 5.86 21.64
N THR C 348 31.75 4.76 21.73
CA THR C 348 32.78 4.43 20.75
C THR C 348 32.60 3.00 20.30
N LEU C 349 33.06 2.72 19.07
CA LEU C 349 32.97 1.43 18.38
C LEU C 349 31.51 0.98 18.27
N LYS C 350 30.74 1.74 17.51
CA LYS C 350 29.37 1.35 17.20
C LYS C 350 29.24 0.75 15.80
N ASN C 351 30.25 0.95 14.95
CA ASN C 351 30.22 0.33 13.62
C ASN C 351 30.36 -1.19 13.71
N ALA C 352 31.28 -1.66 14.55
CA ALA C 352 31.43 -3.10 14.72
C ALA C 352 30.27 -3.68 15.50
N MET C 353 29.61 -2.86 16.32
CA MET C 353 28.40 -3.31 16.98
C MET C 353 27.20 -3.27 16.04
N LYS C 354 27.29 -2.49 14.96
CA LYS C 354 26.20 -2.39 13.98
C LYS C 354 26.12 -3.68 13.18
N MET C 355 24.95 -4.33 13.24
CA MET C 355 24.78 -5.64 12.62
C MET C 355 23.32 -5.80 12.24
N GLU C 356 23.03 -6.93 11.60
CA GLU C 356 21.69 -7.24 11.15
C GLU C 356 20.86 -7.81 12.30
N ASP C 359 16.81 -8.18 10.37
CA ASP C 359 17.77 -9.02 9.68
C ASP C 359 17.10 -9.86 8.61
N SER C 360 17.83 -10.85 8.10
CA SER C 360 17.32 -11.78 7.11
C SER C 360 18.09 -13.07 7.20
N GLY C 361 17.41 -14.18 6.92
CA GLY C 361 18.07 -15.47 6.99
C GLY C 361 18.99 -15.71 5.81
N ASN C 362 18.42 -15.84 4.62
CA ASN C 362 19.20 -16.08 3.42
C ASN C 362 19.20 -14.84 2.55
N LEU C 363 19.74 -14.97 1.34
CA LEU C 363 19.83 -13.83 0.45
C LEU C 363 18.47 -13.46 -0.13
N LEU C 364 17.65 -14.46 -0.43
CA LEU C 364 16.40 -14.19 -1.12
C LEU C 364 15.29 -13.76 -0.16
N GLU C 365 15.48 -13.92 1.15
CA GLU C 365 14.67 -13.18 2.10
C GLU C 365 15.00 -11.71 2.04
N ALA C 366 16.29 -11.39 2.00
CA ALA C 366 16.72 -10.00 1.97
C ALA C 366 16.39 -9.33 0.65
N ALA C 367 16.28 -10.10 -0.43
CA ALA C 367 15.75 -9.53 -1.65
C ALA C 367 14.24 -9.35 -1.58
N THR C 368 13.58 -10.06 -0.68
CA THR C 368 12.15 -9.87 -0.47
C THR C 368 11.87 -8.81 0.58
N GLN C 369 12.62 -8.84 1.69
CA GLN C 369 12.49 -7.80 2.71
C GLN C 369 12.90 -6.44 2.19
N GLY C 370 13.76 -6.42 1.17
CA GLY C 370 14.05 -5.16 0.51
C GLY C 370 12.94 -4.73 -0.42
N ALA C 371 12.26 -5.69 -1.03
CA ALA C 371 11.15 -5.33 -1.90
C ALA C 371 9.90 -5.01 -1.11
N SER C 372 9.67 -5.74 -0.01
CA SER C 372 8.47 -5.48 0.80
C SER C 372 8.64 -4.23 1.66
N SER C 373 9.87 -3.75 1.84
CA SER C 373 10.07 -2.45 2.45
C SER C 373 9.88 -1.35 1.43
N SER C 374 9.89 -1.70 0.15
CA SER C 374 9.65 -0.73 -0.90
C SER C 374 8.17 -0.58 -1.23
N ILE C 375 7.29 -1.18 -0.41
CA ILE C 375 5.86 -0.97 -0.57
C ILE C 375 5.48 0.45 -0.24
N SER C 376 5.78 0.87 0.99
CA SER C 376 5.41 2.21 1.41
C SER C 376 6.34 3.24 0.80
N LEU C 377 7.49 2.81 0.30
CA LEU C 377 8.47 3.76 -0.18
C LEU C 377 8.09 4.28 -1.56
N VAL C 378 7.58 3.41 -2.43
CA VAL C 378 7.14 3.87 -3.75
C VAL C 378 5.71 4.40 -3.67
N ALA C 379 5.03 4.14 -2.56
CA ALA C 379 3.69 4.66 -2.40
C ALA C 379 3.73 6.07 -1.85
N ASN C 380 4.59 6.32 -0.86
CA ASN C 380 4.71 7.66 -0.32
C ASN C 380 5.40 8.61 -1.29
N ILE C 381 6.22 8.08 -2.18
CA ILE C 381 6.76 8.92 -3.25
C ILE C 381 5.67 9.26 -4.25
N ALA C 382 4.83 8.29 -4.60
CA ALA C 382 3.85 8.51 -5.65
C ALA C 382 2.75 9.45 -5.21
N VAL C 383 2.39 9.44 -3.93
CA VAL C 383 1.29 10.30 -3.50
C VAL C 383 1.80 11.68 -3.12
N ASN C 384 3.09 11.80 -2.81
CA ASN C 384 3.65 13.13 -2.60
C ASN C 384 3.73 13.89 -3.90
N LEU C 385 4.07 13.19 -4.98
CA LEU C 385 4.21 13.86 -6.26
C LEU C 385 2.86 14.05 -6.92
N ILE C 386 1.82 13.43 -6.37
CA ILE C 386 0.47 13.87 -6.66
C ILE C 386 0.12 15.07 -5.80
N ALA C 387 0.51 15.03 -4.53
CA ALA C 387 0.16 16.11 -3.61
C ALA C 387 0.96 17.37 -3.93
N PHE C 388 2.26 17.24 -4.16
CA PHE C 388 3.08 18.44 -4.27
C PHE C 388 3.02 19.06 -5.64
N LEU C 389 2.96 18.25 -6.71
CA LEU C 389 2.85 18.85 -8.03
C LEU C 389 1.49 19.47 -8.27
N ALA C 390 0.48 19.03 -7.54
CA ALA C 390 -0.79 19.73 -7.61
C ALA C 390 -0.73 21.03 -6.81
N LEU C 391 0.10 21.06 -5.77
CA LEU C 391 0.27 22.30 -5.02
C LEU C 391 1.20 23.26 -5.74
N LEU C 392 1.90 22.80 -6.78
CA LEU C 392 2.42 23.78 -7.73
C LEU C 392 1.27 24.45 -8.46
N SER C 393 0.48 23.66 -9.18
CA SER C 393 -0.52 24.21 -10.07
C SER C 393 -1.68 24.82 -9.31
N PHE C 394 -1.80 24.51 -8.02
CA PHE C 394 -2.62 25.34 -7.16
C PHE C 394 -1.97 26.70 -6.95
N MET C 395 -0.75 26.71 -6.41
CA MET C 395 -0.08 27.97 -6.11
C MET C 395 0.35 28.70 -7.38
N ASN C 396 0.54 27.98 -8.48
CA ASN C 396 0.81 28.67 -9.74
C ASN C 396 -0.45 29.29 -10.30
N SER C 397 -1.62 28.85 -9.84
CA SER C 397 -2.86 29.46 -10.32
C SER C 397 -3.50 30.32 -9.23
N ALA C 398 -3.24 30.02 -7.96
CA ALA C 398 -3.74 30.88 -6.90
C ALA C 398 -2.98 32.21 -6.90
N LEU C 399 -1.67 32.15 -7.10
CA LEU C 399 -0.91 33.39 -7.20
C LEU C 399 -1.04 34.01 -8.58
N SER C 400 -1.60 33.27 -9.53
CA SER C 400 -1.88 33.87 -10.82
C SER C 400 -3.04 34.85 -10.73
N TRP C 401 -4.16 34.44 -10.11
CA TRP C 401 -5.25 35.40 -9.99
C TRP C 401 -5.03 36.33 -8.80
N PHE C 402 -4.09 35.98 -7.91
CA PHE C 402 -3.63 36.98 -6.95
C PHE C 402 -2.72 37.98 -7.63
N GLY C 403 -2.04 37.55 -8.70
CA GLY C 403 -1.27 38.49 -9.48
C GLY C 403 -2.13 39.23 -10.50
N ASN C 404 -3.24 38.61 -10.90
CA ASN C 404 -4.16 39.26 -11.85
C ASN C 404 -4.85 40.45 -11.22
N MET C 405 -4.85 40.51 -9.89
CA MET C 405 -5.29 41.68 -9.13
C MET C 405 -4.56 42.93 -9.57
N PHE C 406 -3.24 42.83 -9.74
CA PHE C 406 -2.39 43.97 -10.09
C PHE C 406 -2.04 44.00 -11.55
N ASP C 407 -2.96 43.53 -12.41
CA ASP C 407 -2.82 43.42 -13.86
C ASP C 407 -1.60 42.59 -14.24
N TYR C 408 -1.22 41.63 -13.41
CA TYR C 408 0.06 40.95 -13.53
C TYR C 408 -0.08 39.46 -13.32
N PRO C 409 -0.69 38.72 -14.26
CA PRO C 409 -0.41 37.30 -14.35
C PRO C 409 0.95 37.13 -15.01
N GLN C 410 1.48 35.91 -14.88
CA GLN C 410 2.85 35.37 -14.95
C GLN C 410 3.52 35.56 -13.59
N LEU C 411 2.84 36.15 -12.61
CA LEU C 411 3.27 36.03 -11.22
C LEU C 411 2.87 34.65 -10.75
N SER C 412 3.86 33.78 -10.59
CA SER C 412 3.62 32.41 -10.20
C SER C 412 4.41 32.10 -8.94
N PHE C 413 4.21 30.88 -8.44
CA PHE C 413 5.04 30.37 -7.36
C PHE C 413 6.47 30.16 -7.83
N GLU C 414 6.65 29.87 -9.11
CA GLU C 414 7.97 29.60 -9.65
C GLU C 414 8.78 30.87 -9.76
N LEU C 415 8.12 31.99 -10.04
CA LEU C 415 8.81 33.27 -10.12
C LEU C 415 9.22 33.77 -8.74
N ILE C 416 8.39 33.50 -7.73
CA ILE C 416 8.69 33.98 -6.38
C ILE C 416 9.85 33.19 -5.79
N CYS C 417 9.90 31.89 -6.06
CA CYS C 417 11.03 31.09 -5.56
C CYS C 417 12.31 31.42 -6.29
N SER C 418 12.21 32.01 -7.49
CA SER C 418 13.42 32.44 -8.19
C SER C 418 14.04 33.65 -7.52
N TYR C 419 13.21 34.56 -7.00
CA TYR C 419 13.77 35.78 -6.42
C TYR C 419 14.04 35.61 -4.93
N ILE C 420 13.43 34.61 -4.29
CA ILE C 420 13.78 34.34 -2.90
C ILE C 420 15.16 33.71 -2.83
N PHE C 421 15.46 32.80 -3.73
CA PHE C 421 16.71 32.05 -3.71
C PHE C 421 17.69 32.50 -4.78
N MET C 422 17.40 33.62 -5.44
CA MET C 422 18.44 34.36 -6.16
C MET C 422 19.71 34.62 -5.35
N PRO C 423 19.68 34.90 -4.02
CA PRO C 423 20.95 34.89 -3.28
C PRO C 423 21.70 33.57 -3.32
N PHE C 424 21.06 32.46 -2.93
CA PHE C 424 21.78 31.20 -2.80
C PHE C 424 22.16 30.63 -4.16
N SER C 425 21.39 30.96 -5.20
CA SER C 425 21.71 30.43 -6.53
C SER C 425 22.96 31.10 -7.08
N PHE C 426 23.04 32.41 -6.99
CA PHE C 426 24.22 33.09 -7.51
C PHE C 426 25.41 32.93 -6.58
N MET C 427 25.15 32.66 -5.30
CA MET C 427 26.24 32.49 -4.34
C MET C 427 27.04 31.22 -4.62
N MET C 428 26.38 30.19 -5.12
CA MET C 428 27.09 28.96 -5.45
C MET C 428 27.64 28.98 -6.87
N GLY C 429 27.62 30.14 -7.51
CA GLY C 429 28.34 30.32 -8.75
C GLY C 429 27.64 29.82 -9.98
N VAL C 430 26.45 30.37 -10.22
CA VAL C 430 25.69 30.13 -11.44
C VAL C 430 25.71 31.42 -12.24
N GLU C 431 25.70 31.30 -13.57
CA GLU C 431 25.57 32.46 -14.43
C GLU C 431 24.26 33.20 -14.15
N TRP C 432 24.28 34.51 -14.38
CA TRP C 432 23.14 35.36 -14.04
C TRP C 432 21.94 35.04 -14.90
N GLN C 433 22.15 34.61 -16.14
CA GLN C 433 21.05 34.19 -16.99
C GLN C 433 20.40 32.92 -16.45
N ASP C 434 21.18 32.09 -15.77
CA ASP C 434 20.69 30.83 -15.25
C ASP C 434 20.52 30.81 -13.74
N SER C 435 20.91 31.89 -13.04
CA SER C 435 20.74 31.92 -11.60
C SER C 435 19.27 32.03 -11.24
N PHE C 436 18.48 32.67 -12.09
CA PHE C 436 17.05 32.76 -11.85
C PHE C 436 16.37 31.42 -12.10
N MET C 437 16.88 30.64 -13.05
CA MET C 437 16.20 29.42 -13.43
C MET C 437 16.58 28.26 -12.52
N VAL C 438 17.83 28.27 -12.00
CA VAL C 438 18.22 27.26 -11.03
C VAL C 438 17.58 27.50 -9.68
N ALA C 439 17.27 28.76 -9.34
CA ALA C 439 16.71 29.05 -8.03
C ALA C 439 15.27 28.56 -7.90
N ARG C 440 14.63 28.21 -9.02
CA ARG C 440 13.38 27.46 -8.94
C ARG C 440 13.59 26.08 -8.35
N LEU C 441 14.74 25.46 -8.65
CA LEU C 441 14.99 24.10 -8.23
C LEU C 441 15.27 24.04 -6.73
N ILE C 442 15.95 25.05 -6.20
CA ILE C 442 16.10 25.15 -4.75
C ILE C 442 14.74 25.40 -4.11
N GLY C 443 13.91 26.23 -4.75
CA GLY C 443 12.57 26.45 -4.26
C GLY C 443 11.68 25.23 -4.42
N TYR C 444 11.93 24.43 -5.45
CA TYR C 444 11.23 23.16 -5.58
C TYR C 444 11.70 22.17 -4.54
N LYS C 445 12.98 22.20 -4.18
CA LYS C 445 13.50 21.17 -3.30
C LYS C 445 13.28 21.52 -1.84
N THR C 446 13.26 22.80 -1.50
CA THR C 446 13.13 23.15 -0.09
C THR C 446 11.69 23.03 0.37
N PHE C 447 10.76 23.52 -0.45
CA PHE C 447 9.36 23.48 -0.08
C PHE C 447 8.73 22.13 -0.39
N PHE C 448 8.92 21.65 -1.61
CA PHE C 448 8.36 20.39 -2.07
C PHE C 448 9.47 19.36 -2.05
N ASN C 449 9.15 18.10 -2.33
CA ASN C 449 10.24 17.14 -2.30
C ASN C 449 11.06 17.22 -3.59
N GLU C 450 12.25 16.64 -3.54
CA GLU C 450 13.27 16.86 -4.56
C GLU C 450 12.97 16.15 -5.87
N PHE C 451 12.00 15.23 -5.90
CA PHE C 451 11.56 14.66 -7.16
C PHE C 451 10.89 15.69 -8.03
N VAL C 452 10.24 16.69 -7.43
CA VAL C 452 9.71 17.80 -8.19
C VAL C 452 10.83 18.58 -8.83
N ALA C 453 11.93 18.72 -8.09
CA ALA C 453 13.05 19.50 -8.57
C ALA C 453 13.84 18.77 -9.65
N TYR C 454 13.86 17.44 -9.61
CA TYR C 454 14.72 16.73 -10.55
C TYR C 454 14.10 16.54 -11.92
N GLU C 455 12.80 16.28 -12.02
CA GLU C 455 12.29 16.15 -13.37
C GLU C 455 12.05 17.52 -14.00
N HIS C 456 11.77 18.52 -13.18
CA HIS C 456 11.81 19.88 -13.69
C HIS C 456 13.23 20.31 -14.01
N LEU C 457 14.24 19.68 -13.39
CA LEU C 457 15.58 19.75 -13.96
C LEU C 457 15.68 18.93 -15.23
N SER C 458 15.10 17.73 -15.23
CA SER C 458 15.26 16.85 -16.38
C SER C 458 14.35 17.24 -17.54
N LYS C 459 13.38 18.14 -17.32
CA LYS C 459 12.79 18.81 -18.47
C LYS C 459 13.77 19.74 -19.13
N TRP C 460 14.79 20.19 -18.41
CA TRP C 460 15.76 21.14 -18.93
C TRP C 460 17.08 20.48 -19.27
N ILE C 461 17.37 19.33 -18.65
CA ILE C 461 18.41 18.44 -19.17
C ILE C 461 18.05 18.01 -20.57
N HIS C 462 16.88 17.39 -20.73
CA HIS C 462 16.46 16.81 -21.99
C HIS C 462 16.21 17.86 -23.06
N LEU C 463 15.93 19.10 -22.66
CA LEU C 463 15.65 20.11 -23.66
C LEU C 463 16.93 20.67 -24.27
N ARG C 464 18.04 20.64 -23.53
CA ARG C 464 19.28 21.14 -24.10
C ARG C 464 20.06 20.05 -24.83
N LYS C 465 19.80 18.78 -24.52
CA LYS C 465 20.37 17.71 -25.32
C LYS C 465 19.82 17.75 -26.74
N GLU C 466 18.53 18.05 -26.87
CA GLU C 466 18.00 18.48 -28.15
C GLU C 466 18.56 19.85 -28.47
N GLY C 467 18.85 20.09 -29.75
CA GLY C 467 19.38 21.39 -30.10
C GLY C 467 18.26 22.41 -30.12
N GLY C 468 18.19 23.24 -29.09
CA GLY C 468 17.03 24.07 -28.89
C GLY C 468 17.36 25.54 -28.72
N PRO C 469 16.36 26.39 -28.90
CA PRO C 469 16.58 27.83 -28.68
C PRO C 469 16.59 28.14 -27.20
N LYS C 470 17.43 29.12 -26.83
CA LYS C 470 17.53 29.46 -25.42
C LYS C 470 16.33 30.29 -24.99
N PHE C 471 16.18 31.47 -25.55
CA PHE C 471 15.04 32.33 -25.29
C PHE C 471 14.02 32.14 -26.40
N VAL C 472 12.89 31.50 -26.08
CA VAL C 472 11.81 31.40 -27.06
C VAL C 472 11.11 32.75 -27.21
N ASN C 473 10.60 33.32 -26.13
CA ASN C 473 10.19 34.72 -26.09
C ASN C 473 10.99 35.48 -25.05
N GLY C 474 10.98 35.02 -23.80
CA GLY C 474 11.89 35.52 -22.78
C GLY C 474 12.28 34.43 -21.81
N VAL C 475 11.76 33.22 -22.03
CA VAL C 475 11.93 32.13 -21.08
C VAL C 475 13.29 31.48 -21.32
N GLN C 476 13.96 31.05 -20.26
CA GLN C 476 15.34 30.59 -20.39
C GLN C 476 15.42 29.19 -20.99
N GLN C 477 14.42 28.34 -20.70
CA GLN C 477 14.08 27.09 -21.38
C GLN C 477 15.05 25.93 -21.17
N TYR C 478 16.23 26.19 -20.63
CA TYR C 478 17.17 25.20 -20.10
C TYR C 478 18.26 25.98 -19.37
N ILE C 479 19.30 25.28 -18.93
CA ILE C 479 20.32 26.00 -18.17
C ILE C 479 21.63 26.07 -18.93
N SER C 480 22.37 24.96 -19.01
CA SER C 480 23.75 24.94 -19.49
C SER C 480 24.27 23.51 -19.37
N ILE C 481 25.46 23.28 -19.91
CA ILE C 481 26.24 22.14 -19.45
C ILE C 481 26.72 22.37 -18.03
N ARG C 482 27.14 23.61 -17.75
CA ARG C 482 27.84 23.90 -16.51
C ARG C 482 26.92 23.83 -15.31
N SER C 483 25.88 24.64 -15.29
CA SER C 483 25.12 24.78 -14.05
C SER C 483 24.07 23.70 -13.90
N GLU C 484 23.98 22.78 -14.84
CA GLU C 484 23.24 21.55 -14.58
C GLU C 484 24.08 20.55 -13.81
N ILE C 485 25.40 20.75 -13.79
CA ILE C 485 26.24 20.00 -12.87
C ILE C 485 26.07 20.53 -11.46
N ILE C 486 25.99 21.86 -11.31
CA ILE C 486 25.80 22.45 -10.00
C ILE C 486 24.42 22.15 -9.47
N ALA C 487 23.41 22.27 -10.33
CA ALA C 487 22.04 22.02 -9.88
C ALA C 487 21.80 20.54 -9.64
N THR C 488 22.67 19.68 -10.16
CA THR C 488 22.64 18.28 -9.75
C THR C 488 23.08 18.16 -8.30
N TYR C 489 24.04 18.96 -7.87
CA TYR C 489 24.58 18.79 -6.53
C TYR C 489 23.77 19.57 -5.51
N ALA C 490 23.09 20.63 -5.96
CA ALA C 490 22.32 21.44 -5.05
C ALA C 490 21.04 20.75 -4.64
N LEU C 491 20.66 19.69 -5.34
CA LEU C 491 19.44 18.97 -5.04
C LEU C 491 19.69 17.60 -4.43
N CYS C 492 20.93 17.10 -4.44
CA CYS C 492 21.21 15.77 -3.94
C CYS C 492 21.12 15.80 -2.42
N GLY C 493 19.87 15.75 -1.95
CA GLY C 493 19.58 15.78 -0.53
C GLY C 493 18.09 15.67 -0.30
N PHE C 494 17.72 15.08 0.83
CA PHE C 494 16.34 14.97 1.23
C PHE C 494 15.87 16.14 2.06
N ALA C 495 16.47 17.32 1.87
CA ALA C 495 16.28 18.43 2.78
C ALA C 495 15.12 19.32 2.38
N ASN C 496 13.96 18.73 2.11
CA ASN C 496 12.75 19.53 2.04
C ASN C 496 12.22 19.80 3.43
N ILE C 497 11.29 20.75 3.52
CA ILE C 497 10.65 21.00 4.79
C ILE C 497 9.56 19.97 5.06
N GLY C 498 9.28 19.11 4.07
CA GLY C 498 8.33 18.04 4.29
C GLY C 498 8.92 16.88 5.05
N SER C 499 10.21 16.59 4.85
CA SER C 499 10.79 15.42 5.51
C SER C 499 11.13 15.70 6.96
N LEU C 500 10.94 16.94 7.41
CA LEU C 500 11.09 17.23 8.83
C LEU C 500 10.01 16.52 9.63
N GLY C 501 8.87 16.22 9.02
CA GLY C 501 7.86 15.44 9.71
C GLY C 501 8.16 13.96 9.73
N ILE C 502 8.86 13.47 8.71
CA ILE C 502 9.16 12.04 8.67
C ILE C 502 10.36 11.72 9.54
N VAL C 503 11.36 12.61 9.55
CA VAL C 503 12.59 12.33 10.28
C VAL C 503 12.39 12.48 11.77
N ILE C 504 11.54 13.43 12.19
CA ILE C 504 11.15 13.50 13.60
C ILE C 504 10.41 12.23 14.01
N GLY C 505 9.42 11.82 13.23
CA GLY C 505 8.71 10.59 13.54
C GLY C 505 9.56 9.35 13.34
N GLY C 506 10.54 9.44 12.43
CA GLY C 506 11.44 8.31 12.22
C GLY C 506 12.44 8.14 13.35
N LEU C 507 12.85 9.25 13.97
CA LEU C 507 13.80 9.17 15.07
C LEU C 507 13.09 8.93 16.39
N THR C 508 11.88 9.47 16.55
CA THR C 508 11.11 9.23 17.77
C THR C 508 10.66 7.78 17.85
N SER C 509 10.46 7.13 16.71
CA SER C 509 10.15 5.71 16.71
C SER C 509 11.35 4.86 17.10
N MET C 510 12.55 5.44 17.03
CA MET C 510 13.75 4.71 17.42
C MET C 510 14.17 5.05 18.85
N ALA C 511 14.36 6.33 19.16
CA ALA C 511 14.73 6.77 20.50
C ALA C 511 13.65 7.72 21.01
N PRO C 512 12.56 7.18 21.57
CA PRO C 512 11.48 8.04 22.04
C PRO C 512 11.80 8.80 23.32
N SER C 513 12.89 8.46 24.00
CA SER C 513 13.30 9.15 25.21
C SER C 513 14.00 10.48 24.92
N ARG C 514 14.17 10.84 23.66
CA ARG C 514 14.86 12.07 23.29
C ARG C 514 14.01 12.93 22.35
N LYS C 515 12.68 12.81 22.47
CA LYS C 515 11.76 13.51 21.57
C LYS C 515 11.89 15.01 21.66
N ARG C 516 12.22 15.53 22.85
CA ARG C 516 12.49 16.95 23.00
C ARG C 516 13.76 17.34 22.27
N ASP C 517 14.75 16.45 22.25
CA ASP C 517 16.03 16.76 21.60
C ASP C 517 15.91 16.66 20.09
N ILE C 518 15.12 15.71 19.62
CA ILE C 518 14.97 15.49 18.17
C ILE C 518 14.17 16.62 17.54
N ALA C 519 13.07 17.01 18.18
CA ALA C 519 12.19 18.02 17.60
C ALA C 519 12.83 19.41 17.65
N SER C 520 13.71 19.64 18.61
CA SER C 520 14.34 20.96 18.71
C SER C 520 15.49 21.09 17.72
N GLY C 521 16.00 19.96 17.22
CA GLY C 521 17.16 20.02 16.34
C GLY C 521 16.81 19.87 14.87
N ALA C 522 15.53 19.56 14.58
CA ALA C 522 15.14 19.27 13.20
C ALA C 522 15.12 20.53 12.35
N VAL C 523 14.64 21.64 12.90
CA VAL C 523 14.63 22.90 12.18
C VAL C 523 16.05 23.37 11.95
N ARG C 524 16.94 23.10 12.91
CA ARG C 524 18.35 23.41 12.72
C ARG C 524 19.00 22.44 11.75
N ALA C 525 18.36 21.29 11.50
CA ALA C 525 18.98 20.27 10.65
C ALA C 525 18.74 20.53 9.18
N LEU C 526 17.59 21.14 8.84
CA LEU C 526 17.32 21.42 7.43
C LEU C 526 18.28 22.46 6.88
N ILE C 527 18.44 23.57 7.59
CA ILE C 527 19.32 24.63 7.14
C ILE C 527 20.76 24.14 7.11
N ALA C 528 21.15 23.33 8.10
CA ALA C 528 22.46 22.70 8.04
C ALA C 528 22.50 21.62 6.97
N GLY C 529 21.35 21.05 6.62
CA GLY C 529 21.33 20.05 5.57
C GLY C 529 21.29 20.67 4.18
N THR C 530 20.53 21.74 4.02
CA THR C 530 20.41 22.39 2.72
C THR C 530 21.70 23.07 2.33
N VAL C 531 22.42 23.63 3.31
CA VAL C 531 23.72 24.22 3.04
C VAL C 531 24.75 23.14 2.75
N ALA C 532 24.63 21.98 3.40
CA ALA C 532 25.55 20.88 3.14
C ALA C 532 25.40 20.34 1.74
N CYS C 533 24.18 20.40 1.18
CA CYS C 533 24.03 20.15 -0.24
C CYS C 533 24.68 21.26 -1.05
N PHE C 534 24.61 22.49 -0.55
CA PHE C 534 25.10 23.63 -1.33
C PHE C 534 26.61 23.71 -1.27
N MET C 535 27.19 23.27 -0.17
CA MET C 535 28.64 23.26 -0.04
C MET C 535 29.27 22.26 -1.00
N THR C 536 28.54 21.19 -1.34
CA THR C 536 28.97 20.36 -2.45
C THR C 536 28.68 21.04 -3.77
N ALA C 537 27.62 21.86 -3.82
CA ALA C 537 27.20 22.43 -5.08
C ALA C 537 28.15 23.52 -5.54
N CYS C 538 28.76 24.24 -4.60
CA CYS C 538 29.70 25.26 -4.99
C CYS C 538 31.06 24.67 -5.36
N ILE C 539 31.33 23.43 -4.92
CA ILE C 539 32.62 22.80 -5.26
C ILE C 539 32.65 22.39 -6.72
N ALA C 540 31.51 21.95 -7.26
CA ALA C 540 31.39 21.85 -8.71
C ALA C 540 31.49 23.20 -9.37
N GLY C 541 30.99 24.25 -8.72
CA GLY C 541 31.16 25.58 -9.25
C GLY C 541 32.59 26.03 -9.25
N ILE C 542 33.39 25.54 -8.30
CA ILE C 542 34.82 25.79 -8.36
C ILE C 542 35.46 24.93 -9.45
N LEU C 543 34.91 23.75 -9.70
CA LEU C 543 35.52 22.76 -10.58
C LEU C 543 34.71 22.52 -11.84
N SER C 544 34.25 23.60 -12.48
CA SER C 544 33.26 23.48 -13.56
C SER C 544 33.91 23.34 -14.93
N SER C 545 34.70 24.33 -15.33
CA SER C 545 35.11 24.62 -16.72
C SER C 545 33.90 24.71 -17.64
#